data_4MG4
#
_entry.id   4MG4
#
_cell.length_a   218.600
_cell.length_b   91.180
_cell.length_c   110.010
_cell.angle_alpha   90.00
_cell.angle_beta   91.53
_cell.angle_gamma   90.00
#
_symmetry.space_group_name_H-M   'C 1 2 1'
#
loop_
_entity.id
_entity.type
_entity.pdbx_description
1 polymer Phosphonomutase
2 non-polymer 'CHLORIDE ION'
3 non-polymer 1,2-ETHANEDIOL
4 water water
#
_entity_poly.entity_id   1
_entity_poly.type   'polypeptide(L)'
_entity_poly.pdbx_seq_one_letter_code
;MAHHHHHHMGNNEKGAIFRSLHRAGQPLALFNVWDAGSARVVADAGAVALATGSWSVAAANGFVDGEQMPRALMMEVLER
IVRATDLPVTVDLESGYGERPEDVAETIAMSIRAGAIGCNLEDSFPSTGELRDVDEAAARIAAARQAADRAGVDYFINAR
TDVFFKAATETHDERLLDATLARARAYAAAGADGLFVPGLRSPALIRALTAASPLPVNVMRVAETPTLAELAEYGVARIS
HGPYPYLQAMKTLAALVKQGG
;
_entity_poly.pdbx_strand_id   A,B,C,D,E,F,G,H
#
# COMPACT_ATOMS: atom_id res chain seq x y z
N GLY A 10 4.91 -13.30 36.18
CA GLY A 10 4.25 -11.96 36.24
C GLY A 10 2.79 -12.12 35.85
N ASN A 11 2.07 -11.02 35.82
CA ASN A 11 0.64 -11.12 35.64
C ASN A 11 0.28 -11.51 34.22
N ASN A 12 1.06 -11.11 33.23
CA ASN A 12 0.70 -11.58 31.88
C ASN A 12 0.82 -13.08 31.66
N GLU A 13 1.87 -13.68 32.24
CA GLU A 13 2.01 -15.13 32.22
C GLU A 13 0.84 -15.79 32.97
N LYS A 14 0.44 -15.25 34.13
CA LYS A 14 -0.71 -15.82 34.88
C LYS A 14 -1.99 -15.70 34.03
N GLY A 15 -2.14 -14.56 33.38
CA GLY A 15 -3.25 -14.30 32.46
C GLY A 15 -3.26 -15.29 31.29
N ALA A 16 -2.09 -15.53 30.70
CA ALA A 16 -1.97 -16.49 29.59
C ALA A 16 -2.35 -17.91 30.05
N ILE A 17 -1.88 -18.31 31.24
CA ILE A 17 -2.19 -19.63 31.79
C ILE A 17 -3.72 -19.74 31.95
N PHE A 18 -4.31 -18.75 32.61
CA PHE A 18 -5.76 -18.75 32.83
C PHE A 18 -6.55 -18.86 31.52
N ARG A 19 -6.20 -18.06 30.54
CA ARG A 19 -6.86 -18.13 29.22
C ARG A 19 -6.76 -19.53 28.60
N SER A 20 -5.56 -20.11 28.66
CA SER A 20 -5.28 -21.43 28.08
C SER A 20 -6.07 -22.59 28.68
N LEU A 21 -6.54 -22.38 29.89
CA LEU A 21 -7.32 -23.40 30.59
C LEU A 21 -8.79 -23.47 30.18
N HIS A 22 -9.23 -22.49 29.40
CA HIS A 22 -10.59 -22.54 28.86
C HIS A 22 -10.62 -23.38 27.62
N ARG A 23 -10.95 -24.64 27.79
CA ARG A 23 -10.87 -25.64 26.73
C ARG A 23 -12.20 -26.40 26.66
N ALA A 24 -12.94 -26.18 25.59
CA ALA A 24 -14.21 -26.88 25.35
C ALA A 24 -13.94 -28.37 25.46
N GLY A 25 -14.68 -29.05 26.32
CA GLY A 25 -14.52 -30.51 26.49
C GLY A 25 -13.50 -30.94 27.51
N GLN A 26 -12.69 -29.99 28.01
CA GLN A 26 -11.71 -30.25 29.05
C GLN A 26 -11.78 -29.03 29.99
N PRO A 27 -12.92 -28.86 30.67
CA PRO A 27 -13.20 -27.52 31.25
C PRO A 27 -12.38 -27.19 32.49
N LEU A 28 -12.13 -25.90 32.63
CA LEU A 28 -11.61 -25.35 33.82
C LEU A 28 -12.67 -25.41 34.90
N ALA A 29 -12.33 -26.02 36.04
CA ALA A 29 -13.24 -26.04 37.17
C ALA A 29 -12.69 -25.10 38.26
N LEU A 30 -13.55 -24.20 38.70
CA LEU A 30 -13.17 -23.14 39.66
C LEU A 30 -14.01 -23.25 40.89
N PHE A 31 -13.37 -23.02 42.04
CA PHE A 31 -14.04 -22.94 43.34
C PHE A 31 -13.78 -21.53 43.85
N ASN A 32 -14.86 -20.90 44.31
CA ASN A 32 -14.79 -19.52 44.73
C ASN A 32 -14.24 -19.44 46.16
N VAL A 33 -13.18 -18.66 46.32
CA VAL A 33 -12.55 -18.40 47.63
C VAL A 33 -12.94 -16.97 48.03
N TRP A 34 -12.76 -16.67 49.30
CA TRP A 34 -13.28 -15.45 49.91
C TRP A 34 -12.29 -14.75 50.86
N ASP A 35 -11.10 -15.30 51.04
CA ASP A 35 -10.06 -14.70 51.87
C ASP A 35 -8.76 -15.45 51.63
N ALA A 36 -7.70 -14.95 52.20
CA ALA A 36 -6.41 -15.54 51.89
C ALA A 36 -6.27 -16.97 52.43
N GLY A 37 -6.89 -17.27 53.58
CA GLY A 37 -6.82 -18.62 54.13
C GLY A 37 -7.47 -19.63 53.20
N SER A 38 -8.67 -19.29 52.71
CA SER A 38 -9.42 -20.17 51.82
C SER A 38 -8.70 -20.31 50.47
N ALA A 39 -8.08 -19.24 50.02
CA ALA A 39 -7.26 -19.28 48.80
C ALA A 39 -6.13 -20.29 48.91
N ARG A 40 -5.39 -20.19 50.01
CA ARG A 40 -4.30 -21.12 50.29
C ARG A 40 -4.75 -22.57 50.37
N VAL A 41 -5.85 -22.81 51.07
CA VAL A 41 -6.42 -24.18 51.15
C VAL A 41 -6.81 -24.75 49.79
N VAL A 42 -7.46 -23.93 48.97
CA VAL A 42 -7.87 -24.38 47.64
C VAL A 42 -6.65 -24.64 46.73
N ALA A 43 -5.67 -23.73 46.76
CA ALA A 43 -4.42 -23.94 45.98
C ALA A 43 -3.69 -25.21 46.47
N ASP A 44 -3.60 -25.40 47.78
CA ASP A 44 -2.93 -26.61 48.28
C ASP A 44 -3.64 -27.90 47.93
N ALA A 45 -4.94 -27.84 47.72
CA ALA A 45 -5.75 -28.99 47.31
C ALA A 45 -5.68 -29.31 45.80
N GLY A 46 -4.92 -28.51 45.06
CA GLY A 46 -4.55 -28.81 43.67
C GLY A 46 -5.24 -27.98 42.62
N ALA A 47 -5.89 -26.90 43.03
CA ALA A 47 -6.54 -26.07 42.02
C ALA A 47 -5.53 -25.49 41.07
N VAL A 48 -6.00 -25.22 39.84
CA VAL A 48 -5.12 -24.65 38.83
C VAL A 48 -5.29 -23.12 38.64
N ALA A 49 -6.37 -22.62 39.21
CA ALA A 49 -6.63 -21.20 39.25
C ALA A 49 -7.61 -20.98 40.39
N LEU A 50 -7.74 -19.73 40.83
CA LEU A 50 -8.73 -19.33 41.84
C LEU A 50 -9.72 -18.28 41.29
N ALA A 51 -10.94 -18.32 41.82
CA ALA A 51 -11.92 -17.31 41.55
C ALA A 51 -12.40 -16.73 42.86
N THR A 52 -12.79 -15.47 42.87
CA THR A 52 -13.60 -15.00 43.96
C THR A 52 -15.05 -15.08 43.55
N GLY A 53 -15.92 -15.18 44.54
CA GLY A 53 -17.34 -15.10 44.28
C GLY A 53 -17.88 -13.95 45.12
N SER A 54 -18.73 -13.14 44.53
CA SER A 54 -19.21 -11.96 45.22
C SER A 54 -20.06 -12.36 46.41
N TRP A 55 -20.88 -13.41 46.27
CA TRP A 55 -21.78 -13.79 47.37
C TRP A 55 -20.99 -14.23 48.60
N SER A 56 -20.04 -15.13 48.37
CA SER A 56 -19.12 -15.64 49.40
C SER A 56 -18.31 -14.56 50.11
N VAL A 57 -17.71 -13.65 49.34
CA VAL A 57 -16.97 -12.55 49.89
C VAL A 57 -17.86 -11.64 50.73
N ALA A 58 -19.06 -11.34 50.24
CA ALA A 58 -19.98 -10.51 51.00
C ALA A 58 -20.40 -11.19 52.29
N ALA A 59 -20.77 -12.45 52.22
CA ALA A 59 -21.17 -13.21 53.40
C ALA A 59 -20.08 -13.26 54.48
N ALA A 60 -18.86 -13.58 54.03
CA ALA A 60 -17.70 -13.66 54.93
C ALA A 60 -17.45 -12.34 55.68
N ASN A 61 -17.77 -11.24 55.00
CA ASN A 61 -17.53 -9.89 55.51
C ASN A 61 -18.78 -9.25 56.13
N GLY A 62 -19.85 -10.02 56.27
CA GLY A 62 -21.05 -9.55 56.95
C GLY A 62 -21.97 -8.64 56.16
N PHE A 63 -21.86 -8.67 54.83
CA PHE A 63 -22.76 -7.95 53.89
C PHE A 63 -23.73 -8.88 53.16
N VAL A 64 -24.78 -8.27 52.59
CA VAL A 64 -25.75 -8.96 51.68
C VAL A 64 -25.26 -9.00 50.22
N GLU A 67 -23.57 -5.65 45.23
CA GLU A 67 -22.63 -4.54 45.32
C GLU A 67 -23.00 -3.65 46.52
N GLN A 68 -23.36 -4.29 47.63
CA GLN A 68 -23.53 -3.55 48.85
C GLN A 68 -22.19 -3.44 49.56
N MET A 69 -21.25 -4.37 49.35
CA MET A 69 -19.89 -4.20 49.87
C MET A 69 -19.19 -3.11 49.07
N PRO A 70 -18.55 -2.13 49.72
CA PRO A 70 -17.86 -1.11 48.94
C PRO A 70 -16.77 -1.71 48.05
N ARG A 71 -16.61 -1.14 46.87
CA ARG A 71 -15.62 -1.62 45.92
C ARG A 71 -14.22 -1.70 46.56
N ALA A 72 -13.85 -0.68 47.32
CA ALA A 72 -12.49 -0.64 47.90
C ALA A 72 -12.22 -1.79 48.87
N LEU A 73 -13.23 -2.15 49.63
CA LEU A 73 -13.16 -3.30 50.51
C LEU A 73 -13.05 -4.59 49.69
N MET A 74 -13.81 -4.76 48.59
CA MET A 74 -13.63 -5.92 47.68
C MET A 74 -12.21 -5.96 47.14
N MET A 75 -11.67 -4.78 46.77
CA MET A 75 -10.33 -4.78 46.20
C MET A 75 -9.30 -5.16 47.24
N GLU A 76 -9.52 -4.78 48.50
CA GLU A 76 -8.59 -5.13 49.55
C GLU A 76 -8.58 -6.63 49.75
N VAL A 77 -9.79 -7.22 49.76
CA VAL A 77 -9.94 -8.66 49.87
C VAL A 77 -9.23 -9.36 48.72
N LEU A 78 -9.49 -8.89 47.50
CA LEU A 78 -8.81 -9.37 46.30
C LEU A 78 -7.30 -9.36 46.41
N GLU A 79 -6.72 -8.26 46.85
CA GLU A 79 -5.25 -8.18 46.99
C GLU A 79 -4.74 -9.24 47.94
N ARG A 80 -5.43 -9.44 49.07
CA ARG A 80 -4.96 -10.47 50.05
C ARG A 80 -5.03 -11.85 49.45
N ILE A 81 -6.07 -12.11 48.66
CA ILE A 81 -6.21 -13.37 47.94
C ILE A 81 -5.10 -13.55 46.92
N VAL A 82 -4.85 -12.51 46.14
CA VAL A 82 -3.84 -12.57 45.09
C VAL A 82 -2.47 -12.87 45.68
N ARG A 83 -2.10 -12.22 46.75
CA ARG A 83 -0.78 -12.42 47.28
C ARG A 83 -0.59 -13.74 48.06
N ALA A 84 -1.67 -14.44 48.37
CA ALA A 84 -1.62 -15.68 49.12
C ALA A 84 -1.12 -16.86 48.34
N THR A 85 -1.24 -16.81 47.01
CA THR A 85 -0.79 -17.95 46.20
C THR A 85 -0.22 -17.42 44.88
N ASP A 86 0.46 -18.34 44.16
CA ASP A 86 1.03 -18.06 42.86
C ASP A 86 0.06 -18.38 41.69
N LEU A 87 -1.15 -18.79 42.01
CA LEU A 87 -2.12 -19.11 40.98
C LEU A 87 -2.74 -17.88 40.33
N PRO A 88 -3.15 -18.00 39.07
CA PRO A 88 -3.98 -16.95 38.49
C PRO A 88 -5.31 -16.80 39.23
N VAL A 89 -5.71 -15.54 39.45
CA VAL A 89 -6.93 -15.24 40.21
C VAL A 89 -7.85 -14.42 39.32
N THR A 90 -9.11 -14.85 39.22
CA THR A 90 -10.16 -14.07 38.55
C THR A 90 -11.13 -13.55 39.60
N VAL A 91 -11.69 -12.37 39.35
CA VAL A 91 -12.53 -11.72 40.34
C VAL A 91 -13.94 -11.49 39.83
N ASP A 92 -14.91 -11.81 40.67
CA ASP A 92 -16.31 -11.49 40.40
C ASP A 92 -16.57 -10.03 40.68
N LEU A 93 -16.77 -9.26 39.64
CA LEU A 93 -17.07 -7.80 39.78
C LEU A 93 -18.56 -7.47 39.69
N GLU A 94 -19.41 -8.49 39.72
CA GLU A 94 -20.86 -8.31 39.65
C GLU A 94 -21.18 -7.49 38.41
N SER A 95 -21.98 -6.40 38.49
CA SER A 95 -22.32 -5.59 37.32
C SER A 95 -21.22 -4.57 36.97
N GLY A 96 -20.13 -4.51 37.75
CA GLY A 96 -18.99 -3.69 37.45
C GLY A 96 -18.80 -2.47 38.32
N TYR A 97 -19.58 -2.32 39.39
CA TYR A 97 -19.43 -1.21 40.35
C TYR A 97 -19.30 0.11 39.63
N GLY A 98 -20.24 0.43 38.77
CA GLY A 98 -20.15 1.68 38.02
C GLY A 98 -21.47 2.06 37.35
N GLU A 99 -21.84 3.33 37.42
CA GLU A 99 -23.07 3.77 36.76
C GLU A 99 -22.99 3.73 35.24
N ARG A 100 -21.89 4.26 34.71
CA ARG A 100 -21.67 4.43 33.28
C ARG A 100 -20.48 3.50 32.84
N PRO A 101 -20.31 3.28 31.53
CA PRO A 101 -19.18 2.50 31.06
C PRO A 101 -17.81 2.96 31.56
N GLU A 102 -17.56 4.28 31.56
CA GLU A 102 -16.32 4.77 32.08
C GLU A 102 -16.09 4.38 33.55
N ASP A 103 -17.16 4.20 34.33
CA ASP A 103 -17.06 3.80 35.72
C ASP A 103 -16.69 2.33 35.86
N VAL A 104 -17.28 1.52 34.98
CA VAL A 104 -16.92 0.11 34.92
C VAL A 104 -15.45 -0.02 34.46
N ALA A 105 -15.00 0.80 33.54
CA ALA A 105 -13.58 0.74 33.12
C ALA A 105 -12.66 0.96 34.30
N GLU A 106 -12.99 1.94 35.16
CA GLU A 106 -12.20 2.21 36.37
C GLU A 106 -12.17 0.96 37.28
N THR A 107 -13.30 0.34 37.46
CA THR A 107 -13.38 -0.88 38.26
C THR A 107 -12.44 -1.97 37.74
N ILE A 108 -12.50 -2.24 36.42
CA ILE A 108 -11.64 -3.23 35.83
C ILE A 108 -10.17 -2.84 35.99
N ALA A 109 -9.87 -1.58 35.76
CA ALA A 109 -8.50 -1.10 35.93
C ALA A 109 -8.05 -1.29 37.34
N MET A 110 -8.90 -1.05 38.31
N MET A 110 -8.90 -1.05 38.31
CA MET A 110 -8.55 -1.31 39.70
CA MET A 110 -8.53 -1.35 39.70
C MET A 110 -8.33 -2.80 39.99
C MET A 110 -8.28 -2.83 39.95
N SER A 111 -9.11 -3.68 39.37
CA SER A 111 -8.94 -5.12 39.56
C SER A 111 -7.58 -5.55 39.08
N ILE A 112 -7.10 -4.95 37.99
CA ILE A 112 -5.82 -5.27 37.40
C ILE A 112 -4.69 -4.80 38.33
N ARG A 113 -4.85 -3.58 38.84
CA ARG A 113 -3.91 -3.02 39.84
C ARG A 113 -3.83 -3.90 41.09
N ALA A 114 -4.96 -4.51 41.48
CA ALA A 114 -5.06 -5.44 42.61
C ALA A 114 -4.47 -6.84 42.31
N GLY A 115 -4.19 -7.13 41.04
CA GLY A 115 -3.48 -8.31 40.60
C GLY A 115 -4.35 -9.41 40.03
N ALA A 116 -5.64 -9.12 39.84
CA ALA A 116 -6.50 -10.07 39.11
C ALA A 116 -6.10 -10.15 37.65
N ILE A 117 -6.33 -11.33 37.01
CA ILE A 117 -6.06 -11.51 35.58
C ILE A 117 -7.33 -11.81 34.76
N GLY A 118 -8.47 -11.66 35.41
CA GLY A 118 -9.73 -11.69 34.71
C GLY A 118 -10.87 -11.35 35.64
N CYS A 119 -12.08 -11.33 35.10
CA CYS A 119 -13.26 -11.00 35.87
C CYS A 119 -14.49 -11.70 35.36
N ASN A 120 -15.52 -11.72 36.21
CA ASN A 120 -16.89 -11.91 35.75
C ASN A 120 -17.57 -10.54 35.78
N LEU A 121 -18.26 -10.22 34.68
CA LEU A 121 -18.99 -8.94 34.56
C LEU A 121 -20.38 -9.28 34.06
N GLU A 122 -21.38 -8.91 34.84
CA GLU A 122 -22.75 -9.34 34.69
C GLU A 122 -23.64 -8.25 34.08
N ASP A 123 -24.66 -8.67 33.34
CA ASP A 123 -25.48 -7.79 32.53
C ASP A 123 -26.83 -7.39 33.16
N SER A 124 -26.90 -7.43 34.48
CA SER A 124 -28.11 -7.08 35.19
C SER A 124 -27.88 -5.81 35.99
N PHE A 125 -29.00 -5.12 36.21
CA PHE A 125 -29.02 -3.94 37.11
C PHE A 125 -29.04 -4.39 38.56
N PRO A 126 -28.13 -3.86 39.36
CA PRO A 126 -28.26 -4.17 40.78
C PRO A 126 -29.53 -3.55 41.40
N SER A 127 -30.07 -2.45 40.83
CA SER A 127 -31.34 -1.83 41.36
C SER A 127 -32.62 -2.70 41.26
N THR A 128 -32.82 -3.39 40.15
CA THR A 128 -34.07 -4.14 39.94
C THR A 128 -33.82 -5.63 39.72
N GLY A 129 -32.58 -6.02 39.42
CA GLY A 129 -32.27 -7.41 38.99
C GLY A 129 -32.64 -7.70 37.55
N GLU A 130 -33.15 -6.70 36.83
CA GLU A 130 -33.58 -6.87 35.49
C GLU A 130 -32.35 -6.82 34.58
N LEU A 131 -32.49 -7.34 33.38
CA LEU A 131 -31.43 -7.25 32.39
C LEU A 131 -31.25 -5.87 31.84
N ARG A 132 -30.01 -5.45 31.69
CA ARG A 132 -29.69 -4.28 30.85
C ARG A 132 -29.96 -4.58 29.35
N ASP A 133 -30.37 -3.55 28.59
CA ASP A 133 -30.41 -3.61 27.14
C ASP A 133 -29.07 -4.19 26.64
N VAL A 134 -29.17 -5.05 25.63
CA VAL A 134 -27.99 -5.73 25.04
C VAL A 134 -26.85 -4.77 24.75
N ASP A 135 -27.15 -3.63 24.14
CA ASP A 135 -26.06 -2.73 23.77
C ASP A 135 -25.55 -1.89 24.94
N GLU A 136 -26.38 -1.65 25.95
CA GLU A 136 -25.90 -1.01 27.19
C GLU A 136 -24.94 -1.95 27.91
N ALA A 137 -25.30 -3.21 27.96
CA ALA A 137 -24.45 -4.25 28.57
C ALA A 137 -23.14 -4.39 27.79
N ALA A 138 -23.23 -4.40 26.48
CA ALA A 138 -22.05 -4.51 25.62
C ALA A 138 -21.13 -3.31 25.75
N ALA A 139 -21.70 -2.12 25.96
CA ALA A 139 -20.88 -0.95 26.13
C ALA A 139 -20.01 -1.00 27.41
N ARG A 140 -20.57 -1.62 28.45
CA ARG A 140 -19.81 -1.82 29.73
C ARG A 140 -18.67 -2.82 29.47
N ILE A 141 -18.95 -3.88 28.70
CA ILE A 141 -17.90 -4.85 28.34
C ILE A 141 -16.80 -4.16 27.53
N ALA A 142 -17.21 -3.34 26.58
CA ALA A 142 -16.23 -2.65 25.74
C ALA A 142 -15.35 -1.73 26.51
N ALA A 143 -15.93 -1.01 27.47
CA ALA A 143 -15.12 -0.12 28.35
C ALA A 143 -14.10 -0.94 29.19
N ALA A 144 -14.54 -2.09 29.67
CA ALA A 144 -13.69 -3.01 30.41
C ALA A 144 -12.52 -3.51 29.52
N ARG A 145 -12.79 -3.88 28.30
CA ARG A 145 -11.79 -4.40 27.36
C ARG A 145 -10.77 -3.31 27.10
N GLN A 146 -11.29 -2.10 26.91
CA GLN A 146 -10.39 -0.99 26.65
C GLN A 146 -9.47 -0.71 27.83
N ALA A 147 -9.99 -0.76 29.06
CA ALA A 147 -9.21 -0.58 30.23
C ALA A 147 -8.12 -1.65 30.34
N ALA A 148 -8.50 -2.91 30.10
CA ALA A 148 -7.49 -3.97 30.13
C ALA A 148 -6.43 -3.81 29.03
N ASP A 149 -6.87 -3.41 27.85
CA ASP A 149 -5.97 -3.25 26.70
C ASP A 149 -4.99 -2.10 26.97
N ARG A 150 -5.50 -1.02 27.56
CA ARG A 150 -4.60 0.11 27.95
C ARG A 150 -3.56 -0.27 29.01
N ALA A 151 -3.92 -1.15 29.94
CA ALA A 151 -3.00 -1.71 30.92
C ALA A 151 -1.93 -2.65 30.31
N GLY A 152 -2.12 -3.08 29.08
CA GLY A 152 -1.18 -3.97 28.40
C GLY A 152 -1.16 -5.34 29.01
N VAL A 153 -2.30 -5.76 29.59
CA VAL A 153 -2.32 -7.05 30.25
C VAL A 153 -3.19 -8.07 29.50
N ASP A 154 -2.84 -9.34 29.70
CA ASP A 154 -3.62 -10.51 29.17
C ASP A 154 -4.69 -10.79 30.24
N TYR A 155 -5.91 -10.38 29.95
CA TYR A 155 -6.99 -10.31 30.96
C TYR A 155 -8.26 -10.86 30.40
N PHE A 156 -8.86 -11.78 31.13
CA PHE A 156 -10.01 -12.56 30.63
C PHE A 156 -11.32 -11.97 31.19
N ILE A 157 -12.13 -11.41 30.28
CA ILE A 157 -13.46 -10.89 30.63
C ILE A 157 -14.48 -11.97 30.37
N ASN A 158 -15.00 -12.52 31.45
CA ASN A 158 -16.03 -13.58 31.37
C ASN A 158 -17.37 -12.83 31.53
N ALA A 159 -18.12 -12.68 30.43
CA ALA A 159 -19.37 -11.92 30.42
C ALA A 159 -20.48 -12.82 30.87
N ARG A 160 -21.06 -12.51 32.03
CA ARG A 160 -22.16 -13.23 32.60
C ARG A 160 -23.46 -12.65 32.08
N THR A 161 -24.31 -13.52 31.57
CA THR A 161 -25.66 -13.11 31.17
C THR A 161 -26.67 -13.77 32.07
N ASP A 162 -27.63 -12.99 32.55
CA ASP A 162 -28.66 -13.52 33.44
C ASP A 162 -29.95 -13.97 32.77
N VAL A 163 -29.95 -14.15 31.45
CA VAL A 163 -31.18 -14.55 30.74
C VAL A 163 -31.82 -15.76 31.39
N PHE A 164 -31.03 -16.80 31.64
CA PHE A 164 -31.62 -18.04 32.19
C PHE A 164 -31.76 -17.93 33.68
N PHE A 165 -30.84 -17.21 34.32
CA PHE A 165 -30.70 -17.13 35.75
C PHE A 165 -31.97 -16.50 36.37
N LYS A 166 -32.55 -15.54 35.65
CA LYS A 166 -33.72 -14.78 36.13
C LYS A 166 -35.05 -15.46 35.73
N ALA A 167 -35.00 -16.52 34.92
CA ALA A 167 -36.18 -17.24 34.42
C ALA A 167 -36.40 -18.59 35.12
N ALA A 168 -37.66 -18.90 35.46
CA ALA A 168 -38.01 -20.20 36.02
C ALA A 168 -37.65 -21.29 35.06
N THR A 169 -37.15 -22.39 35.61
CA THR A 169 -36.63 -23.48 34.83
C THR A 169 -37.63 -23.97 33.79
N GLU A 170 -38.89 -23.99 34.17
CA GLU A 170 -39.89 -24.52 33.27
C GLU A 170 -40.09 -23.69 31.99
N THR A 171 -39.53 -22.49 31.99
CA THR A 171 -39.59 -21.60 30.84
C THR A 171 -38.33 -21.61 29.98
N HIS A 172 -37.32 -22.37 30.37
CA HIS A 172 -36.09 -22.45 29.60
C HIS A 172 -36.33 -23.23 28.34
N ASP A 173 -36.16 -22.55 27.25
CA ASP A 173 -36.47 -23.08 25.94
C ASP A 173 -35.62 -22.42 24.88
N GLU A 174 -35.93 -22.73 23.62
CA GLU A 174 -35.14 -22.19 22.51
C GLU A 174 -35.20 -20.69 22.41
N ARG A 175 -36.36 -20.07 22.70
N ARG A 175 -36.36 -20.10 22.70
CA ARG A 175 -36.44 -18.57 22.71
CA ARG A 175 -36.48 -18.65 22.72
C ARG A 175 -35.44 -17.91 23.68
C ARG A 175 -35.38 -18.03 23.61
N LEU A 176 -35.32 -18.49 24.87
CA LEU A 176 -34.33 -18.00 25.83
C LEU A 176 -32.91 -18.30 25.40
N LEU A 177 -32.71 -19.45 24.77
CA LEU A 177 -31.38 -19.78 24.24
C LEU A 177 -31.02 -18.77 23.12
N ASP A 178 -31.99 -18.45 22.25
CA ASP A 178 -31.72 -17.53 21.18
C ASP A 178 -31.38 -16.15 21.74
N ALA A 179 -32.06 -15.72 22.78
CA ALA A 179 -31.77 -14.42 23.40
C ALA A 179 -30.38 -14.42 24.02
N THR A 180 -30.05 -15.55 24.63
CA THR A 180 -28.72 -15.75 25.22
C THR A 180 -27.64 -15.64 24.14
N LEU A 181 -27.82 -16.33 23.02
CA LEU A 181 -26.87 -16.28 21.91
C LEU A 181 -26.77 -14.87 21.27
N ALA A 182 -27.86 -14.14 21.16
CA ALA A 182 -27.80 -12.76 20.64
C ALA A 182 -26.96 -11.88 21.57
N ARG A 183 -27.14 -12.06 22.89
CA ARG A 183 -26.28 -11.35 23.86
C ARG A 183 -24.84 -11.77 23.71
N ALA A 184 -24.60 -13.08 23.59
CA ALA A 184 -23.24 -13.60 23.46
C ALA A 184 -22.52 -13.01 22.24
N ARG A 185 -23.22 -12.90 21.13
CA ARG A 185 -22.61 -12.30 19.94
C ARG A 185 -22.27 -10.82 20.16
N ALA A 186 -23.15 -10.08 20.78
CA ALA A 186 -22.90 -8.67 21.06
C ALA A 186 -21.72 -8.52 22.04
N TYR A 187 -21.74 -9.36 23.07
CA TYR A 187 -20.68 -9.29 24.08
C TYR A 187 -19.31 -9.70 23.53
N ALA A 188 -19.26 -10.73 22.69
CA ALA A 188 -18.04 -11.08 22.00
C ALA A 188 -17.51 -9.93 21.10
N ALA A 189 -18.40 -9.31 20.37
CA ALA A 189 -18.00 -8.22 19.50
C ALA A 189 -17.44 -7.05 20.29
N ALA A 190 -17.96 -6.82 21.49
CA ALA A 190 -17.51 -5.77 22.39
C ALA A 190 -16.20 -6.09 23.13
N GLY A 191 -15.76 -7.33 23.02
CA GLY A 191 -14.48 -7.75 23.57
C GLY A 191 -14.50 -8.75 24.72
N ALA A 192 -15.63 -9.37 25.01
CA ALA A 192 -15.62 -10.44 26.02
C ALA A 192 -14.82 -11.65 25.52
N ASP A 193 -14.22 -12.38 26.48
CA ASP A 193 -13.44 -13.56 26.19
C ASP A 193 -14.19 -14.86 26.49
N GLY A 194 -15.15 -14.82 27.39
CA GLY A 194 -15.92 -15.98 27.75
C GLY A 194 -17.36 -15.60 28.01
N LEU A 195 -18.24 -16.58 27.98
CA LEU A 195 -19.66 -16.37 28.27
C LEU A 195 -20.04 -17.25 29.45
N PHE A 196 -20.63 -16.68 30.48
CA PHE A 196 -21.11 -17.41 31.64
C PHE A 196 -22.67 -17.32 31.67
N VAL A 197 -23.33 -18.50 31.65
CA VAL A 197 -24.78 -18.61 31.62
C VAL A 197 -25.26 -19.41 32.87
N PRO A 198 -25.31 -18.76 34.03
CA PRO A 198 -25.84 -19.45 35.19
C PRO A 198 -27.31 -19.73 35.08
N GLY A 199 -27.76 -20.71 35.82
CA GLY A 199 -29.15 -21.05 35.79
C GLY A 199 -29.56 -21.98 34.69
N LEU A 200 -28.62 -22.39 33.87
CA LEU A 200 -28.86 -23.27 32.77
C LEU A 200 -28.34 -24.69 33.11
N ARG A 201 -29.26 -25.66 33.12
CA ARG A 201 -29.01 -27.08 33.45
C ARG A 201 -29.43 -28.08 32.36
N SER A 202 -30.19 -27.68 31.35
CA SER A 202 -30.71 -28.58 30.32
C SER A 202 -29.62 -29.06 29.41
N PRO A 203 -29.41 -30.37 29.33
CA PRO A 203 -28.39 -30.85 28.40
C PRO A 203 -28.59 -30.38 26.98
N ALA A 204 -29.82 -30.47 26.44
CA ALA A 204 -30.03 -30.11 25.06
C ALA A 204 -29.72 -28.64 24.83
N LEU A 205 -30.18 -27.79 25.77
CA LEU A 205 -29.87 -26.38 25.62
C LEU A 205 -28.37 -26.06 25.76
N ILE A 206 -27.70 -26.75 26.68
CA ILE A 206 -26.25 -26.53 26.88
C ILE A 206 -25.54 -26.94 25.59
N ARG A 207 -25.92 -28.09 24.99
CA ARG A 207 -25.30 -28.52 23.74
C ARG A 207 -25.47 -27.50 22.64
N ALA A 208 -26.69 -26.98 22.53
CA ALA A 208 -26.99 -25.98 21.51
C ALA A 208 -26.19 -24.70 21.69
N LEU A 209 -26.03 -24.34 22.97
CA LEU A 209 -25.23 -23.18 23.36
C LEU A 209 -23.77 -23.32 22.99
N THR A 210 -23.16 -24.43 23.38
CA THR A 210 -21.76 -24.61 23.10
C THR A 210 -21.49 -24.76 21.58
N ALA A 211 -22.45 -25.33 20.84
CA ALA A 211 -22.35 -25.44 19.34
C ALA A 211 -22.34 -24.08 18.67
N ALA A 212 -23.14 -23.13 19.17
CA ALA A 212 -23.36 -21.84 18.55
C ALA A 212 -22.61 -20.67 19.17
N SER A 213 -22.08 -20.82 20.38
CA SER A 213 -21.48 -19.67 21.08
C SER A 213 -20.26 -19.21 20.43
N PRO A 214 -20.10 -17.87 20.32
CA PRO A 214 -18.88 -17.34 19.80
C PRO A 214 -17.72 -17.40 20.81
N LEU A 215 -18.00 -17.77 22.05
CA LEU A 215 -17.02 -17.72 23.12
C LEU A 215 -17.04 -19.03 23.93
N PRO A 216 -15.92 -19.36 24.59
CA PRO A 216 -15.94 -20.49 25.53
C PRO A 216 -17.01 -20.38 26.58
N VAL A 217 -17.74 -21.45 26.77
CA VAL A 217 -18.92 -21.42 27.64
C VAL A 217 -18.63 -21.89 29.04
N ASN A 218 -19.10 -21.09 30.00
CA ASN A 218 -19.08 -21.41 31.46
C ASN A 218 -20.49 -21.66 31.87
N VAL A 219 -20.70 -22.82 32.52
CA VAL A 219 -21.98 -23.10 33.18
C VAL A 219 -21.70 -23.33 34.66
N MET A 220 -22.78 -23.30 35.46
CA MET A 220 -22.68 -23.44 36.93
C MET A 220 -23.14 -24.86 37.22
N ARG A 221 -22.45 -25.58 38.10
CA ARG A 221 -22.94 -26.88 38.58
C ARG A 221 -23.71 -26.61 39.88
N VAL A 222 -24.95 -27.06 39.99
CA VAL A 222 -25.61 -26.91 41.31
C VAL A 222 -26.03 -28.28 41.85
N ALA A 223 -26.83 -28.98 41.07
CA ALA A 223 -27.36 -30.24 41.57
C ALA A 223 -26.26 -31.26 41.38
N GLU A 224 -26.56 -32.50 41.71
CA GLU A 224 -25.71 -33.60 41.30
C GLU A 224 -25.65 -33.69 39.77
N THR A 225 -26.73 -33.28 39.09
CA THR A 225 -26.83 -33.36 37.61
C THR A 225 -27.00 -32.00 36.90
N PRO A 226 -26.46 -31.87 35.67
CA PRO A 226 -25.48 -32.78 35.07
C PRO A 226 -24.16 -32.77 35.83
N THR A 227 -23.40 -33.87 35.67
CA THR A 227 -22.12 -33.99 36.35
C THR A 227 -21.04 -33.28 35.58
N LEU A 228 -19.85 -33.17 36.17
CA LEU A 228 -18.72 -32.56 35.48
C LEU A 228 -18.41 -33.27 34.17
N ALA A 229 -18.39 -34.61 34.21
CA ALA A 229 -18.08 -35.36 32.99
C ALA A 229 -19.14 -35.11 31.91
N GLU A 230 -20.41 -35.03 32.31
CA GLU A 230 -21.47 -34.73 31.34
C GLU A 230 -21.31 -33.35 30.75
N LEU A 231 -21.14 -32.36 31.61
CA LEU A 231 -20.89 -31.00 31.09
C LEU A 231 -19.71 -30.91 30.10
N ALA A 232 -18.59 -31.57 30.42
CA ALA A 232 -17.46 -31.64 29.53
C ALA A 232 -17.83 -32.24 28.18
N GLU A 233 -18.58 -33.34 28.19
CA GLU A 233 -19.03 -33.95 26.97
C GLU A 233 -19.98 -33.09 26.14
N TYR A 234 -20.72 -32.15 26.76
CA TYR A 234 -21.56 -31.20 26.05
C TYR A 234 -20.74 -30.13 25.38
N GLY A 235 -19.48 -30.00 25.73
CA GLY A 235 -18.56 -29.02 25.10
C GLY A 235 -18.30 -27.76 25.93
N VAL A 236 -18.65 -27.80 27.22
CA VAL A 236 -18.41 -26.66 28.12
C VAL A 236 -16.92 -26.49 28.34
N ALA A 237 -16.48 -25.23 28.47
CA ALA A 237 -15.11 -24.87 28.69
C ALA A 237 -14.72 -24.50 30.13
N ARG A 238 -15.72 -24.19 30.94
CA ARG A 238 -15.48 -23.68 32.28
C ARG A 238 -16.67 -24.04 33.17
N ILE A 239 -16.40 -24.47 34.40
CA ILE A 239 -17.43 -24.88 35.33
C ILE A 239 -17.26 -24.11 36.67
N SER A 240 -18.34 -23.49 37.12
CA SER A 240 -18.48 -22.71 38.34
C SER A 240 -19.38 -23.39 39.31
N HIS A 241 -19.18 -23.05 40.59
CA HIS A 241 -19.99 -23.65 41.67
C HIS A 241 -20.67 -22.61 42.58
N GLY A 242 -20.57 -21.32 42.24
CA GLY A 242 -21.14 -20.28 43.09
C GLY A 242 -20.67 -20.40 44.52
N PRO A 243 -21.59 -20.12 45.47
CA PRO A 243 -21.12 -20.11 46.88
C PRO A 243 -21.10 -21.48 47.55
N TYR A 244 -21.23 -22.57 46.80
CA TYR A 244 -21.18 -23.91 47.38
C TYR A 244 -19.98 -24.21 48.30
N PRO A 245 -18.72 -23.86 47.91
CA PRO A 245 -17.62 -24.13 48.78
C PRO A 245 -17.78 -23.45 50.17
N TYR A 246 -18.10 -22.15 50.13
CA TYR A 246 -18.27 -21.39 51.38
C TYR A 246 -19.37 -22.01 52.24
N LEU A 247 -20.49 -22.33 51.61
CA LEU A 247 -21.64 -22.93 52.31
C LEU A 247 -21.35 -24.28 52.89
N GLN A 248 -20.55 -25.09 52.21
CA GLN A 248 -20.14 -26.37 52.81
C GLN A 248 -19.23 -26.18 54.03
N ALA A 249 -18.26 -25.29 53.91
CA ALA A 249 -17.36 -24.95 55.04
C ALA A 249 -18.19 -24.48 56.25
N MET A 250 -19.21 -23.68 56.00
CA MET A 250 -20.01 -23.13 57.06
C MET A 250 -20.96 -24.21 57.63
N LYS A 251 -21.39 -25.17 56.81
CA LYS A 251 -22.19 -26.28 57.35
C LYS A 251 -21.41 -27.07 58.39
N THR A 252 -20.14 -27.30 58.10
CA THR A 252 -19.27 -28.03 59.00
C THR A 252 -19.12 -27.27 60.33
N LEU A 253 -18.97 -25.95 60.21
CA LEU A 253 -18.89 -25.07 61.38
C LEU A 253 -20.19 -25.15 62.20
N ALA A 254 -21.33 -24.92 61.56
CA ALA A 254 -22.61 -24.98 62.30
C ALA A 254 -22.83 -26.35 62.97
N ALA A 255 -22.44 -27.43 62.31
CA ALA A 255 -22.65 -28.76 62.89
C ALA A 255 -21.76 -29.00 64.14
N LEU A 256 -20.49 -28.53 64.09
CA LEU A 256 -19.65 -28.55 65.29
C LEU A 256 -20.31 -27.87 66.49
N VAL A 257 -20.95 -26.73 66.25
CA VAL A 257 -21.59 -25.93 67.31
C VAL A 257 -22.77 -26.70 67.92
N LYS A 258 -23.58 -27.30 67.05
CA LYS A 258 -24.75 -28.05 67.49
C LYS A 258 -24.42 -29.38 68.12
N GLN A 259 -23.35 -30.03 67.67
CA GLN A 259 -22.98 -31.34 68.18
C GLN A 259 -22.21 -31.23 69.50
N GLY A 260 -21.88 -30.00 69.93
CA GLY A 260 -20.96 -29.80 71.04
C GLY A 260 -19.56 -30.29 70.70
N GLY A 261 -19.16 -30.18 69.43
CA GLY A 261 -17.88 -30.71 68.96
C GLY A 261 -16.75 -29.73 69.19
N MET B 9 -7.85 -7.36 -15.25
CA MET B 9 -9.32 -7.61 -15.02
C MET B 9 -10.17 -6.56 -15.68
N GLY B 10 -11.24 -7.01 -16.34
CA GLY B 10 -12.21 -6.10 -16.89
C GLY B 10 -13.01 -5.41 -15.82
N ASN B 11 -13.69 -4.33 -16.21
CA ASN B 11 -14.52 -3.57 -15.28
C ASN B 11 -15.72 -4.34 -14.79
N ASN B 12 -16.33 -5.19 -15.63
CA ASN B 12 -17.42 -6.02 -15.09
C ASN B 12 -16.95 -7.00 -14.04
N GLU B 13 -15.78 -7.61 -14.22
CA GLU B 13 -15.21 -8.41 -13.12
C GLU B 13 -14.95 -7.57 -11.86
N LYS B 14 -14.35 -6.39 -12.02
CA LYS B 14 -14.09 -5.53 -10.86
C LYS B 14 -15.46 -5.19 -10.20
N GLY B 15 -16.46 -4.91 -11.00
CA GLY B 15 -17.79 -4.58 -10.48
C GLY B 15 -18.41 -5.74 -9.74
N ALA B 16 -18.26 -6.94 -10.26
CA ALA B 16 -18.79 -8.11 -9.58
C ALA B 16 -18.08 -8.38 -8.25
N ILE B 17 -16.77 -8.17 -8.21
CA ILE B 17 -16.00 -8.32 -6.98
C ILE B 17 -16.51 -7.30 -5.97
N PHE B 18 -16.58 -6.04 -6.39
CA PHE B 18 -17.03 -4.99 -5.47
C PHE B 18 -18.39 -5.31 -4.87
N ARG B 19 -19.35 -5.66 -5.72
CA ARG B 19 -20.65 -6.00 -5.25
C ARG B 19 -20.62 -7.12 -4.21
N SER B 20 -19.85 -8.19 -4.51
CA SER B 20 -19.76 -9.35 -3.64
C SER B 20 -19.24 -9.06 -2.24
N LEU B 21 -18.47 -7.97 -2.09
CA LEU B 21 -17.86 -7.61 -0.83
C LEU B 21 -18.83 -6.99 0.16
N HIS B 22 -20.05 -6.66 -0.29
CA HIS B 22 -21.04 -6.08 0.59
C HIS B 22 -21.79 -7.22 1.33
N ARG B 23 -21.19 -7.64 2.43
N ARG B 23 -21.29 -7.61 2.47
CA ARG B 23 -21.61 -8.82 3.23
CA ARG B 23 -21.90 -8.73 3.15
C ARG B 23 -22.06 -8.34 4.63
C ARG B 23 -22.09 -8.36 4.58
N ALA B 24 -23.35 -8.41 4.94
CA ALA B 24 -23.82 -8.08 6.28
C ALA B 24 -23.06 -8.93 7.29
N GLY B 25 -22.44 -8.31 8.31
CA GLY B 25 -21.63 -9.07 9.29
C GLY B 25 -20.20 -9.36 8.95
N GLN B 26 -19.79 -9.12 7.69
CA GLN B 26 -18.42 -9.23 7.26
C GLN B 26 -18.17 -8.05 6.34
N PRO B 27 -18.29 -6.85 6.89
CA PRO B 27 -18.43 -5.66 6.04
C PRO B 27 -17.19 -5.27 5.26
N LEU B 28 -17.43 -4.68 4.09
CA LEU B 28 -16.36 -4.06 3.33
C LEU B 28 -15.88 -2.80 4.07
N ALA B 29 -14.59 -2.69 4.35
CA ALA B 29 -14.06 -1.50 4.97
C ALA B 29 -13.38 -0.62 3.93
N LEU B 30 -13.83 0.63 3.81
CA LEU B 30 -13.31 1.51 2.74
C LEU B 30 -12.67 2.72 3.35
N PHE B 31 -11.49 3.11 2.82
CA PHE B 31 -10.75 4.31 3.24
C PHE B 31 -10.56 5.31 2.15
N ASN B 32 -11.35 6.39 2.11
CA ASN B 32 -11.36 7.28 0.97
C ASN B 32 -9.98 7.78 0.57
N VAL B 33 -9.68 7.65 -0.70
CA VAL B 33 -8.42 8.12 -1.26
C VAL B 33 -8.73 9.31 -2.14
N TRP B 34 -7.69 10.07 -2.50
CA TRP B 34 -7.93 11.35 -3.12
C TRP B 34 -6.99 11.67 -4.25
N ASP B 35 -6.06 10.76 -4.51
CA ASP B 35 -5.16 10.87 -5.63
C ASP B 35 -4.54 9.54 -5.92
N ALA B 36 -3.77 9.46 -7.00
CA ALA B 36 -3.13 8.21 -7.35
C ALA B 36 -2.15 7.69 -6.27
N GLY B 37 -1.42 8.60 -5.59
CA GLY B 37 -0.45 8.14 -4.59
C GLY B 37 -1.11 7.51 -3.41
N SER B 38 -2.17 8.15 -2.91
CA SER B 38 -2.92 7.63 -1.80
C SER B 38 -3.62 6.33 -2.17
N ALA B 39 -4.13 6.25 -3.39
CA ALA B 39 -4.71 5.01 -3.89
C ALA B 39 -3.72 3.84 -3.80
N ARG B 40 -2.51 4.06 -4.30
CA ARG B 40 -1.48 3.02 -4.28
C ARG B 40 -1.12 2.63 -2.85
N VAL B 41 -1.00 3.63 -1.98
CA VAL B 41 -0.67 3.34 -0.57
C VAL B 41 -1.72 2.48 0.13
N VAL B 42 -2.99 2.80 -0.09
CA VAL B 42 -4.09 2.05 0.52
C VAL B 42 -4.14 0.64 -0.07
N ALA B 43 -3.89 0.49 -1.37
CA ALA B 43 -3.86 -0.85 -2.00
C ALA B 43 -2.72 -1.69 -1.44
N ASP B 44 -1.55 -1.09 -1.33
CA ASP B 44 -0.39 -1.81 -0.79
C ASP B 44 -0.56 -2.16 0.69
N ALA B 45 -1.39 -1.42 1.40
CA ALA B 45 -1.66 -1.71 2.81
C ALA B 45 -2.69 -2.84 2.96
N GLY B 46 -3.23 -3.36 1.86
CA GLY B 46 -4.09 -4.54 1.87
C GLY B 46 -5.58 -4.31 1.63
N ALA B 47 -5.98 -3.10 1.29
CA ALA B 47 -7.37 -2.86 0.90
C ALA B 47 -7.87 -3.78 -0.22
N VAL B 48 -9.16 -4.18 -0.17
CA VAL B 48 -9.76 -4.96 -1.23
C VAL B 48 -10.57 -4.16 -2.28
N ALA B 49 -10.76 -2.88 -2.00
CA ALA B 49 -11.43 -1.96 -2.92
C ALA B 49 -11.09 -0.54 -2.44
N LEU B 50 -11.22 0.42 -3.33
CA LEU B 50 -10.96 1.84 -3.01
C LEU B 50 -12.20 2.66 -3.25
N ALA B 51 -12.32 3.73 -2.48
CA ALA B 51 -13.36 4.73 -2.68
C ALA B 51 -12.74 6.07 -2.80
N THR B 52 -13.29 6.93 -3.65
CA THR B 52 -12.94 8.33 -3.55
C THR B 52 -13.88 8.98 -2.55
N GLY B 53 -13.42 10.05 -1.92
CA GLY B 53 -14.27 10.87 -1.06
C GLY B 53 -14.19 12.29 -1.59
N SER B 54 -15.35 12.88 -1.74
CA SER B 54 -15.43 14.16 -2.40
C SER B 54 -14.82 15.23 -1.55
N TRP B 55 -15.00 15.13 -0.22
CA TRP B 55 -14.44 16.14 0.68
C TRP B 55 -12.90 16.13 0.59
N SER B 56 -12.31 14.93 0.61
CA SER B 56 -10.86 14.75 0.59
C SER B 56 -10.31 15.19 -0.77
N VAL B 57 -10.98 14.83 -1.89
CA VAL B 57 -10.50 15.23 -3.19
C VAL B 57 -10.57 16.75 -3.34
N ALA B 58 -11.65 17.37 -2.84
CA ALA B 58 -11.79 18.81 -2.89
C ALA B 58 -10.70 19.46 -2.06
N ALA B 59 -10.52 19.03 -0.82
CA ALA B 59 -9.48 19.62 0.04
C ALA B 59 -8.11 19.51 -0.56
N ALA B 60 -7.77 18.32 -1.07
CA ALA B 60 -6.48 18.11 -1.70
C ALA B 60 -6.19 19.05 -2.87
N ASN B 61 -7.22 19.43 -3.62
CA ASN B 61 -7.12 20.29 -4.77
C ASN B 61 -7.50 21.74 -4.56
N GLY B 62 -7.67 22.11 -3.30
CA GLY B 62 -7.83 23.52 -2.87
C GLY B 62 -9.24 24.07 -3.04
N PHE B 63 -10.23 23.19 -3.11
CA PHE B 63 -11.64 23.62 -3.23
C PHE B 63 -12.18 23.54 -1.81
N VAL B 64 -12.35 24.74 -1.23
CA VAL B 64 -12.64 24.93 0.21
C VAL B 64 -13.94 25.72 0.39
N GLU B 67 -19.75 20.17 -4.50
CA GLU B 67 -19.76 20.14 -5.96
C GLU B 67 -19.30 21.50 -6.46
N GLN B 68 -18.38 22.09 -5.70
CA GLN B 68 -17.67 23.28 -6.11
C GLN B 68 -16.50 22.89 -7.02
N MET B 69 -15.85 21.75 -6.79
CA MET B 69 -14.89 21.25 -7.78
C MET B 69 -15.65 20.83 -9.07
N PRO B 70 -15.16 21.27 -10.23
CA PRO B 70 -15.90 20.94 -11.44
C PRO B 70 -15.88 19.44 -11.70
N ARG B 71 -16.97 18.94 -12.26
CA ARG B 71 -17.08 17.52 -12.60
C ARG B 71 -15.90 17.01 -13.39
N ALA B 72 -15.48 17.75 -14.42
CA ALA B 72 -14.44 17.25 -15.30
C ALA B 72 -13.14 17.02 -14.55
N LEU B 73 -12.83 17.91 -13.61
CA LEU B 73 -11.61 17.79 -12.88
C LEU B 73 -11.71 16.62 -11.90
N MET B 74 -12.89 16.42 -11.30
N MET B 74 -12.89 16.40 -11.33
CA MET B 74 -13.12 15.26 -10.45
CA MET B 74 -13.08 15.28 -10.45
C MET B 74 -12.87 13.97 -11.25
C MET B 74 -12.98 13.92 -11.22
N MET B 75 -13.38 13.94 -12.50
CA MET B 75 -13.31 12.77 -13.34
C MET B 75 -11.87 12.50 -13.71
N GLU B 76 -11.08 13.54 -13.93
CA GLU B 76 -9.66 13.32 -14.16
C GLU B 76 -8.95 12.72 -12.96
N VAL B 77 -9.32 13.18 -11.77
CA VAL B 77 -8.71 12.59 -10.54
C VAL B 77 -9.13 11.13 -10.44
N LEU B 78 -10.42 10.86 -10.69
CA LEU B 78 -10.90 9.52 -10.65
C LEU B 78 -10.10 8.63 -11.60
N GLU B 79 -9.85 9.10 -12.82
CA GLU B 79 -9.11 8.28 -13.76
C GLU B 79 -7.73 7.93 -13.27
N ARG B 80 -7.05 8.90 -12.66
CA ARG B 80 -5.70 8.65 -12.14
C ARG B 80 -5.73 7.62 -11.00
N ILE B 81 -6.75 7.71 -10.17
CA ILE B 81 -6.96 6.71 -9.11
C ILE B 81 -7.17 5.31 -9.67
N VAL B 82 -8.07 5.21 -10.65
CA VAL B 82 -8.42 3.97 -11.28
C VAL B 82 -7.17 3.34 -11.88
N ARG B 83 -6.35 4.13 -12.55
CA ARG B 83 -5.15 3.61 -13.24
C ARG B 83 -4.07 3.15 -12.29
N ALA B 84 -4.10 3.65 -11.06
CA ALA B 84 -3.01 3.46 -10.09
C ALA B 84 -2.95 2.04 -9.57
N THR B 85 -4.08 1.34 -9.58
CA THR B 85 -4.15 0.00 -9.00
C THR B 85 -5.18 -0.87 -9.74
N ASP B 86 -5.09 -2.19 -9.48
CA ASP B 86 -6.01 -3.17 -10.06
C ASP B 86 -7.28 -3.39 -9.21
N LEU B 87 -7.44 -2.65 -8.15
CA LEU B 87 -8.60 -2.77 -7.32
C LEU B 87 -9.86 -2.14 -7.92
N PRO B 88 -11.03 -2.66 -7.53
CA PRO B 88 -12.29 -1.95 -7.90
C PRO B 88 -12.33 -0.58 -7.22
N VAL B 89 -12.71 0.45 -7.97
CA VAL B 89 -12.84 1.78 -7.42
C VAL B 89 -14.30 2.29 -7.53
N THR B 90 -14.83 2.81 -6.41
CA THR B 90 -16.10 3.47 -6.38
C THR B 90 -15.89 4.97 -6.19
N VAL B 91 -16.75 5.78 -6.79
CA VAL B 91 -16.57 7.23 -6.76
C VAL B 91 -17.71 7.96 -6.05
N ASP B 92 -17.36 8.88 -5.16
CA ASP B 92 -18.36 9.77 -4.53
C ASP B 92 -18.78 10.85 -5.51
N LEU B 93 -20.00 10.77 -6.01
CA LEU B 93 -20.54 11.75 -6.95
C LEU B 93 -21.41 12.81 -6.28
N GLU B 94 -21.41 12.89 -4.98
CA GLU B 94 -22.24 13.84 -4.23
C GLU B 94 -23.69 13.74 -4.74
N SER B 95 -24.35 14.85 -5.10
CA SER B 95 -25.73 14.72 -5.51
C SER B 95 -25.89 14.33 -6.97
N GLY B 96 -24.79 14.12 -7.70
CA GLY B 96 -24.83 13.63 -9.05
C GLY B 96 -24.46 14.63 -10.09
N TYR B 97 -24.04 15.84 -9.71
CA TYR B 97 -23.66 16.84 -10.72
C TYR B 97 -24.70 17.02 -11.82
N GLY B 98 -25.93 17.30 -11.43
CA GLY B 98 -26.99 17.41 -12.42
C GLY B 98 -28.28 18.01 -11.89
N GLU B 99 -28.86 18.95 -12.67
CA GLU B 99 -30.16 19.53 -12.36
C GLU B 99 -31.30 18.54 -12.35
N ARG B 100 -31.40 17.75 -13.42
CA ARG B 100 -32.49 16.83 -13.67
C ARG B 100 -31.97 15.36 -13.65
N PRO B 101 -32.90 14.40 -13.51
CA PRO B 101 -32.44 13.02 -13.60
C PRO B 101 -31.62 12.70 -14.85
N GLU B 102 -31.96 13.24 -16.03
CA GLU B 102 -31.14 12.96 -17.22
C GLU B 102 -29.72 13.50 -17.10
N ASP B 103 -29.53 14.58 -16.35
CA ASP B 103 -28.19 15.10 -16.10
C ASP B 103 -27.40 14.19 -15.18
N VAL B 104 -28.06 13.69 -14.13
CA VAL B 104 -27.37 12.73 -13.25
C VAL B 104 -26.98 11.46 -14.05
N ALA B 105 -27.87 11.00 -14.91
CA ALA B 105 -27.54 9.88 -15.81
C ALA B 105 -26.22 10.09 -16.58
N GLU B 106 -26.01 11.28 -17.13
CA GLU B 106 -24.77 11.63 -17.83
C GLU B 106 -23.59 11.55 -16.91
N THR B 107 -23.72 12.05 -15.69
CA THR B 107 -22.62 11.95 -14.74
C THR B 107 -22.27 10.49 -14.46
N ILE B 108 -23.26 9.65 -14.28
CA ILE B 108 -23.01 8.22 -14.04
C ILE B 108 -22.29 7.59 -15.24
N ALA B 109 -22.79 7.89 -16.44
CA ALA B 109 -22.18 7.36 -17.67
C ALA B 109 -20.71 7.78 -17.77
N MET B 110 -20.42 9.05 -17.42
CA MET B 110 -19.07 9.53 -17.39
C MET B 110 -18.22 8.79 -16.36
N SER B 111 -18.78 8.55 -15.16
CA SER B 111 -18.00 7.81 -14.16
C SER B 111 -17.59 6.40 -14.63
N ILE B 112 -18.47 5.73 -15.38
CA ILE B 112 -18.19 4.42 -15.97
C ILE B 112 -17.09 4.52 -17.02
N ARG B 113 -17.19 5.55 -17.86
CA ARG B 113 -16.14 5.83 -18.85
C ARG B 113 -14.81 6.11 -18.22
N ALA B 114 -14.83 6.70 -17.02
CA ALA B 114 -13.61 6.97 -16.28
C ALA B 114 -13.06 5.75 -15.56
N GLY B 115 -13.85 4.68 -15.47
CA GLY B 115 -13.40 3.40 -14.93
C GLY B 115 -13.91 3.03 -13.56
N ALA B 116 -14.81 3.85 -13.02
CA ALA B 116 -15.47 3.51 -11.73
C ALA B 116 -16.44 2.38 -11.92
N ILE B 117 -16.60 1.57 -10.86
CA ILE B 117 -17.52 0.43 -10.87
C ILE B 117 -18.65 0.60 -9.87
N GLY B 118 -18.78 1.80 -9.33
CA GLY B 118 -19.90 2.13 -8.47
C GLY B 118 -19.77 3.57 -8.04
N CYS B 119 -20.76 4.07 -7.34
CA CYS B 119 -20.78 5.44 -6.83
C CYS B 119 -21.53 5.56 -5.52
N ASN B 120 -21.30 6.67 -4.83
CA ASN B 120 -22.21 7.19 -3.82
C ASN B 120 -22.97 8.35 -4.48
N LEU B 121 -24.30 8.30 -4.30
CA LEU B 121 -25.21 9.30 -4.90
C LEU B 121 -26.13 9.73 -3.77
N GLU B 122 -26.09 11.03 -3.45
CA GLU B 122 -26.71 11.61 -2.28
C GLU B 122 -28.01 12.35 -2.60
N ASP B 123 -28.92 12.33 -1.64
CA ASP B 123 -30.28 12.87 -1.78
C ASP B 123 -30.50 14.29 -1.22
N SER B 124 -29.45 15.08 -1.15
CA SER B 124 -29.61 16.46 -0.68
C SER B 124 -29.34 17.43 -1.84
N PHE B 125 -29.90 18.60 -1.67
CA PHE B 125 -29.69 19.72 -2.63
C PHE B 125 -28.34 20.34 -2.39
N PRO B 126 -27.56 20.56 -3.47
CA PRO B 126 -26.24 21.06 -3.21
C PRO B 126 -26.33 22.52 -2.74
N SER B 127 -27.32 23.27 -3.26
CA SER B 127 -27.50 24.69 -2.85
C SER B 127 -27.79 24.92 -1.34
N THR B 128 -28.47 23.98 -0.66
CA THR B 128 -28.91 24.14 0.76
C THR B 128 -28.59 23.01 1.79
N GLY B 129 -28.24 21.79 1.34
CA GLY B 129 -28.04 20.65 2.24
C GLY B 129 -29.37 20.05 2.66
N GLU B 130 -30.48 20.66 2.25
CA GLU B 130 -31.79 20.12 2.58
C GLU B 130 -32.03 18.86 1.74
N LEU B 131 -32.92 18.03 2.21
CA LEU B 131 -33.24 16.80 1.49
C LEU B 131 -34.16 17.03 0.32
N ARG B 132 -33.92 16.33 -0.78
CA ARG B 132 -34.90 16.27 -1.82
C ARG B 132 -36.10 15.42 -1.41
N ASP B 133 -37.25 15.73 -1.99
CA ASP B 133 -38.44 14.89 -1.88
C ASP B 133 -38.03 13.46 -2.21
N VAL B 134 -38.56 12.52 -1.46
CA VAL B 134 -38.19 11.10 -1.62
C VAL B 134 -38.28 10.61 -3.09
N ASP B 135 -39.36 10.96 -3.82
CA ASP B 135 -39.49 10.47 -5.16
C ASP B 135 -38.68 11.23 -6.17
N GLU B 136 -38.35 12.49 -5.87
CA GLU B 136 -37.37 13.26 -6.74
C GLU B 136 -36.00 12.62 -6.59
N ALA B 137 -35.65 12.29 -5.36
CA ALA B 137 -34.36 11.62 -5.11
C ALA B 137 -34.33 10.25 -5.80
N ALA B 138 -35.43 9.52 -5.68
CA ALA B 138 -35.50 8.19 -6.31
C ALA B 138 -35.39 8.27 -7.83
N ALA B 139 -35.97 9.32 -8.44
CA ALA B 139 -35.90 9.45 -9.87
C ALA B 139 -34.48 9.64 -10.36
N ARG B 140 -33.66 10.36 -9.58
CA ARG B 140 -32.24 10.54 -9.89
C ARG B 140 -31.51 9.16 -9.84
N ILE B 141 -31.83 8.36 -8.85
CA ILE B 141 -31.30 7.00 -8.73
C ILE B 141 -31.75 6.13 -9.89
N ALA B 142 -33.02 6.24 -10.27
CA ALA B 142 -33.50 5.44 -11.40
C ALA B 142 -32.81 5.79 -12.71
N ALA B 143 -32.55 7.07 -12.92
CA ALA B 143 -31.87 7.49 -14.11
C ALA B 143 -30.43 7.00 -14.10
N ALA B 144 -29.81 7.02 -12.91
CA ALA B 144 -28.45 6.44 -12.73
C ALA B 144 -28.41 4.93 -13.09
N ARG B 145 -29.39 4.20 -12.56
CA ARG B 145 -29.53 2.76 -12.78
C ARG B 145 -29.65 2.53 -14.30
N GLN B 146 -30.53 3.29 -14.95
CA GLN B 146 -30.76 3.07 -16.38
C GLN B 146 -29.48 3.33 -17.18
N ALA B 147 -28.75 4.36 -16.81
CA ALA B 147 -27.52 4.67 -17.50
C ALA B 147 -26.47 3.55 -17.36
N ALA B 148 -26.33 3.00 -16.13
CA ALA B 148 -25.41 1.89 -15.93
C ALA B 148 -25.87 0.64 -16.69
N ASP B 149 -27.17 0.37 -16.68
CA ASP B 149 -27.70 -0.81 -17.34
C ASP B 149 -27.46 -0.65 -18.86
N ARG B 150 -27.67 0.56 -19.39
CA ARG B 150 -27.47 0.82 -20.83
C ARG B 150 -25.99 0.65 -21.22
N ALA B 151 -25.04 1.01 -20.34
CA ALA B 151 -23.62 0.77 -20.55
C ALA B 151 -23.22 -0.70 -20.47
N GLY B 152 -24.12 -1.56 -20.00
CA GLY B 152 -23.91 -3.00 -19.84
C GLY B 152 -22.87 -3.35 -18.79
N VAL B 153 -22.78 -2.55 -17.74
CA VAL B 153 -21.72 -2.78 -16.75
C VAL B 153 -22.34 -3.18 -15.41
N ASP B 154 -21.58 -3.92 -14.61
CA ASP B 154 -21.96 -4.28 -13.25
C ASP B 154 -21.52 -3.13 -12.31
N TYR B 155 -22.46 -2.34 -11.91
CA TYR B 155 -22.15 -1.01 -11.28
C TYR B 155 -23.00 -0.83 -10.04
N PHE B 156 -22.33 -0.51 -8.95
CA PHE B 156 -22.96 -0.47 -7.62
C PHE B 156 -23.33 0.97 -7.24
N ILE B 157 -24.63 1.23 -7.20
CA ILE B 157 -25.14 2.52 -6.78
C ILE B 157 -25.45 2.48 -5.27
N ASN B 158 -24.61 3.17 -4.50
CA ASN B 158 -24.75 3.26 -3.05
C ASN B 158 -25.49 4.57 -2.84
N ALA B 159 -26.79 4.43 -2.55
CA ALA B 159 -27.66 5.62 -2.30
C ALA B 159 -27.42 6.13 -0.92
N ARG B 160 -26.83 7.32 -0.84
CA ARG B 160 -26.63 8.06 0.40
C ARG B 160 -27.87 8.87 0.75
N THR B 161 -28.39 8.67 1.97
CA THR B 161 -29.41 9.53 2.48
C THR B 161 -28.84 10.37 3.63
N ASP B 162 -29.19 11.64 3.64
CA ASP B 162 -28.72 12.55 4.64
C ASP B 162 -29.70 12.81 5.79
N VAL B 163 -30.68 11.92 5.97
CA VAL B 163 -31.69 12.09 7.03
C VAL B 163 -31.02 12.28 8.40
N PHE B 164 -30.05 11.42 8.74
CA PHE B 164 -29.34 11.56 10.04
C PHE B 164 -28.24 12.61 9.95
N PHE B 165 -27.61 12.73 8.78
CA PHE B 165 -26.43 13.58 8.61
C PHE B 165 -26.80 15.06 8.85
N LYS B 166 -27.97 15.44 8.39
CA LYS B 166 -28.42 16.85 8.44
C LYS B 166 -28.98 17.16 9.82
N ALA B 167 -29.37 16.13 10.55
CA ALA B 167 -29.99 16.31 11.88
C ALA B 167 -28.95 16.28 13.01
N ALA B 168 -29.11 17.16 14.00
CA ALA B 168 -28.18 17.20 15.13
C ALA B 168 -28.23 15.87 15.86
N THR B 169 -27.10 15.38 16.39
CA THR B 169 -27.05 14.05 16.99
C THR B 169 -28.12 13.84 18.08
N GLU B 170 -28.36 14.87 18.92
CA GLU B 170 -29.32 14.76 20.04
C GLU B 170 -30.77 14.48 19.61
N THR B 171 -31.08 14.72 18.33
CA THR B 171 -32.40 14.46 17.79
C THR B 171 -32.54 13.11 17.11
N HIS B 172 -31.47 12.31 17.09
CA HIS B 172 -31.51 11.02 16.40
C HIS B 172 -32.36 10.07 17.20
N ASP B 173 -33.37 9.55 16.54
CA ASP B 173 -34.33 8.76 17.24
C ASP B 173 -35.11 7.91 16.23
N GLU B 174 -36.14 7.25 16.74
CA GLU B 174 -36.90 6.38 15.90
C GLU B 174 -37.63 7.07 14.74
N ARG B 175 -38.11 8.29 14.92
CA ARG B 175 -38.81 9.01 13.83
C ARG B 175 -37.89 9.18 12.59
N LEU B 176 -36.61 9.42 12.86
CA LEU B 176 -35.64 9.60 11.77
C LEU B 176 -35.33 8.25 11.18
N LEU B 177 -35.32 7.19 11.99
CA LEU B 177 -35.10 5.84 11.49
C LEU B 177 -36.23 5.50 10.54
N ASP B 178 -37.46 5.80 10.94
CA ASP B 178 -38.58 5.52 10.05
C ASP B 178 -38.53 6.26 8.69
N ALA B 179 -38.12 7.51 8.73
CA ALA B 179 -37.98 8.32 7.53
C ALA B 179 -36.85 7.76 6.65
N THR B 180 -35.77 7.33 7.29
CA THR B 180 -34.65 6.66 6.54
C THR B 180 -35.11 5.38 5.87
N LEU B 181 -35.89 4.58 6.56
CA LEU B 181 -36.34 3.29 5.97
C LEU B 181 -37.34 3.54 4.83
N ALA B 182 -38.16 4.56 4.96
CA ALA B 182 -39.08 4.92 3.88
C ALA B 182 -38.28 5.33 2.60
N ARG B 183 -37.27 6.17 2.79
CA ARG B 183 -36.38 6.47 1.65
C ARG B 183 -35.65 5.23 1.13
N ALA B 184 -35.14 4.38 2.03
CA ALA B 184 -34.46 3.12 1.62
C ALA B 184 -35.36 2.25 0.70
N ARG B 185 -36.63 2.11 1.07
CA ARG B 185 -37.57 1.36 0.22
C ARG B 185 -37.78 1.98 -1.13
N ALA B 186 -37.94 3.31 -1.18
CA ALA B 186 -38.07 3.99 -2.46
C ALA B 186 -36.82 3.85 -3.31
N TYR B 187 -35.67 4.00 -2.66
CA TYR B 187 -34.41 3.96 -3.42
C TYR B 187 -34.07 2.59 -3.95
N ALA B 188 -34.36 1.55 -3.19
CA ALA B 188 -34.18 0.19 -3.62
C ALA B 188 -35.11 -0.07 -4.85
N ALA B 189 -36.35 0.37 -4.78
CA ALA B 189 -37.28 0.13 -5.86
C ALA B 189 -36.83 0.83 -7.12
N ALA B 190 -36.16 1.97 -6.96
CA ALA B 190 -35.66 2.73 -8.07
C ALA B 190 -34.35 2.18 -8.66
N GLY B 191 -33.70 1.24 -7.98
CA GLY B 191 -32.52 0.65 -8.54
C GLY B 191 -31.24 0.76 -7.74
N ALA B 192 -31.33 1.28 -6.53
CA ALA B 192 -30.10 1.43 -5.70
C ALA B 192 -29.67 0.04 -5.30
N ASP B 193 -28.37 -0.11 -5.13
CA ASP B 193 -27.75 -1.37 -4.69
C ASP B 193 -27.36 -1.40 -3.23
N GLY B 194 -27.07 -0.24 -2.67
CA GLY B 194 -26.78 -0.07 -1.27
C GLY B 194 -27.37 1.16 -0.66
N LEU B 195 -27.42 1.20 0.67
CA LEU B 195 -27.88 2.36 1.44
C LEU B 195 -26.77 2.85 2.35
N PHE B 196 -26.40 4.13 2.23
CA PHE B 196 -25.46 4.78 3.12
C PHE B 196 -26.13 5.81 3.98
N VAL B 197 -25.97 5.66 5.31
CA VAL B 197 -26.64 6.51 6.28
C VAL B 197 -25.60 7.18 7.19
N PRO B 198 -24.87 8.16 6.69
CA PRO B 198 -23.88 8.88 7.51
C PRO B 198 -24.53 9.63 8.67
N GLY B 199 -23.82 9.73 9.79
CA GLY B 199 -24.37 10.38 10.95
C GLY B 199 -25.10 9.47 11.89
N LEU B 200 -25.34 8.24 11.51
CA LEU B 200 -25.99 7.27 12.36
C LEU B 200 -24.94 6.53 13.15
N ARG B 201 -25.00 6.63 14.49
CA ARG B 201 -24.05 5.98 15.43
C ARG B 201 -24.73 5.06 16.48
N SER B 202 -26.03 5.20 16.68
CA SER B 202 -26.72 4.44 17.78
C SER B 202 -26.83 2.96 17.48
N PRO B 203 -26.33 2.09 18.38
CA PRO B 203 -26.49 0.66 18.14
C PRO B 203 -27.89 0.18 17.91
N ALA B 204 -28.84 0.61 18.75
CA ALA B 204 -30.21 0.17 18.60
C ALA B 204 -30.78 0.55 17.24
N LEU B 205 -30.49 1.78 16.83
CA LEU B 205 -30.96 2.28 15.51
C LEU B 205 -30.29 1.56 14.32
N ILE B 206 -29.00 1.31 14.42
CA ILE B 206 -28.32 0.57 13.38
C ILE B 206 -28.90 -0.83 13.24
N ARG B 207 -29.07 -1.54 14.36
CA ARG B 207 -29.68 -2.84 14.28
C ARG B 207 -31.05 -2.84 13.63
N ALA B 208 -31.89 -1.89 14.01
CA ALA B 208 -33.24 -1.81 13.43
C ALA B 208 -33.16 -1.53 11.95
N LEU B 209 -32.20 -0.69 11.58
CA LEU B 209 -31.97 -0.40 10.15
C LEU B 209 -31.53 -1.64 9.36
N THR B 210 -30.53 -2.35 9.85
CA THR B 210 -30.06 -3.53 9.13
C THR B 210 -31.11 -4.62 9.06
N ALA B 211 -31.93 -4.75 10.08
CA ALA B 211 -32.97 -5.75 10.11
C ALA B 211 -34.03 -5.45 9.04
N ALA B 212 -34.34 -4.16 8.84
CA ALA B 212 -35.47 -3.78 8.00
C ALA B 212 -35.05 -3.33 6.60
N SER B 213 -33.79 -2.96 6.41
CA SER B 213 -33.37 -2.40 5.13
C SER B 213 -33.48 -3.37 4.00
N PRO B 214 -34.01 -2.92 2.82
CA PRO B 214 -33.99 -3.79 1.64
C PRO B 214 -32.60 -3.91 0.96
N LEU B 215 -31.61 -3.17 1.46
CA LEU B 215 -30.32 -3.05 0.83
C LEU B 215 -29.19 -3.20 1.84
N PRO B 216 -28.03 -3.67 1.41
CA PRO B 216 -26.83 -3.64 2.28
C PRO B 216 -26.55 -2.25 2.84
N VAL B 217 -26.26 -2.19 4.13
CA VAL B 217 -26.19 -0.93 4.85
C VAL B 217 -24.75 -0.55 5.02
N ASN B 218 -24.47 0.70 4.71
CA ASN B 218 -23.18 1.38 4.95
C ASN B 218 -23.35 2.42 6.03
N VAL B 219 -22.51 2.31 7.06
CA VAL B 219 -22.40 3.33 8.07
C VAL B 219 -21.03 3.96 8.00
N MET B 220 -20.90 5.11 8.65
CA MET B 220 -19.63 5.85 8.64
C MET B 220 -19.13 5.83 10.04
N ARG B 221 -17.93 5.31 10.24
CA ARG B 221 -17.30 5.25 11.57
C ARG B 221 -16.51 6.53 11.78
N VAL B 222 -16.86 7.26 12.84
CA VAL B 222 -16.21 8.53 13.15
C VAL B 222 -15.52 8.33 14.48
N ALA B 223 -16.33 8.13 15.51
CA ALA B 223 -15.83 8.04 16.86
C ALA B 223 -15.13 6.70 17.06
N GLU B 224 -14.40 6.59 18.17
CA GLU B 224 -13.81 5.31 18.59
C GLU B 224 -14.89 4.22 18.75
N THR B 225 -16.08 4.60 19.18
CA THR B 225 -17.21 3.66 19.36
C THR B 225 -18.39 4.05 18.49
N PRO B 226 -19.18 3.06 17.99
CA PRO B 226 -18.94 1.60 18.09
C PRO B 226 -17.71 1.20 17.26
N THR B 227 -17.04 0.12 17.64
CA THR B 227 -15.88 -0.38 16.93
C THR B 227 -16.28 -1.12 15.65
N LEU B 228 -15.33 -1.47 14.80
CA LEU B 228 -15.59 -2.18 13.58
C LEU B 228 -16.25 -3.54 13.84
N ALA B 229 -15.73 -4.28 14.84
CA ALA B 229 -16.33 -5.56 15.19
C ALA B 229 -17.78 -5.37 15.69
N GLU B 230 -18.03 -4.32 16.43
CA GLU B 230 -19.39 -4.07 16.89
C GLU B 230 -20.31 -3.75 15.72
N LEU B 231 -19.85 -2.86 14.86
CA LEU B 231 -20.66 -2.50 13.70
C LEU B 231 -20.98 -3.71 12.86
N ALA B 232 -19.99 -4.59 12.64
CA ALA B 232 -20.22 -5.79 11.93
C ALA B 232 -21.30 -6.67 12.54
N GLU B 233 -21.24 -6.85 13.85
CA GLU B 233 -22.22 -7.66 14.56
C GLU B 233 -23.64 -7.07 14.54
N TYR B 234 -23.77 -5.76 14.35
CA TYR B 234 -25.08 -5.11 14.12
C TYR B 234 -25.68 -5.45 12.78
N GLY B 235 -24.88 -6.05 11.90
CA GLY B 235 -25.32 -6.48 10.58
C GLY B 235 -24.99 -5.54 9.42
N VAL B 236 -24.10 -4.58 9.66
CA VAL B 236 -23.66 -3.67 8.63
C VAL B 236 -22.89 -4.44 7.55
N ALA B 237 -23.04 -3.96 6.30
CA ALA B 237 -22.32 -4.54 5.15
C ALA B 237 -21.16 -3.75 4.61
N ARG B 238 -21.01 -2.50 5.02
CA ARG B 238 -20.01 -1.61 4.49
C ARG B 238 -19.73 -0.52 5.52
N ILE B 239 -18.45 -0.22 5.72
CA ILE B 239 -18.02 0.76 6.72
C ILE B 239 -17.08 1.72 6.05
N SER B 240 -17.44 2.99 6.06
CA SER B 240 -16.57 4.04 5.54
C SER B 240 -16.19 5.04 6.64
N HIS B 241 -15.26 5.90 6.30
CA HIS B 241 -14.54 6.71 7.33
C HIS B 241 -14.50 8.20 6.99
N GLY B 242 -15.21 8.66 5.98
CA GLY B 242 -15.21 10.06 5.59
C GLY B 242 -13.81 10.53 5.31
N PRO B 243 -13.55 11.79 5.66
CA PRO B 243 -12.28 12.39 5.33
C PRO B 243 -11.21 12.07 6.38
N TYR B 244 -11.53 11.23 7.37
CA TYR B 244 -10.59 10.92 8.48
C TYR B 244 -9.18 10.47 8.02
N PRO B 245 -9.05 9.64 6.97
CA PRO B 245 -7.70 9.23 6.51
C PRO B 245 -6.87 10.43 6.02
N TYR B 246 -7.49 11.25 5.17
CA TYR B 246 -6.83 12.48 4.67
C TYR B 246 -6.47 13.39 5.85
N LEU B 247 -7.39 13.55 6.78
CA LEU B 247 -7.13 14.44 7.92
C LEU B 247 -5.96 13.96 8.78
N GLN B 248 -5.85 12.64 8.93
CA GLN B 248 -4.75 12.06 9.72
C GLN B 248 -3.41 12.26 9.02
N ALA B 249 -3.41 12.06 7.72
CA ALA B 249 -2.21 12.32 6.93
C ALA B 249 -1.78 13.76 7.08
N MET B 250 -2.73 14.69 6.98
CA MET B 250 -2.38 16.10 7.09
C MET B 250 -1.96 16.47 8.53
N LYS B 251 -2.50 15.82 9.55
CA LYS B 251 -2.02 16.03 10.96
C LYS B 251 -0.56 15.70 11.11
N THR B 252 -0.13 14.61 10.46
CA THR B 252 1.28 14.22 10.44
C THR B 252 2.14 15.26 9.78
N LEU B 253 1.67 15.77 8.65
CA LEU B 253 2.40 16.80 7.91
C LEU B 253 2.55 18.07 8.74
N ALA B 254 1.44 18.49 9.35
CA ALA B 254 1.46 19.70 10.17
C ALA B 254 2.46 19.55 11.33
N ALA B 255 2.47 18.37 11.94
CA ALA B 255 3.33 18.09 13.11
C ALA B 255 4.79 18.19 12.73
N LEU B 256 5.14 17.67 11.56
CA LEU B 256 6.53 17.74 11.10
C LEU B 256 6.96 19.17 10.99
N VAL B 257 6.08 20.00 10.43
CA VAL B 257 6.40 21.42 10.26
C VAL B 257 6.62 22.05 11.63
N LYS B 258 5.71 21.82 12.55
CA LYS B 258 5.80 22.41 13.91
C LYS B 258 7.00 21.90 14.71
N GLN B 259 7.41 20.66 14.50
CA GLN B 259 8.50 20.02 15.27
C GLN B 259 9.85 20.39 14.71
N GLY B 260 9.89 21.03 13.55
CA GLY B 260 11.14 21.17 12.80
C GLY B 260 11.62 19.84 12.25
N GLY B 261 10.68 18.92 11.99
CA GLY B 261 11.03 17.58 11.49
C GLY B 261 11.32 17.59 10.00
N MET C 9 26.08 -40.25 -9.61
CA MET C 9 24.77 -40.86 -9.98
C MET C 9 23.74 -39.77 -10.31
N GLY C 10 22.65 -40.15 -10.97
CA GLY C 10 21.67 -39.17 -11.43
C GLY C 10 20.83 -38.62 -10.28
N ASN C 11 20.01 -37.63 -10.60
CA ASN C 11 19.20 -37.02 -9.55
C ASN C 11 18.12 -37.93 -9.04
N ASN C 12 17.56 -38.81 -9.87
CA ASN C 12 16.55 -39.72 -9.31
C ASN C 12 17.11 -40.76 -8.35
N GLU C 13 18.32 -41.28 -8.63
CA GLU C 13 19.00 -42.10 -7.64
C GLU C 13 19.30 -41.37 -6.32
N LYS C 14 19.82 -40.16 -6.42
CA LYS C 14 20.00 -39.30 -5.23
C LYS C 14 18.66 -39.04 -4.52
N GLY C 15 17.58 -38.74 -5.27
CA GLY C 15 16.25 -38.55 -4.68
C GLY C 15 15.81 -39.78 -3.91
N ALA C 16 16.05 -40.94 -4.50
CA ALA C 16 15.62 -42.19 -3.88
C ALA C 16 16.39 -42.50 -2.61
N ILE C 17 17.70 -42.22 -2.61
CA ILE C 17 18.54 -42.34 -1.42
C ILE C 17 18.01 -41.45 -0.29
N PHE C 18 17.83 -40.16 -0.63
CA PHE C 18 17.30 -39.22 0.36
C PHE C 18 15.94 -39.65 0.96
N ARG C 19 15.02 -40.05 0.11
CA ARG C 19 13.70 -40.46 0.55
C ARG C 19 13.83 -41.62 1.50
N SER C 20 14.66 -42.60 1.12
CA SER C 20 14.78 -43.83 1.93
C SER C 20 15.37 -43.63 3.33
N LEU C 21 16.11 -42.52 3.50
CA LEU C 21 16.74 -42.20 4.77
C LEU C 21 15.77 -41.66 5.80
N HIS C 22 14.53 -41.35 5.38
CA HIS C 22 13.53 -40.87 6.34
C HIS C 22 12.90 -42.07 7.05
N ARG C 23 13.58 -42.55 8.06
CA ARG C 23 13.21 -43.79 8.75
C ARG C 23 12.79 -43.47 10.17
N ALA C 24 11.53 -43.72 10.46
CA ALA C 24 11.01 -43.57 11.81
C ALA C 24 11.81 -44.42 12.77
N GLY C 25 12.35 -43.78 13.79
CA GLY C 25 13.20 -44.47 14.75
C GLY C 25 14.67 -44.65 14.43
N GLN C 26 15.11 -44.24 13.23
CA GLN C 26 16.54 -44.23 12.85
C GLN C 26 16.68 -42.92 12.05
N PRO C 27 16.51 -41.78 12.73
CA PRO C 27 16.33 -40.51 12.00
C PRO C 27 17.51 -40.07 11.22
N LEU C 28 17.21 -39.47 10.07
CA LEU C 28 18.17 -38.69 9.31
C LEU C 28 18.55 -37.40 10.04
N ALA C 29 19.87 -37.21 10.29
CA ALA C 29 20.32 -36.05 10.99
C ALA C 29 21.07 -35.15 9.98
N LEU C 30 20.57 -33.93 9.81
CA LEU C 30 21.08 -32.95 8.84
C LEU C 30 21.63 -31.74 9.53
N PHE C 31 22.74 -31.18 8.98
CA PHE C 31 23.45 -30.03 9.51
C PHE C 31 23.57 -29.01 8.39
N ASN C 32 22.80 -27.93 8.46
CA ASN C 32 22.63 -27.07 7.33
C ASN C 32 23.99 -26.46 6.87
N VAL C 33 24.23 -26.53 5.58
CA VAL C 33 25.39 -25.96 4.96
C VAL C 33 25.00 -24.72 4.17
N TRP C 34 26.00 -23.91 3.78
CA TRP C 34 25.72 -22.61 3.23
C TRP C 34 26.63 -22.17 2.10
N ASP C 35 27.55 -23.05 1.75
CA ASP C 35 28.42 -22.84 0.61
C ASP C 35 29.10 -24.12 0.22
N ALA C 36 29.84 -24.13 -0.91
CA ALA C 36 30.52 -25.35 -1.36
C ALA C 36 31.55 -25.88 -0.35
N GLY C 37 32.24 -24.96 0.34
CA GLY C 37 33.22 -25.43 1.29
C GLY C 37 32.62 -26.15 2.50
N SER C 38 31.55 -25.59 3.06
CA SER C 38 30.86 -26.19 4.19
C SER C 38 30.22 -27.54 3.78
N ALA C 39 29.66 -27.59 2.57
CA ALA C 39 29.14 -28.84 2.01
C ALA C 39 30.19 -29.93 2.01
N ARG C 40 31.36 -29.59 1.51
CA ARG C 40 32.47 -30.57 1.46
C ARG C 40 32.89 -31.01 2.86
N VAL C 41 32.99 -30.08 3.80
CA VAL C 41 33.37 -30.42 5.17
C VAL C 41 32.39 -31.38 5.82
N VAL C 42 31.10 -31.11 5.60
CA VAL C 42 30.05 -31.92 6.19
C VAL C 42 30.04 -33.33 5.54
N ALA C 43 30.23 -33.42 4.21
CA ALA C 43 30.35 -34.70 3.50
C ALA C 43 31.56 -35.48 4.03
N ASP C 44 32.68 -34.78 4.16
CA ASP C 44 33.90 -35.45 4.61
C ASP C 44 33.84 -35.92 6.08
N ALA C 45 32.97 -35.30 6.89
CA ALA C 45 32.74 -35.65 8.27
C ALA C 45 31.73 -36.82 8.43
N GLY C 46 31.26 -37.37 7.30
CA GLY C 46 30.46 -38.58 7.26
C GLY C 46 28.96 -38.43 7.06
N ALA C 47 28.50 -37.22 6.76
CA ALA C 47 27.04 -37.06 6.48
C ALA C 47 26.61 -37.93 5.29
N VAL C 48 25.36 -38.38 5.28
CA VAL C 48 24.83 -39.14 4.18
C VAL C 48 23.90 -38.33 3.28
N ALA C 49 23.62 -37.10 3.70
CA ALA C 49 22.86 -36.16 2.86
C ALA C 49 23.14 -34.73 3.37
N LEU C 50 22.84 -33.73 2.54
CA LEU C 50 23.08 -32.36 2.91
C LEU C 50 21.81 -31.55 2.82
N ALA C 51 21.67 -30.57 3.68
CA ALA C 51 20.57 -29.60 3.56
C ALA C 51 21.16 -28.22 3.56
N THR C 52 20.55 -27.33 2.78
CA THR C 52 20.88 -25.91 2.91
C THR C 52 19.94 -25.32 3.95
N GLY C 53 20.41 -24.27 4.61
CA GLY C 53 19.59 -23.51 5.54
C GLY C 53 19.48 -22.06 5.08
N SER C 54 18.27 -21.54 4.98
CA SER C 54 18.13 -20.18 4.41
C SER C 54 18.76 -19.13 5.31
N TRP C 55 18.63 -19.27 6.61
CA TRP C 55 19.20 -18.29 7.57
C TRP C 55 20.74 -18.26 7.43
N SER C 56 21.33 -19.45 7.36
CA SER C 56 22.79 -19.58 7.22
C SER C 56 23.30 -19.03 5.86
N VAL C 57 22.60 -19.34 4.78
CA VAL C 57 22.99 -18.86 3.47
C VAL C 57 22.87 -17.33 3.38
N ALA C 58 21.80 -16.80 3.96
CA ALA C 58 21.59 -15.35 3.95
C ALA C 58 22.70 -14.68 4.78
N ALA C 59 22.94 -15.19 5.96
CA ALA C 59 23.94 -14.58 6.84
C ALA C 59 25.31 -14.63 6.20
N ALA C 60 25.65 -15.77 5.63
CA ALA C 60 26.94 -15.92 4.92
C ALA C 60 27.15 -14.90 3.82
N ASN C 61 26.06 -14.53 3.13
CA ASN C 61 26.09 -13.65 1.99
C ASN C 61 25.66 -12.21 2.35
N GLY C 62 25.54 -11.93 3.62
CA GLY C 62 25.32 -10.60 4.12
C GLY C 62 23.89 -10.09 4.08
N PHE C 63 22.90 -10.99 3.99
CA PHE C 63 21.46 -10.63 3.97
C PHE C 63 20.78 -11.02 5.28
N VAL C 64 19.63 -10.42 5.51
CA VAL C 64 18.64 -10.84 6.52
C VAL C 64 17.85 -12.07 5.93
N ASP C 65 17.35 -12.95 6.79
CA ASP C 65 16.52 -14.12 6.39
C ASP C 65 15.14 -13.59 5.97
N GLY C 66 14.30 -14.49 5.40
CA GLY C 66 12.95 -14.10 5.00
C GLY C 66 12.83 -13.62 3.55
N GLU C 67 13.54 -14.31 2.65
CA GLU C 67 13.44 -14.10 1.20
C GLU C 67 13.87 -12.70 0.81
N GLN C 68 14.86 -12.16 1.52
N GLN C 68 14.84 -12.15 1.54
CA GLN C 68 15.48 -10.91 1.13
CA GLN C 68 15.51 -10.88 1.18
C GLN C 68 16.60 -11.17 0.13
C GLN C 68 16.61 -11.15 0.16
N MET C 69 17.31 -12.28 0.29
CA MET C 69 18.29 -12.69 -0.74
C MET C 69 17.52 -13.03 -2.04
N PRO C 70 17.90 -12.43 -3.17
CA PRO C 70 17.27 -12.79 -4.42
C PRO C 70 17.31 -14.29 -4.73
N ARG C 71 16.20 -14.77 -5.24
CA ARG C 71 16.07 -16.16 -5.63
C ARG C 71 17.19 -16.63 -6.54
N ALA C 72 17.54 -15.80 -7.52
CA ALA C 72 18.59 -16.22 -8.46
C ALA C 72 19.93 -16.46 -7.76
N LEU C 73 20.27 -15.56 -6.82
CA LEU C 73 21.49 -15.70 -6.06
C LEU C 73 21.47 -16.97 -5.18
N MET C 74 20.34 -17.25 -4.55
N MET C 74 20.33 -17.26 -4.58
CA MET C 74 20.17 -18.48 -3.75
CA MET C 74 20.17 -18.45 -3.74
C MET C 74 20.41 -19.69 -4.64
C MET C 74 20.23 -19.75 -4.58
N MET C 75 19.84 -19.66 -5.85
CA MET C 75 19.94 -20.79 -6.76
C MET C 75 21.39 -20.98 -7.17
N GLU C 76 22.14 -19.90 -7.37
CA GLU C 76 23.59 -20.04 -7.64
C GLU C 76 24.34 -20.72 -6.48
N VAL C 77 24.04 -20.31 -5.24
CA VAL C 77 24.65 -20.95 -4.04
C VAL C 77 24.29 -22.42 -4.02
N LEU C 78 22.99 -22.73 -4.28
CA LEU C 78 22.53 -24.10 -4.28
C LEU C 78 23.30 -24.91 -5.28
N GLU C 79 23.47 -24.39 -6.50
CA GLU C 79 24.21 -25.12 -7.53
C GLU C 79 25.64 -25.47 -7.07
N ARG C 80 26.31 -24.50 -6.45
CA ARG C 80 27.68 -24.73 -5.98
C ARG C 80 27.71 -25.77 -4.88
N ILE C 81 26.69 -25.78 -4.02
CA ILE C 81 26.58 -26.81 -2.98
C ILE C 81 26.35 -28.19 -3.59
N VAL C 82 25.42 -28.28 -4.56
CA VAL C 82 25.11 -29.52 -5.24
C VAL C 82 26.34 -30.11 -5.92
N ARG C 83 27.07 -29.23 -6.60
CA ARG C 83 28.29 -29.60 -7.31
C ARG C 83 29.46 -30.04 -6.42
N ALA C 84 29.46 -29.65 -5.16
CA ALA C 84 30.59 -29.86 -4.29
C ALA C 84 30.79 -31.30 -3.87
N THR C 85 29.69 -32.07 -3.81
CA THR C 85 29.75 -33.45 -3.34
C THR C 85 28.77 -34.31 -4.11
N ASP C 86 28.91 -35.62 -3.94
CA ASP C 86 28.00 -36.56 -4.58
C ASP C 86 26.77 -36.91 -3.72
N LEU C 87 26.62 -36.26 -2.57
CA LEU C 87 25.52 -36.54 -1.68
C LEU C 87 24.21 -35.92 -2.21
N PRO C 88 23.05 -36.48 -1.85
CA PRO C 88 21.78 -35.79 -2.13
C PRO C 88 21.70 -34.46 -1.36
N VAL C 89 21.17 -33.43 -2.01
CA VAL C 89 21.05 -32.12 -1.38
C VAL C 89 19.57 -31.71 -1.39
N THR C 90 19.08 -31.32 -0.21
CA THR C 90 17.78 -30.67 -0.06
C THR C 90 17.93 -29.19 0.25
N VAL C 91 17.03 -28.37 -0.32
CA VAL C 91 17.14 -26.92 -0.22
C VAL C 91 15.99 -26.28 0.58
N ASP C 92 16.39 -25.41 1.50
CA ASP C 92 15.41 -24.58 2.21
C ASP C 92 14.94 -23.47 1.30
N LEU C 93 13.69 -23.54 0.86
CA LEU C 93 13.07 -22.55 -0.03
C LEU C 93 12.19 -21.55 0.74
N GLU C 94 12.26 -21.57 2.05
CA GLU C 94 11.41 -20.67 2.86
C GLU C 94 9.97 -20.89 2.44
N SER C 95 9.21 -19.84 2.19
CA SER C 95 7.81 -20.04 1.77
C SER C 95 7.65 -20.22 0.27
N GLY C 96 8.75 -20.30 -0.46
CA GLY C 96 8.75 -20.71 -1.87
C GLY C 96 8.97 -19.60 -2.89
N TYR C 97 9.36 -18.41 -2.41
CA TYR C 97 9.75 -17.30 -3.30
C TYR C 97 8.70 -17.13 -4.35
N GLY C 98 7.46 -16.95 -3.92
CA GLY C 98 6.38 -16.81 -4.87
C GLY C 98 5.12 -16.24 -4.28
N GLU C 99 4.48 -15.34 -5.02
CA GLU C 99 3.23 -14.75 -4.52
C GLU C 99 2.10 -15.77 -4.50
N ARG C 100 1.96 -16.49 -5.60
CA ARG C 100 0.84 -17.40 -5.85
C ARG C 100 1.41 -18.82 -5.96
N PRO C 101 0.54 -19.82 -5.90
CA PRO C 101 1.00 -21.20 -6.12
C PRO C 101 1.79 -21.41 -7.40
N GLU C 102 1.38 -20.77 -8.51
CA GLU C 102 2.12 -20.96 -9.76
C GLU C 102 3.54 -20.39 -9.67
N ASP C 103 3.75 -19.40 -8.84
CA ASP C 103 5.07 -18.83 -8.62
C ASP C 103 5.93 -19.79 -7.80
N VAL C 104 5.33 -20.37 -6.77
CA VAL C 104 6.03 -21.40 -5.95
C VAL C 104 6.42 -22.58 -6.85
N ALA C 105 5.53 -22.99 -7.75
CA ALA C 105 5.87 -24.10 -8.70
C ALA C 105 7.14 -23.77 -9.50
N GLU C 106 7.27 -22.53 -10.01
CA GLU C 106 8.46 -22.07 -10.70
C GLU C 106 9.72 -22.17 -9.87
N THR C 107 9.62 -21.74 -8.61
CA THR C 107 10.75 -21.88 -7.68
C THR C 107 11.18 -23.35 -7.53
N ILE C 108 10.21 -24.24 -7.37
CA ILE C 108 10.50 -25.68 -7.24
C ILE C 108 11.17 -26.21 -8.49
N ALA C 109 10.66 -25.81 -9.66
CA ALA C 109 11.23 -26.24 -10.94
C ALA C 109 12.66 -25.77 -11.04
N MET C 110 12.91 -24.53 -10.64
CA MET C 110 14.24 -23.99 -10.62
C MET C 110 15.16 -24.74 -9.68
N SER C 111 14.65 -25.13 -8.52
CA SER C 111 15.50 -25.89 -7.63
C SER C 111 15.91 -27.23 -8.18
N ILE C 112 15.04 -27.87 -8.91
CA ILE C 112 15.33 -29.14 -9.60
C ILE C 112 16.39 -28.95 -10.68
N ARG C 113 16.23 -27.89 -11.47
CA ARG C 113 17.23 -27.51 -12.48
C ARG C 113 18.58 -27.27 -11.86
N ALA C 114 18.59 -26.75 -10.62
CA ALA C 114 19.77 -26.49 -9.90
C ALA C 114 20.40 -27.75 -9.26
N GLY C 115 19.69 -28.87 -9.22
CA GLY C 115 20.23 -30.11 -8.76
C GLY C 115 19.76 -30.61 -7.40
N ALA C 116 18.83 -29.89 -6.80
CA ALA C 116 18.25 -30.31 -5.49
C ALA C 116 17.29 -31.44 -5.71
N ILE C 117 17.22 -32.35 -4.73
CA ILE C 117 16.32 -33.49 -4.75
C ILE C 117 15.20 -33.42 -3.69
N GLY C 118 15.07 -32.27 -3.08
CA GLY C 118 14.02 -32.03 -2.13
C GLY C 118 14.06 -30.60 -1.64
N CYS C 119 13.03 -30.24 -0.87
CA CYS C 119 13.00 -28.89 -0.28
C CYS C 119 12.33 -28.89 1.09
N ASN C 120 12.57 -27.80 1.81
CA ASN C 120 11.68 -27.36 2.86
C ASN C 120 10.87 -26.22 2.31
N LEU C 121 9.55 -26.34 2.51
CA LEU C 121 8.58 -25.34 2.05
C LEU C 121 7.70 -24.97 3.22
N GLU C 122 7.72 -23.69 3.61
CA GLU C 122 7.16 -23.16 4.88
C GLU C 122 5.81 -22.45 4.73
N ASP C 123 4.91 -22.60 5.69
CA ASP C 123 3.56 -22.08 5.59
C ASP C 123 3.34 -20.69 6.24
N SER C 124 4.39 -19.89 6.30
CA SER C 124 4.27 -18.52 6.84
C SER C 124 4.54 -17.47 5.77
N PHE C 125 4.04 -16.27 6.06
CA PHE C 125 4.36 -15.07 5.21
C PHE C 125 5.74 -14.55 5.57
N PRO C 126 6.59 -14.32 4.56
CA PRO C 126 7.97 -14.02 4.90
C PRO C 126 8.17 -12.66 5.62
N SER C 127 7.29 -11.70 5.37
CA SER C 127 7.49 -10.36 5.93
C SER C 127 7.15 -10.30 7.42
N THR C 128 6.20 -11.14 7.87
CA THR C 128 5.62 -11.08 9.21
C THR C 128 5.78 -12.31 10.09
N GLY C 129 6.04 -13.47 9.49
CA GLY C 129 6.06 -14.73 10.24
C GLY C 129 4.67 -15.26 10.51
N GLU C 130 3.61 -14.57 10.10
CA GLU C 130 2.26 -15.05 10.40
C GLU C 130 1.94 -16.25 9.51
N LEU C 131 1.03 -17.08 9.97
CA LEU C 131 0.71 -18.30 9.24
C LEU C 131 -0.25 -18.05 8.10
N ARG C 132 0.01 -18.69 6.98
CA ARG C 132 -0.93 -18.74 5.86
C ARG C 132 -2.13 -19.62 6.26
N ASP C 133 -3.30 -19.30 5.73
CA ASP C 133 -4.47 -20.17 5.89
C ASP C 133 -4.08 -21.60 5.46
N VAL C 134 -4.60 -22.57 6.16
CA VAL C 134 -4.24 -23.98 5.89
C VAL C 134 -4.37 -24.37 4.43
N ASP C 135 -5.47 -23.97 3.78
CA ASP C 135 -5.69 -24.39 2.39
C ASP C 135 -4.91 -23.57 1.36
N GLU C 136 -4.55 -22.35 1.73
CA GLU C 136 -3.68 -21.53 0.89
C GLU C 136 -2.26 -22.13 0.96
N ALA C 137 -1.84 -22.53 2.16
CA ALA C 137 -0.55 -23.22 2.32
C ALA C 137 -0.52 -24.55 1.53
N ALA C 138 -1.62 -25.33 1.66
CA ALA C 138 -1.76 -26.58 0.95
C ALA C 138 -1.70 -26.41 -0.56
N ALA C 139 -2.31 -25.34 -1.08
CA ALA C 139 -2.26 -25.10 -2.52
C ALA C 139 -0.86 -24.86 -3.07
N ARG C 140 -0.04 -24.24 -2.26
CA ARG C 140 1.38 -23.96 -2.61
C ARG C 140 2.12 -25.28 -2.67
N ILE C 141 1.88 -26.14 -1.67
CA ILE C 141 2.43 -27.52 -1.68
C ILE C 141 1.98 -28.31 -2.91
N ALA C 142 0.71 -28.19 -3.27
CA ALA C 142 0.19 -28.95 -4.38
C ALA C 142 0.80 -28.50 -5.71
N ALA C 143 1.04 -27.20 -5.81
CA ALA C 143 1.69 -26.65 -7.00
C ALA C 143 3.13 -27.15 -7.09
N ALA C 144 3.83 -27.15 -5.93
CA ALA C 144 5.17 -27.68 -5.85
C ALA C 144 5.22 -29.15 -6.27
N ARG C 145 4.28 -29.95 -5.79
CA ARG C 145 4.23 -31.37 -6.09
C ARG C 145 4.01 -31.55 -7.57
N GLN C 146 3.11 -30.73 -8.11
CA GLN C 146 2.84 -30.84 -9.57
C GLN C 146 4.06 -30.50 -10.41
N ALA C 147 4.82 -29.48 -10.00
CA ALA C 147 6.01 -29.10 -10.73
C ALA C 147 7.04 -30.23 -10.70
N ALA C 148 7.22 -30.85 -9.54
CA ALA C 148 8.21 -31.91 -9.41
C ALA C 148 7.76 -33.13 -10.25
N ASP C 149 6.47 -33.41 -10.23
CA ASP C 149 5.94 -34.57 -10.94
C ASP C 149 6.10 -34.33 -12.44
N ARG C 150 5.87 -33.12 -12.89
CA ARG C 150 5.98 -32.75 -14.33
C ARG C 150 7.44 -32.80 -14.81
N ALA C 151 8.35 -32.42 -13.92
CA ALA C 151 9.77 -32.60 -14.18
C ALA C 151 10.25 -34.06 -14.26
N GLY C 152 9.42 -35.00 -13.82
CA GLY C 152 9.75 -36.43 -13.79
C GLY C 152 10.82 -36.81 -12.80
N VAL C 153 10.92 -36.05 -11.70
CA VAL C 153 11.95 -36.29 -10.74
C VAL C 153 11.39 -36.76 -9.39
N ASP C 154 12.21 -37.51 -8.70
CA ASP C 154 11.93 -38.01 -7.38
C ASP C 154 12.38 -36.94 -6.40
N TYR C 155 11.42 -36.27 -5.79
CA TYR C 155 11.71 -35.01 -5.08
C TYR C 155 10.92 -34.95 -3.78
N PHE C 156 11.61 -34.67 -2.68
CA PHE C 156 11.01 -34.76 -1.36
C PHE C 156 10.61 -33.38 -0.85
N ILE C 157 9.29 -33.18 -0.71
CA ILE C 157 8.77 -31.91 -0.25
C ILE C 157 8.51 -32.07 1.25
N ASN C 158 9.37 -31.42 2.05
CA ASN C 158 9.26 -31.41 3.50
C ASN C 158 8.50 -30.17 3.84
N ALA C 159 7.25 -30.35 4.20
CA ALA C 159 6.37 -29.22 4.53
C ALA C 159 6.58 -28.74 5.93
N ARG C 160 7.18 -27.58 6.06
CA ARG C 160 7.39 -26.93 7.32
C ARG C 160 6.11 -26.19 7.75
N THR C 161 5.67 -26.49 8.97
CA THR C 161 4.62 -25.67 9.57
C THR C 161 5.16 -24.89 10.75
N ASP C 162 4.77 -23.62 10.85
CA ASP C 162 5.26 -22.74 11.88
C ASP C 162 4.31 -22.58 13.05
N VAL C 163 3.36 -23.47 13.21
CA VAL C 163 2.41 -23.41 14.33
C VAL C 163 3.12 -23.26 15.66
N PHE C 164 4.07 -24.14 15.97
CA PHE C 164 4.82 -24.07 17.25
C PHE C 164 5.87 -22.96 17.21
N PHE C 165 6.47 -22.72 16.05
CA PHE C 165 7.59 -21.86 15.89
C PHE C 165 7.23 -20.42 16.27
N LYS C 166 6.02 -20.05 15.90
CA LYS C 166 5.51 -18.69 16.05
C LYS C 166 4.89 -18.52 17.42
N ALA C 167 4.49 -19.64 18.06
CA ALA C 167 3.64 -19.60 19.25
C ALA C 167 4.40 -19.41 20.55
N ALA C 168 3.68 -18.76 21.46
CA ALA C 168 4.08 -18.61 22.84
C ALA C 168 4.01 -20.00 23.45
N THR C 169 5.15 -20.42 24.01
CA THR C 169 5.28 -21.73 24.66
C THR C 169 4.21 -22.02 25.70
N GLU C 170 3.72 -21.02 26.42
CA GLU C 170 2.58 -21.24 27.34
C GLU C 170 1.37 -21.82 26.58
N THR C 171 1.22 -21.45 25.30
CA THR C 171 0.19 -22.05 24.45
C THR C 171 0.61 -23.40 23.83
N HIS C 172 1.85 -23.86 24.09
CA HIS C 172 2.32 -25.15 23.49
C HIS C 172 1.62 -26.28 24.19
N ASP C 173 0.45 -26.64 23.66
CA ASP C 173 -0.46 -27.55 24.30
C ASP C 173 -1.15 -28.39 23.26
N GLU C 174 -2.13 -29.16 23.72
CA GLU C 174 -2.89 -30.07 22.87
C GLU C 174 -3.59 -29.29 21.77
N ARG C 175 -4.09 -28.09 22.09
CA ARG C 175 -4.63 -27.15 21.07
C ARG C 175 -3.69 -26.92 19.92
N LEU C 176 -2.45 -26.52 20.20
CA LEU C 176 -1.50 -26.26 19.16
C LEU C 176 -1.16 -27.56 18.44
N LEU C 177 -1.09 -28.66 19.17
CA LEU C 177 -0.80 -29.94 18.49
C LEU C 177 -1.93 -30.34 17.54
N ASP C 178 -3.18 -30.14 17.97
CA ASP C 178 -4.30 -30.43 17.08
C ASP C 178 -4.30 -29.58 15.81
N ALA C 179 -3.95 -28.30 15.93
CA ALA C 179 -3.84 -27.41 14.75
C ALA C 179 -2.75 -27.92 13.84
N THR C 180 -1.65 -28.33 14.45
CA THR C 180 -0.48 -28.83 13.69
C THR C 180 -0.86 -30.10 12.90
N LEU C 181 -1.61 -31.00 13.51
CA LEU C 181 -2.03 -32.23 12.87
C LEU C 181 -3.05 -31.95 11.77
N ALA C 182 -3.91 -30.96 11.96
CA ALA C 182 -4.86 -30.58 10.93
C ALA C 182 -4.13 -30.09 9.68
N ARG C 183 -3.12 -29.24 9.88
CA ARG C 183 -2.26 -28.80 8.78
C ARG C 183 -1.51 -29.99 8.16
N ALA C 184 -0.98 -30.88 8.97
CA ALA C 184 -0.29 -32.07 8.46
C ALA C 184 -1.17 -32.88 7.51
N ARG C 185 -2.42 -33.11 7.90
CA ARG C 185 -3.27 -33.88 7.03
C ARG C 185 -3.58 -33.15 5.72
N ALA C 186 -3.80 -31.86 5.80
CA ALA C 186 -4.04 -31.04 4.58
C ALA C 186 -2.82 -31.07 3.69
N TYR C 187 -1.64 -30.92 4.30
CA TYR C 187 -0.38 -30.95 3.56
C TYR C 187 -0.03 -32.29 2.89
N ALA C 188 -0.32 -33.37 3.57
CA ALA C 188 -0.10 -34.70 3.04
C ALA C 188 -1.06 -34.92 1.87
N ALA C 189 -2.32 -34.50 1.97
CA ALA C 189 -3.24 -34.68 0.90
C ALA C 189 -2.89 -33.88 -0.35
N ALA C 190 -2.23 -32.75 -0.15
CA ALA C 190 -1.71 -31.88 -1.22
C ALA C 190 -0.43 -32.36 -1.87
N GLY C 191 0.21 -33.36 -1.27
CA GLY C 191 1.36 -34.00 -1.87
C GLY C 191 2.67 -33.84 -1.11
N ALA C 192 2.66 -33.32 0.13
CA ALA C 192 3.92 -33.28 0.88
C ALA C 192 4.40 -34.68 1.21
N ASP C 193 5.73 -34.82 1.33
CA ASP C 193 6.38 -36.07 1.68
C ASP C 193 6.81 -36.16 3.14
N GLY C 194 7.00 -35.02 3.77
CA GLY C 194 7.46 -34.93 5.15
C GLY C 194 6.84 -33.78 5.84
N LEU C 195 6.79 -33.84 7.16
CA LEU C 195 6.35 -32.75 8.02
C LEU C 195 7.44 -32.28 8.97
N PHE C 196 7.68 -30.96 8.97
CA PHE C 196 8.69 -30.34 9.84
C PHE C 196 8.00 -29.37 10.78
N VAL C 197 8.18 -29.58 12.08
CA VAL C 197 7.53 -28.78 13.11
C VAL C 197 8.58 -28.18 14.03
N PRO C 198 9.26 -27.12 13.57
CA PRO C 198 10.23 -26.45 14.44
C PRO C 198 9.61 -25.77 15.63
N GLY C 199 10.37 -25.65 16.73
CA GLY C 199 9.77 -25.05 17.91
C GLY C 199 9.10 -26.01 18.86
N LEU C 200 8.98 -27.28 18.47
CA LEU C 200 8.32 -28.28 19.30
C LEU C 200 9.43 -29.03 20.01
N ARG C 201 9.41 -28.94 21.35
CA ARG C 201 10.43 -29.50 22.24
C ARG C 201 9.85 -30.53 23.23
N SER C 202 8.55 -30.48 23.50
CA SER C 202 7.91 -31.30 24.54
C SER C 202 7.90 -32.77 24.15
N PRO C 203 8.49 -33.63 25.02
CA PRO C 203 8.42 -35.01 24.67
C PRO C 203 7.01 -35.58 24.43
N ALA C 204 6.06 -35.31 25.34
CA ALA C 204 4.71 -35.84 25.18
C ALA C 204 4.09 -35.38 23.86
N LEU C 205 4.32 -34.12 23.50
CA LEU C 205 3.77 -33.61 22.26
C LEU C 205 4.44 -34.18 21.02
N ILE C 206 5.73 -34.35 21.07
CA ILE C 206 6.46 -35.00 19.95
C ILE C 206 5.94 -36.43 19.73
N ARG C 207 5.78 -37.15 20.84
CA ARG C 207 5.26 -38.50 20.78
C ARG C 207 3.91 -38.54 20.11
N ALA C 208 3.02 -37.65 20.55
CA ALA C 208 1.67 -37.62 20.06
C ALA C 208 1.61 -37.23 18.59
N LEU C 209 2.43 -36.25 18.21
CA LEU C 209 2.52 -35.81 16.82
C LEU C 209 2.96 -36.96 15.95
N THR C 210 4.01 -37.63 16.40
N THR C 210 4.04 -37.66 16.32
CA THR C 210 4.63 -38.68 15.62
CA THR C 210 4.49 -38.76 15.45
C THR C 210 3.70 -39.95 15.50
C THR C 210 3.48 -39.89 15.39
N ALA C 211 2.88 -40.22 16.51
CA ALA C 211 1.87 -41.26 16.48
C ALA C 211 0.74 -40.99 15.52
N ALA C 212 0.35 -39.72 15.36
CA ALA C 212 -0.79 -39.35 14.56
C ALA C 212 -0.45 -38.80 13.17
N SER C 213 0.80 -38.48 12.92
CA SER C 213 1.16 -37.83 11.66
C SER C 213 1.05 -38.73 10.46
N PRO C 214 0.52 -38.18 9.34
CA PRO C 214 0.43 -38.93 8.15
C PRO C 214 1.75 -39.02 7.40
N LEU C 215 2.76 -38.27 7.86
CA LEU C 215 4.02 -38.13 7.18
C LEU C 215 5.20 -38.30 8.17
N PRO C 216 6.37 -38.67 7.65
CA PRO C 216 7.57 -38.73 8.50
C PRO C 216 7.86 -37.40 9.10
N VAL C 217 8.17 -37.44 10.38
CA VAL C 217 8.24 -36.22 11.21
C VAL C 217 9.70 -35.78 11.41
N ASN C 218 9.93 -34.50 11.15
CA ASN C 218 11.18 -33.77 11.38
C ASN C 218 10.95 -32.84 12.54
N VAL C 219 11.83 -32.95 13.55
CA VAL C 219 11.92 -31.98 14.64
C VAL C 219 13.24 -31.24 14.54
N MET C 220 13.31 -30.10 15.22
CA MET C 220 14.54 -29.29 15.25
C MET C 220 15.03 -29.37 16.66
N ARG C 221 16.25 -29.86 16.82
CA ARG C 221 16.86 -29.98 18.14
C ARG C 221 17.42 -28.65 18.57
N VAL C 222 17.06 -28.28 19.79
CA VAL C 222 17.30 -26.96 20.35
C VAL C 222 18.45 -27.07 21.32
N ALA C 223 18.37 -28.02 22.22
CA ALA C 223 19.41 -28.13 23.24
C ALA C 223 19.87 -29.58 23.32
N GLU C 224 20.24 -30.04 24.49
CA GLU C 224 20.65 -31.42 24.64
C GLU C 224 19.40 -32.32 24.68
N THR C 225 18.22 -31.70 24.73
CA THR C 225 16.98 -32.36 25.12
C THR C 225 15.80 -32.08 24.17
N PRO C 226 15.02 -33.14 23.82
CA PRO C 226 15.23 -34.55 24.16
C PRO C 226 16.47 -35.07 23.49
N THR C 227 17.02 -36.17 24.02
CA THR C 227 18.16 -36.79 23.39
C THR C 227 17.83 -37.49 22.10
N LEU C 228 18.88 -37.83 21.32
CA LEU C 228 18.71 -38.60 20.13
C LEU C 228 17.99 -39.90 20.40
N ALA C 229 18.40 -40.61 21.45
CA ALA C 229 17.74 -41.89 21.69
C ALA C 229 16.28 -41.72 22.02
N GLU C 230 15.93 -40.65 22.71
CA GLU C 230 14.54 -40.42 23.04
C GLU C 230 13.77 -40.08 21.78
N LEU C 231 14.36 -39.23 20.91
CA LEU C 231 13.66 -38.89 19.67
C LEU C 231 13.41 -40.10 18.79
N ALA C 232 14.40 -40.98 18.73
CA ALA C 232 14.29 -42.21 18.01
C ALA C 232 13.14 -43.05 18.57
N GLU C 233 13.06 -43.16 19.90
CA GLU C 233 12.00 -43.95 20.52
C GLU C 233 10.60 -43.40 20.28
N TYR C 234 10.48 -42.08 20.08
CA TYR C 234 9.18 -41.50 19.72
C TYR C 234 8.80 -41.84 18.28
N GLY C 235 9.76 -42.26 17.43
CA GLY C 235 9.50 -42.51 16.04
C GLY C 235 9.81 -41.36 15.10
N VAL C 236 10.54 -40.36 15.57
CA VAL C 236 10.96 -39.26 14.70
C VAL C 236 11.78 -39.81 13.55
N ALA C 237 11.64 -39.21 12.33
CA ALA C 237 12.32 -39.69 11.13
C ALA C 237 13.44 -38.77 10.64
N ARG C 238 13.51 -37.57 11.16
CA ARG C 238 14.47 -36.57 10.66
C ARG C 238 14.75 -35.54 11.73
N ILE C 239 16.02 -35.14 11.88
CA ILE C 239 16.39 -34.17 12.86
C ILE C 239 17.16 -33.04 12.17
N SER C 240 16.79 -31.85 12.47
CA SER C 240 17.62 -30.71 12.02
C SER C 240 17.97 -29.78 13.15
N HIS C 241 18.84 -28.83 12.81
CA HIS C 241 19.50 -27.96 13.76
C HIS C 241 19.46 -26.48 13.45
N GLY C 242 18.73 -26.07 12.42
CA GLY C 242 18.66 -24.65 12.09
C GLY C 242 20.05 -24.10 11.85
N PRO C 243 20.25 -22.84 12.22
CA PRO C 243 21.56 -22.24 11.92
C PRO C 243 22.60 -22.54 12.99
N TYR C 244 22.33 -23.42 13.93
CA TYR C 244 23.34 -23.73 14.95
C TYR C 244 24.74 -24.07 14.39
N PRO C 245 24.86 -24.89 13.32
CA PRO C 245 26.23 -25.21 12.84
C PRO C 245 27.01 -23.93 12.41
N TYR C 246 26.35 -23.09 11.63
CA TYR C 246 26.96 -21.88 11.11
C TYR C 246 27.35 -21.03 12.30
N LEU C 247 26.41 -20.87 13.22
CA LEU C 247 26.67 -20.03 14.38
C LEU C 247 27.85 -20.54 15.22
N GLN C 248 27.99 -21.86 15.32
CA GLN C 248 29.14 -22.44 16.06
C GLN C 248 30.43 -22.20 15.31
N ALA C 249 30.41 -22.33 13.99
CA ALA C 249 31.60 -22.07 13.21
C ALA C 249 32.01 -20.61 13.37
N MET C 250 31.03 -19.71 13.42
CA MET C 250 31.31 -18.29 13.56
C MET C 250 31.77 -17.93 15.00
N LYS C 251 31.28 -18.64 16.01
CA LYS C 251 31.80 -18.48 17.39
C LYS C 251 33.30 -18.77 17.45
N THR C 252 33.72 -19.80 16.74
CA THR C 252 35.13 -20.21 16.72
C THR C 252 35.94 -19.06 16.11
N LEU C 253 35.39 -18.50 15.02
CA LEU C 253 36.07 -17.40 14.31
C LEU C 253 36.22 -16.18 15.20
N ALA C 254 35.12 -15.80 15.84
CA ALA C 254 35.11 -14.64 16.71
C ALA C 254 36.08 -14.82 17.88
N ALA C 255 36.14 -16.02 18.44
CA ALA C 255 37.05 -16.30 19.58
C ALA C 255 38.52 -16.19 19.15
N LEU C 256 38.84 -16.58 17.92
CA LEU C 256 40.22 -16.36 17.44
C LEU C 256 40.59 -14.91 17.40
N VAL C 257 39.67 -14.08 16.90
CA VAL C 257 39.91 -12.64 16.86
C VAL C 257 40.11 -12.07 18.28
N LYS C 258 39.25 -12.45 19.22
CA LYS C 258 39.35 -11.93 20.59
C LYS C 258 40.53 -12.45 21.38
N GLN C 259 40.92 -13.69 21.17
CA GLN C 259 42.03 -14.29 21.92
C GLN C 259 43.40 -13.97 21.33
N GLY C 260 43.43 -13.16 20.27
CA GLY C 260 44.64 -12.97 19.46
C GLY C 260 45.15 -14.27 18.85
N GLY C 261 44.25 -15.18 18.49
CA GLY C 261 44.61 -16.48 17.90
C GLY C 261 44.71 -16.42 16.39
N ASN D 12 -30.98 33.87 -38.41
CA ASN D 12 -30.21 34.67 -37.39
C ASN D 12 -29.66 33.86 -36.20
N GLU D 13 -30.20 32.67 -35.95
CA GLU D 13 -29.76 31.91 -34.80
C GLU D 13 -28.73 30.83 -35.19
N LYS D 14 -28.03 30.96 -36.33
CA LYS D 14 -27.16 29.84 -36.81
C LYS D 14 -26.07 29.43 -35.78
N GLY D 15 -25.35 30.41 -35.24
CA GLY D 15 -24.36 30.13 -34.19
C GLY D 15 -24.94 29.46 -32.94
N ALA D 16 -26.07 29.96 -32.47
CA ALA D 16 -26.72 29.33 -31.32
C ALA D 16 -27.17 27.90 -31.62
N ILE D 17 -27.75 27.71 -32.78
CA ILE D 17 -28.20 26.40 -33.19
C ILE D 17 -27.01 25.41 -33.16
N PHE D 18 -25.94 25.80 -33.84
CA PHE D 18 -24.74 24.99 -33.95
C PHE D 18 -24.19 24.63 -32.58
N ARG D 19 -24.05 25.63 -31.72
CA ARG D 19 -23.56 25.39 -30.37
C ARG D 19 -24.43 24.37 -29.65
N SER D 20 -25.75 24.51 -29.78
CA SER D 20 -26.66 23.60 -29.06
C SER D 20 -26.58 22.16 -29.54
N LEU D 21 -26.07 21.93 -30.75
CA LEU D 21 -26.01 20.57 -31.28
C LEU D 21 -24.83 19.78 -30.71
N HIS D 22 -23.95 20.45 -29.98
CA HIS D 22 -22.82 19.76 -29.34
C HIS D 22 -23.25 19.08 -28.03
N ARG D 23 -23.85 17.92 -28.16
CA ARG D 23 -24.48 17.21 -27.05
C ARG D 23 -23.74 15.89 -26.81
N ALA D 24 -23.07 15.79 -25.68
CA ALA D 24 -22.41 14.55 -25.34
C ALA D 24 -23.41 13.40 -25.44
N GLY D 25 -23.04 12.35 -26.15
CA GLY D 25 -23.89 11.19 -26.30
C GLY D 25 -25.04 11.31 -27.29
N GLN D 26 -25.23 12.49 -27.91
CA GLN D 26 -26.17 12.68 -28.97
C GLN D 26 -25.47 13.61 -29.97
N PRO D 27 -24.37 13.14 -30.51
CA PRO D 27 -23.41 14.02 -31.18
C PRO D 27 -23.83 14.56 -32.53
N LEU D 28 -23.32 15.73 -32.81
CA LEU D 28 -23.40 16.32 -34.13
C LEU D 28 -22.49 15.54 -35.07
N ALA D 29 -23.00 15.10 -36.21
CA ALA D 29 -22.17 14.44 -37.20
C ALA D 29 -22.04 15.39 -38.34
N LEU D 30 -20.78 15.69 -38.68
CA LEU D 30 -20.48 16.70 -39.73
C LEU D 30 -19.74 16.06 -40.86
N PHE D 31 -20.11 16.46 -42.08
CA PHE D 31 -19.42 16.04 -43.29
C PHE D 31 -18.70 17.31 -43.80
N ASN D 32 -17.42 17.12 -44.18
CA ASN D 32 -16.66 18.25 -44.62
C ASN D 32 -17.01 18.44 -46.11
N VAL D 33 -17.52 19.61 -46.47
CA VAL D 33 -17.84 19.95 -47.83
C VAL D 33 -16.79 20.92 -48.32
N TRP D 34 -16.64 21.06 -49.65
CA TRP D 34 -15.43 21.67 -50.23
C TRP D 34 -15.76 22.67 -51.35
N ASP D 35 -17.05 22.81 -51.64
CA ASP D 35 -17.57 23.80 -52.55
C ASP D 35 -19.08 23.95 -52.36
N ALA D 36 -19.64 24.93 -53.07
CA ALA D 36 -21.07 25.23 -52.97
C ALA D 36 -21.92 24.06 -53.36
N GLY D 37 -21.50 23.30 -54.38
CA GLY D 37 -22.30 22.15 -54.83
C GLY D 37 -22.38 21.02 -53.79
N SER D 38 -21.26 20.72 -53.17
CA SER D 38 -21.19 19.67 -52.16
C SER D 38 -21.96 20.11 -50.89
N ALA D 39 -21.91 21.39 -50.56
CA ALA D 39 -22.66 21.93 -49.45
C ALA D 39 -24.15 21.71 -49.70
N ARG D 40 -24.61 22.01 -50.90
CA ARG D 40 -26.02 21.85 -51.20
C ARG D 40 -26.44 20.39 -51.15
N VAL D 41 -25.60 19.50 -51.66
CA VAL D 41 -25.90 18.08 -51.66
C VAL D 41 -26.04 17.55 -50.22
N VAL D 42 -25.11 17.96 -49.37
CA VAL D 42 -25.10 17.50 -47.94
C VAL D 42 -26.33 18.06 -47.24
N ALA D 43 -26.64 19.33 -47.46
CA ALA D 43 -27.86 19.95 -46.91
C ALA D 43 -29.14 19.26 -47.38
N ASP D 44 -29.25 19.00 -48.69
CA ASP D 44 -30.45 18.36 -49.22
C ASP D 44 -30.60 16.92 -48.72
N ALA D 45 -29.48 16.28 -48.34
CA ALA D 45 -29.49 14.92 -47.78
C ALA D 45 -29.85 14.91 -46.30
N GLY D 46 -30.12 16.08 -45.71
CA GLY D 46 -30.72 16.17 -44.37
C GLY D 46 -29.79 16.60 -43.23
N ALA D 47 -28.62 17.11 -43.57
CA ALA D 47 -27.66 17.54 -42.53
C ALA D 47 -28.21 18.73 -41.79
N VAL D 48 -27.82 18.89 -40.54
CA VAL D 48 -28.30 20.05 -39.76
C VAL D 48 -27.26 21.14 -39.63
N ALA D 49 -26.02 20.85 -40.03
CA ALA D 49 -24.95 21.83 -40.06
C ALA D 49 -23.91 21.34 -41.02
N LEU D 50 -23.05 22.24 -41.48
CA LEU D 50 -21.95 21.86 -42.41
C LEU D 50 -20.58 22.25 -41.84
N ALA D 51 -19.54 21.57 -42.28
CA ALA D 51 -18.17 21.96 -41.94
C ALA D 51 -17.37 22.03 -43.22
N THR D 52 -16.37 22.90 -43.26
CA THR D 52 -15.37 22.78 -44.32
C THR D 52 -14.12 22.16 -43.74
N GLY D 53 -13.42 21.40 -44.55
CA GLY D 53 -12.13 20.84 -44.13
C GLY D 53 -11.03 21.34 -45.04
N SER D 54 -9.87 21.68 -44.49
CA SER D 54 -8.87 22.35 -45.29
C SER D 54 -8.26 21.43 -46.35
N TRP D 55 -8.15 20.13 -46.01
CA TRP D 55 -7.56 19.18 -46.93
C TRP D 55 -8.39 19.05 -48.22
N SER D 56 -9.70 18.85 -48.04
CA SER D 56 -10.69 18.67 -49.13
C SER D 56 -10.80 19.97 -49.96
N VAL D 57 -10.88 21.10 -49.29
CA VAL D 57 -10.93 22.39 -50.01
C VAL D 57 -9.68 22.57 -50.88
N ALA D 58 -8.51 22.27 -50.33
CA ALA D 58 -7.29 22.45 -51.05
C ALA D 58 -7.26 21.49 -52.21
N ALA D 59 -7.59 20.21 -51.95
CA ALA D 59 -7.54 19.19 -53.04
C ALA D 59 -8.46 19.58 -54.18
N ALA D 60 -9.66 20.01 -53.87
CA ALA D 60 -10.63 20.38 -54.90
C ALA D 60 -10.09 21.51 -55.75
N ASN D 61 -9.49 22.51 -55.09
CA ASN D 61 -8.97 23.71 -55.74
C ASN D 61 -7.55 23.65 -56.27
N GLY D 62 -6.90 22.54 -56.09
CA GLY D 62 -5.61 22.35 -56.73
C GLY D 62 -4.43 22.81 -55.92
N PHE D 63 -4.64 23.00 -54.61
CA PHE D 63 -3.59 23.36 -53.66
C PHE D 63 -3.21 22.18 -52.78
N VAL D 64 -2.02 22.28 -52.22
CA VAL D 64 -1.62 21.37 -51.15
C VAL D 64 -2.16 21.93 -49.81
N ASP D 65 -2.48 21.05 -48.88
CA ASP D 65 -2.98 21.49 -47.55
C ASP D 65 -1.85 22.26 -46.83
N GLY D 66 -2.12 22.80 -45.62
CA GLY D 66 -1.09 23.47 -44.81
C GLY D 66 -0.89 24.95 -45.08
N GLU D 67 -1.99 25.69 -45.23
CA GLU D 67 -1.97 27.14 -45.32
C GLU D 67 -1.19 27.61 -46.56
N GLN D 68 -1.28 26.86 -47.66
CA GLN D 68 -0.65 27.25 -48.93
C GLN D 68 -1.58 28.19 -49.68
N MET D 69 -2.89 27.94 -49.59
CA MET D 69 -3.83 28.85 -50.27
C MET D 69 -3.74 30.28 -49.67
N PRO D 70 -3.59 31.34 -50.50
CA PRO D 70 -3.50 32.70 -49.91
C PRO D 70 -4.76 32.99 -49.06
N ARG D 71 -4.64 33.72 -47.97
CA ARG D 71 -5.74 33.78 -47.00
C ARG D 71 -6.98 34.40 -47.65
N ALA D 72 -6.77 35.44 -48.45
CA ALA D 72 -7.93 36.15 -49.00
C ALA D 72 -8.64 35.25 -50.00
N LEU D 73 -7.88 34.38 -50.69
CA LEU D 73 -8.50 33.44 -51.60
C LEU D 73 -9.26 32.40 -50.82
N MET D 74 -8.66 31.86 -49.75
N MET D 74 -8.62 31.91 -49.76
CA MET D 74 -9.37 30.85 -48.97
CA MET D 74 -9.24 30.93 -48.92
C MET D 74 -10.64 31.43 -48.39
C MET D 74 -10.56 31.42 -48.37
N MET D 75 -10.63 32.67 -47.93
CA MET D 75 -11.90 33.20 -47.38
C MET D 75 -12.98 33.35 -48.43
N GLU D 76 -12.58 33.70 -49.65
CA GLU D 76 -13.57 33.79 -50.72
C GLU D 76 -14.09 32.43 -51.09
N VAL D 77 -13.21 31.46 -51.08
CA VAL D 77 -13.65 30.09 -51.31
C VAL D 77 -14.63 29.63 -50.23
N LEU D 78 -14.34 29.97 -48.98
CA LEU D 78 -15.23 29.59 -47.86
C LEU D 78 -16.56 30.38 -47.86
N GLU D 79 -16.51 31.65 -48.24
CA GLU D 79 -17.74 32.40 -48.35
C GLU D 79 -18.75 31.82 -49.36
N ARG D 80 -18.25 31.30 -50.46
CA ARG D 80 -19.12 30.73 -51.45
C ARG D 80 -19.84 29.50 -50.89
N ILE D 81 -19.12 28.75 -50.05
CA ILE D 81 -19.69 27.55 -49.39
C ILE D 81 -20.72 28.02 -48.35
N VAL D 82 -20.33 29.01 -47.56
CA VAL D 82 -21.16 29.48 -46.50
C VAL D 82 -22.47 29.99 -47.05
N ARG D 83 -22.47 30.73 -48.17
CA ARG D 83 -23.68 31.31 -48.71
C ARG D 83 -24.57 30.35 -49.56
N ALA D 84 -24.10 29.14 -49.87
CA ALA D 84 -24.83 28.15 -50.67
C ALA D 84 -26.09 27.60 -50.03
N THR D 85 -26.13 27.57 -48.70
CA THR D 85 -27.25 27.03 -47.96
C THR D 85 -27.53 27.90 -46.74
N ASP D 86 -28.66 27.62 -46.10
CA ASP D 86 -29.06 28.35 -44.90
C ASP D 86 -28.62 27.66 -43.63
N LEU D 87 -27.87 26.57 -43.74
CA LEU D 87 -27.38 25.84 -42.59
C LEU D 87 -26.21 26.56 -41.89
N PRO D 88 -26.04 26.37 -40.58
CA PRO D 88 -24.83 26.85 -39.95
C PRO D 88 -23.60 26.18 -40.55
N VAL D 89 -22.58 26.97 -40.83
CA VAL D 89 -21.31 26.46 -41.36
C VAL D 89 -20.14 26.84 -40.47
N THR D 90 -19.39 25.82 -40.09
CA THR D 90 -18.10 25.97 -39.41
C THR D 90 -16.93 25.73 -40.35
N VAL D 91 -15.85 26.49 -40.16
CA VAL D 91 -14.74 26.48 -41.14
C VAL D 91 -13.43 26.07 -40.53
N ASP D 92 -12.75 25.13 -41.18
CA ASP D 92 -11.41 24.74 -40.76
C ASP D 92 -10.41 25.84 -41.13
N LEU D 93 -9.84 26.52 -40.15
CA LEU D 93 -8.89 27.59 -40.35
C LEU D 93 -7.44 27.14 -40.10
N GLU D 94 -7.17 25.83 -40.09
CA GLU D 94 -5.84 25.28 -39.82
C GLU D 94 -5.30 25.95 -38.54
N SER D 95 -4.08 26.49 -38.56
CA SER D 95 -3.57 27.04 -37.33
C SER D 95 -3.86 28.53 -37.17
N GLY D 96 -4.67 29.08 -38.08
CA GLY D 96 -5.22 30.43 -37.97
C GLY D 96 -4.72 31.43 -39.01
N TYR D 97 -3.86 30.95 -39.95
CA TYR D 97 -3.34 31.76 -41.08
C TYR D 97 -2.82 33.06 -40.52
N GLY D 98 -1.89 32.95 -39.61
CA GLY D 98 -1.36 34.15 -38.96
C GLY D 98 -0.11 33.88 -38.15
N GLU D 99 0.87 34.77 -38.30
CA GLU D 99 2.12 34.64 -37.59
C GLU D 99 1.90 34.83 -36.09
N ARG D 100 1.22 35.88 -35.71
CA ARG D 100 1.02 36.27 -34.33
C ARG D 100 -0.45 36.09 -33.96
N PRO D 101 -0.74 36.12 -32.65
CA PRO D 101 -2.13 36.14 -32.19
C PRO D 101 -2.95 37.21 -32.89
N GLU D 102 -2.40 38.40 -33.11
CA GLU D 102 -3.19 39.47 -33.72
C GLU D 102 -3.59 39.11 -35.15
N ASP D 103 -2.76 38.32 -35.84
CA ASP D 103 -3.06 37.88 -37.21
C ASP D 103 -4.17 36.84 -37.19
N VAL D 104 -4.11 35.95 -36.19
CA VAL D 104 -5.18 34.96 -35.98
C VAL D 104 -6.50 35.67 -35.75
N ALA D 105 -6.50 36.75 -34.95
CA ALA D 105 -7.71 37.51 -34.73
C ALA D 105 -8.30 38.02 -36.00
N GLU D 106 -7.46 38.56 -36.88
CA GLU D 106 -7.95 39.02 -38.20
C GLU D 106 -8.52 37.88 -39.06
N THR D 107 -7.91 36.70 -39.04
CA THR D 107 -8.46 35.57 -39.78
C THR D 107 -9.83 35.21 -39.27
N ILE D 108 -9.98 35.13 -37.95
CA ILE D 108 -11.32 34.90 -37.37
C ILE D 108 -12.33 35.98 -37.83
N ALA D 109 -11.91 37.24 -37.80
CA ALA D 109 -12.80 38.34 -38.14
C ALA D 109 -13.25 38.22 -39.59
N MET D 110 -12.31 37.87 -40.47
CA MET D 110 -12.61 37.57 -41.88
C MET D 110 -13.59 36.43 -42.02
N SER D 111 -13.41 35.37 -41.22
CA SER D 111 -14.35 34.27 -41.30
C SER D 111 -15.77 34.68 -40.90
N ILE D 112 -15.90 35.58 -39.94
CA ILE D 112 -17.23 36.02 -39.47
C ILE D 112 -17.84 36.89 -40.56
N ARG D 113 -17.02 37.73 -41.18
CA ARG D 113 -17.54 38.51 -42.32
C ARG D 113 -18.01 37.65 -43.49
N ALA D 114 -17.39 36.48 -43.66
CA ALA D 114 -17.80 35.53 -44.66
C ALA D 114 -19.01 34.71 -44.26
N GLY D 115 -19.48 34.85 -43.01
CA GLY D 115 -20.68 34.20 -42.57
C GLY D 115 -20.51 32.92 -41.76
N ALA D 116 -19.29 32.50 -41.50
CA ALA D 116 -19.03 31.29 -40.70
C ALA D 116 -19.46 31.54 -39.26
N ILE D 117 -19.95 30.49 -38.59
CA ILE D 117 -20.40 30.55 -37.19
C ILE D 117 -19.50 29.75 -36.22
N GLY D 118 -18.37 29.29 -36.73
CA GLY D 118 -17.38 28.63 -35.90
C GLY D 118 -16.20 28.23 -36.70
N CYS D 119 -15.15 27.76 -36.01
CA CYS D 119 -13.96 27.31 -36.71
C CYS D 119 -13.34 26.12 -36.03
N ASN D 120 -12.43 25.48 -36.77
CA ASN D 120 -11.39 24.66 -36.17
C ASN D 120 -10.12 25.47 -36.18
N LEU D 121 -9.43 25.51 -35.02
CA LEU D 121 -8.14 26.20 -34.88
C LEU D 121 -7.15 25.25 -34.24
N GLU D 122 -6.06 24.97 -34.95
CA GLU D 122 -5.09 23.91 -34.63
C GLU D 122 -3.83 24.41 -33.96
N ASP D 123 -3.28 23.59 -33.05
CA ASP D 123 -2.14 23.97 -32.22
C ASP D 123 -0.76 23.56 -32.76
N SER D 124 -0.66 23.43 -34.08
CA SER D 124 0.60 23.04 -34.71
C SER D 124 1.12 24.11 -35.67
N PHE D 125 2.39 24.01 -36.00
CA PHE D 125 3.04 24.84 -37.01
C PHE D 125 2.76 24.18 -38.33
N PRO D 126 2.27 24.96 -39.31
CA PRO D 126 1.87 24.32 -40.58
C PRO D 126 3.03 23.70 -41.37
N SER D 127 4.23 24.28 -41.28
CA SER D 127 5.38 23.78 -42.04
C SER D 127 5.91 22.44 -41.53
N THR D 128 5.93 22.25 -40.21
CA THR D 128 6.55 21.05 -39.63
C THR D 128 5.56 20.04 -39.01
N GLY D 129 4.34 20.49 -38.73
CA GLY D 129 3.39 19.68 -37.97
C GLY D 129 3.70 19.60 -36.46
N GLU D 130 4.80 20.22 -36.02
CA GLU D 130 5.17 20.15 -34.61
C GLU D 130 4.16 20.98 -33.81
N LEU D 131 4.02 20.64 -32.54
CA LEU D 131 3.10 21.35 -31.64
C LEU D 131 3.67 22.65 -31.12
N ARG D 132 2.85 23.70 -31.12
CA ARG D 132 3.17 24.94 -30.47
C ARG D 132 3.19 24.69 -28.95
N ASP D 133 4.03 25.44 -28.24
CA ASP D 133 4.02 25.34 -26.79
C ASP D 133 2.62 25.70 -26.27
N VAL D 134 2.22 25.08 -25.15
CA VAL D 134 0.86 25.25 -24.66
C VAL D 134 0.40 26.71 -24.52
N ASP D 135 1.23 27.56 -23.95
CA ASP D 135 0.80 28.93 -23.67
C ASP D 135 0.67 29.75 -24.95
N GLU D 136 1.48 29.43 -25.95
CA GLU D 136 1.43 30.07 -27.23
C GLU D 136 0.18 29.63 -28.03
N ALA D 137 -0.10 28.34 -28.05
CA ALA D 137 -1.36 27.81 -28.63
C ALA D 137 -2.61 28.44 -27.95
N ALA D 138 -2.56 28.55 -26.63
CA ALA D 138 -3.67 29.16 -25.85
C ALA D 138 -3.86 30.64 -26.21
N ALA D 139 -2.77 31.36 -26.33
CA ALA D 139 -2.87 32.78 -26.70
C ALA D 139 -3.49 33.01 -28.06
N ARG D 140 -3.26 32.06 -28.98
CA ARG D 140 -3.87 32.15 -30.30
C ARG D 140 -5.37 31.93 -30.19
N ILE D 141 -5.77 30.96 -29.38
CA ILE D 141 -7.20 30.77 -29.11
C ILE D 141 -7.82 32.00 -28.42
N ALA D 142 -7.11 32.57 -27.46
CA ALA D 142 -7.60 33.78 -26.79
C ALA D 142 -7.83 34.92 -27.80
N ALA D 143 -6.90 35.10 -28.71
CA ALA D 143 -7.04 36.13 -29.72
C ALA D 143 -8.26 35.90 -30.59
N ALA D 144 -8.48 34.64 -30.97
CA ALA D 144 -9.66 34.28 -31.69
C ALA D 144 -10.96 34.52 -30.93
N ARG D 145 -11.00 34.16 -29.64
CA ARG D 145 -12.19 34.35 -28.80
C ARG D 145 -12.52 35.87 -28.73
N GLN D 146 -11.49 36.67 -28.51
CA GLN D 146 -11.62 38.12 -28.37
C GLN D 146 -12.16 38.75 -29.68
N ALA D 147 -11.70 38.27 -30.83
CA ALA D 147 -12.20 38.76 -32.10
C ALA D 147 -13.65 38.44 -32.31
N ALA D 148 -14.05 37.24 -31.92
CA ALA D 148 -15.42 36.85 -32.09
C ALA D 148 -16.35 37.61 -31.11
N ASP D 149 -15.86 37.78 -29.88
CA ASP D 149 -16.63 38.54 -28.87
C ASP D 149 -16.76 40.00 -29.30
N ARG D 150 -15.70 40.56 -29.87
CA ARG D 150 -15.73 41.96 -30.37
C ARG D 150 -16.74 42.13 -31.52
N ALA D 151 -16.86 41.11 -32.37
CA ALA D 151 -17.85 41.12 -33.44
C ALA D 151 -19.30 40.92 -32.97
N GLY D 152 -19.51 40.46 -31.74
CA GLY D 152 -20.84 40.28 -31.18
C GLY D 152 -21.59 39.08 -31.69
N VAL D 153 -20.87 38.01 -32.02
CA VAL D 153 -21.50 36.84 -32.62
C VAL D 153 -21.34 35.62 -31.71
N ASP D 154 -22.28 34.67 -31.82
CA ASP D 154 -22.23 33.38 -31.14
C ASP D 154 -21.36 32.51 -32.11
N TYR D 155 -20.11 32.29 -31.77
CA TYR D 155 -19.15 31.70 -32.67
C TYR D 155 -18.39 30.59 -31.94
N PHE D 156 -18.38 29.39 -32.50
CA PHE D 156 -17.88 28.22 -31.82
C PHE D 156 -16.41 27.91 -32.22
N ILE D 157 -15.53 28.04 -31.23
CA ILE D 157 -14.13 27.79 -31.44
C ILE D 157 -13.82 26.35 -31.03
N ASN D 158 -13.63 25.49 -32.02
CA ASN D 158 -13.27 24.08 -31.82
C ASN D 158 -11.76 23.99 -31.85
N ALA D 159 -11.16 23.83 -30.68
CA ALA D 159 -9.68 23.83 -30.54
C ALA D 159 -9.19 22.46 -30.90
N ARG D 160 -8.50 22.37 -32.03
CA ARG D 160 -7.89 21.14 -32.47
C ARG D 160 -6.52 21.04 -31.81
N THR D 161 -6.26 19.88 -31.20
CA THR D 161 -4.93 19.55 -30.73
C THR D 161 -4.39 18.37 -31.53
N ASP D 162 -3.13 18.46 -31.92
CA ASP D 162 -2.51 17.44 -32.76
C ASP D 162 -1.66 16.44 -31.97
N VAL D 163 -1.83 16.42 -30.65
CA VAL D 163 -1.11 15.47 -29.82
C VAL D 163 -1.17 14.02 -30.33
N PHE D 164 -2.36 13.53 -30.66
CA PHE D 164 -2.51 12.16 -31.21
C PHE D 164 -2.25 12.08 -32.70
N PHE D 165 -2.46 13.18 -33.39
CA PHE D 165 -2.40 13.22 -34.82
C PHE D 165 -0.97 13.05 -35.29
N LYS D 166 -0.03 13.68 -34.59
CA LYS D 166 1.39 13.65 -34.97
C LYS D 166 2.08 12.39 -34.45
N ALA D 167 1.46 11.71 -33.48
CA ALA D 167 2.06 10.52 -32.84
C ALA D 167 1.64 9.22 -33.55
N ALA D 168 2.58 8.26 -33.66
CA ALA D 168 2.31 6.96 -34.32
C ALA D 168 1.20 6.15 -33.64
N THR D 169 0.30 5.58 -34.46
CA THR D 169 -0.90 4.87 -33.99
C THR D 169 -0.55 3.55 -33.30
N HIS D 172 -0.13 5.48 -28.82
CA HIS D 172 -1.36 6.08 -28.31
C HIS D 172 -1.69 5.44 -26.95
N ASP D 173 -1.57 6.23 -25.89
CA ASP D 173 -1.60 5.73 -24.52
C ASP D 173 -1.98 6.84 -23.52
N GLU D 174 -1.93 6.52 -22.21
CA GLU D 174 -2.29 7.48 -21.18
C GLU D 174 -1.40 8.73 -21.18
N ARG D 175 -0.14 8.64 -21.62
CA ARG D 175 0.75 9.81 -21.69
C ARG D 175 0.26 10.85 -22.70
N LEU D 176 -0.14 10.41 -23.89
CA LEU D 176 -0.69 11.33 -24.89
C LEU D 176 -2.02 11.83 -24.36
N LEU D 177 -2.77 11.00 -23.67
CA LEU D 177 -4.00 11.47 -23.06
C LEU D 177 -3.78 12.59 -22.04
N ASP D 178 -2.77 12.42 -21.20
CA ASP D 178 -2.43 13.45 -20.21
C ASP D 178 -2.08 14.79 -20.88
N ALA D 179 -1.26 14.76 -21.93
CA ALA D 179 -0.88 15.99 -22.63
C ALA D 179 -2.15 16.63 -23.27
N THR D 180 -2.98 15.77 -23.86
CA THR D 180 -4.21 16.25 -24.50
C THR D 180 -5.13 16.96 -23.51
N LEU D 181 -5.37 16.35 -22.37
CA LEU D 181 -6.23 16.94 -21.38
C LEU D 181 -5.66 18.24 -20.78
N ALA D 182 -4.35 18.28 -20.52
CA ALA D 182 -3.74 19.49 -20.05
C ALA D 182 -3.89 20.64 -21.04
N ARG D 183 -3.65 20.35 -22.33
CA ARG D 183 -3.83 21.35 -23.36
C ARG D 183 -5.31 21.77 -23.39
N ALA D 184 -6.23 20.80 -23.28
CA ALA D 184 -7.65 21.12 -23.32
C ALA D 184 -8.06 22.12 -22.24
N ARG D 185 -7.58 21.92 -21.01
CA ARG D 185 -7.86 22.83 -19.91
C ARG D 185 -7.30 24.22 -20.16
N ALA D 186 -6.11 24.30 -20.76
CA ALA D 186 -5.52 25.60 -21.10
C ALA D 186 -6.33 26.29 -22.20
N TYR D 187 -6.73 25.49 -23.18
CA TYR D 187 -7.53 26.04 -24.28
C TYR D 187 -8.91 26.49 -23.83
N ALA D 188 -9.54 25.71 -22.96
CA ALA D 188 -10.80 26.10 -22.39
C ALA D 188 -10.70 27.40 -21.61
N ALA D 189 -9.63 27.55 -20.85
CA ALA D 189 -9.41 28.79 -20.09
C ALA D 189 -9.23 30.00 -20.97
N ALA D 190 -8.68 29.77 -22.18
CA ALA D 190 -8.47 30.80 -23.19
C ALA D 190 -9.69 31.14 -24.01
N GLY D 191 -10.75 30.35 -23.91
CA GLY D 191 -12.02 30.65 -24.56
C GLY D 191 -12.47 29.65 -25.61
N ALA D 192 -11.80 28.52 -25.74
CA ALA D 192 -12.28 27.49 -26.64
C ALA D 192 -13.65 26.93 -26.24
N ASP D 193 -14.44 26.52 -27.21
CA ASP D 193 -15.75 25.93 -26.99
C ASP D 193 -15.81 24.42 -27.10
N GLY D 194 -14.92 23.86 -27.93
CA GLY D 194 -14.86 22.46 -28.17
C GLY D 194 -13.42 22.01 -28.26
N LEU D 195 -13.22 20.71 -28.12
CA LEU D 195 -11.92 20.07 -28.29
C LEU D 195 -11.98 19.01 -29.36
N PHE D 196 -11.10 19.13 -30.39
CA PHE D 196 -11.00 18.17 -31.46
C PHE D 196 -9.65 17.45 -31.35
N VAL D 197 -9.73 16.13 -31.33
CA VAL D 197 -8.53 15.30 -31.14
C VAL D 197 -8.42 14.27 -32.29
N PRO D 198 -8.00 14.73 -33.47
CA PRO D 198 -7.90 13.80 -34.60
C PRO D 198 -6.78 12.80 -34.38
N GLY D 199 -6.98 11.57 -34.87
CA GLY D 199 -5.95 10.58 -34.68
C GLY D 199 -6.26 9.67 -33.50
N LEU D 200 -7.19 10.05 -32.67
CA LEU D 200 -7.60 9.20 -31.55
C LEU D 200 -8.67 8.27 -32.01
N ARG D 201 -8.40 6.96 -31.87
CA ARG D 201 -9.31 5.88 -32.28
C ARG D 201 -9.69 4.88 -31.18
N SER D 202 -8.87 4.76 -30.15
CA SER D 202 -9.06 3.70 -29.14
C SER D 202 -10.29 4.00 -28.32
N PRO D 203 -11.26 3.07 -28.29
CA PRO D 203 -12.42 3.23 -27.42
C PRO D 203 -12.11 3.60 -25.97
N ALA D 204 -11.15 2.91 -25.34
CA ALA D 204 -10.82 3.14 -23.97
C ALA D 204 -10.29 4.58 -23.76
N LEU D 205 -9.45 5.05 -24.68
CA LEU D 205 -8.94 6.42 -24.59
C LEU D 205 -10.01 7.45 -24.92
N ILE D 206 -10.88 7.18 -25.90
CA ILE D 206 -12.00 8.14 -26.17
C ILE D 206 -12.92 8.28 -24.92
N ARG D 207 -13.28 7.15 -24.30
CA ARG D 207 -14.12 7.18 -23.10
C ARG D 207 -13.44 7.96 -21.98
N ALA D 208 -12.15 7.72 -21.78
CA ALA D 208 -11.42 8.46 -20.76
C ALA D 208 -11.40 9.94 -21.04
N LEU D 209 -11.20 10.28 -22.31
CA LEU D 209 -11.16 11.68 -22.69
C LEU D 209 -12.51 12.38 -22.48
N THR D 210 -13.59 11.78 -22.94
CA THR D 210 -14.88 12.46 -22.87
C THR D 210 -15.29 12.61 -21.38
N ALA D 211 -14.91 11.65 -20.58
CA ALA D 211 -15.27 11.77 -19.13
C ALA D 211 -14.58 12.92 -18.42
N ALA D 212 -13.31 13.18 -18.76
CA ALA D 212 -12.49 14.17 -18.09
C ALA D 212 -12.33 15.51 -18.84
N SER D 213 -12.83 15.59 -20.09
CA SER D 213 -12.64 16.81 -20.86
C SER D 213 -13.43 17.97 -20.33
N PRO D 214 -12.84 19.18 -20.30
CA PRO D 214 -13.51 20.39 -19.93
C PRO D 214 -14.40 20.94 -21.03
N LEU D 215 -14.35 20.29 -22.20
CA LEU D 215 -15.06 20.75 -23.37
C LEU D 215 -15.68 19.60 -24.15
N PRO D 216 -16.74 19.89 -24.91
CA PRO D 216 -17.37 18.87 -25.75
C PRO D 216 -16.34 18.32 -26.71
N VAL D 217 -16.30 17.01 -26.84
CA VAL D 217 -15.24 16.35 -27.57
C VAL D 217 -15.67 15.95 -28.99
N ASN D 218 -14.81 16.29 -29.94
CA ASN D 218 -14.93 15.91 -31.37
C ASN D 218 -13.90 14.87 -31.67
N VAL D 219 -14.35 13.73 -32.20
CA VAL D 219 -13.45 12.74 -32.74
C VAL D 219 -13.64 12.64 -34.27
N MET D 220 -12.60 12.13 -34.92
CA MET D 220 -12.62 11.93 -36.40
C MET D 220 -12.73 10.45 -36.69
N ARG D 221 -13.75 10.09 -37.47
CA ARG D 221 -13.96 8.69 -37.81
C ARG D 221 -12.97 8.33 -38.84
N VAL D 222 -12.53 7.07 -38.82
CA VAL D 222 -11.62 6.59 -39.85
C VAL D 222 -12.45 5.69 -40.78
N ALA D 223 -12.77 4.50 -40.27
CA ALA D 223 -13.52 3.49 -41.05
C ALA D 223 -15.03 3.76 -40.94
N GLU D 224 -15.81 3.12 -41.82
CA GLU D 224 -17.28 3.20 -41.74
C GLU D 224 -17.77 2.59 -40.42
N THR D 225 -16.93 1.79 -39.75
CA THR D 225 -17.17 1.35 -38.38
C THR D 225 -16.00 1.80 -37.48
N PRO D 226 -16.31 2.22 -36.25
CA PRO D 226 -17.61 2.09 -35.58
C PRO D 226 -18.74 3.02 -36.06
N THR D 227 -19.97 2.67 -35.76
CA THR D 227 -21.10 3.45 -36.23
C THR D 227 -21.17 4.76 -35.45
N LEU D 228 -21.91 5.72 -36.02
CA LEU D 228 -22.30 6.94 -35.31
C LEU D 228 -22.92 6.63 -33.93
N ALA D 229 -23.75 5.59 -33.85
CA ALA D 229 -24.37 5.24 -32.54
C ALA D 229 -23.37 4.66 -31.53
N GLU D 230 -22.36 3.95 -32.01
CA GLU D 230 -21.27 3.44 -31.18
C GLU D 230 -20.34 4.54 -30.62
N LEU D 231 -19.97 5.50 -31.48
CA LEU D 231 -19.24 6.68 -31.01
C LEU D 231 -20.04 7.49 -30.00
N ALA D 232 -21.34 7.63 -30.25
CA ALA D 232 -22.21 8.36 -29.35
C ALA D 232 -22.14 7.74 -27.96
N GLU D 233 -22.09 6.42 -27.88
CA GLU D 233 -22.05 5.73 -26.62
C GLU D 233 -20.73 5.96 -25.85
N TYR D 234 -19.68 6.40 -26.54
CA TYR D 234 -18.40 6.74 -25.89
C TYR D 234 -18.45 8.13 -25.25
N GLY D 235 -19.55 8.87 -25.43
CA GLY D 235 -19.77 10.19 -24.86
C GLY D 235 -19.27 11.36 -25.70
N VAL D 236 -18.95 11.11 -26.95
CA VAL D 236 -18.46 12.21 -27.81
C VAL D 236 -19.63 13.17 -28.08
N ALA D 237 -19.32 14.43 -28.37
CA ALA D 237 -20.32 15.42 -28.70
C ALA D 237 -20.39 15.81 -30.19
N ARG D 238 -19.37 15.42 -30.93
CA ARG D 238 -19.16 15.88 -32.32
C ARG D 238 -18.33 14.83 -33.05
N ILE D 239 -18.80 14.44 -34.21
CA ILE D 239 -18.12 13.42 -34.99
C ILE D 239 -17.86 14.01 -36.38
N SER D 240 -16.63 13.97 -36.81
CA SER D 240 -16.26 14.46 -38.13
C SER D 240 -15.53 13.36 -38.91
N HIS D 241 -15.29 13.61 -40.20
N HIS D 241 -15.25 13.58 -40.20
CA HIS D 241 -14.80 12.56 -41.11
CA HIS D 241 -14.65 12.52 -41.01
C HIS D 241 -13.56 12.96 -41.98
C HIS D 241 -13.55 12.97 -41.99
N GLY D 242 -12.98 14.13 -41.74
CA GLY D 242 -11.87 14.63 -42.55
C GLY D 242 -12.20 14.60 -44.02
N PRO D 243 -11.21 14.20 -44.85
CA PRO D 243 -11.47 14.20 -46.30
C PRO D 243 -12.14 12.96 -46.84
N TYR D 244 -12.60 12.05 -45.98
CA TYR D 244 -13.24 10.83 -46.45
C TYR D 244 -14.40 11.05 -47.43
N PRO D 245 -15.29 12.03 -47.17
CA PRO D 245 -16.41 12.20 -48.10
C PRO D 245 -15.92 12.63 -49.52
N TYR D 246 -15.05 13.60 -49.58
CA TYR D 246 -14.41 14.01 -50.83
C TYR D 246 -13.75 12.81 -51.50
N LEU D 247 -12.96 12.06 -50.76
CA LEU D 247 -12.21 10.94 -51.32
C LEU D 247 -13.15 9.84 -51.88
N GLN D 248 -14.29 9.63 -51.21
CA GLN D 248 -15.27 8.65 -51.69
C GLN D 248 -15.93 9.14 -52.99
N ALA D 249 -16.25 10.44 -53.07
CA ALA D 249 -16.81 11.01 -54.28
C ALA D 249 -15.80 10.87 -55.44
N MET D 250 -14.54 11.14 -55.16
CA MET D 250 -13.50 10.99 -56.19
C MET D 250 -13.26 9.50 -56.56
N LYS D 251 -13.42 8.57 -55.64
CA LYS D 251 -13.35 7.14 -56.02
C LYS D 251 -14.42 6.76 -57.05
N THR D 252 -15.63 7.30 -56.87
CA THR D 252 -16.74 7.08 -57.79
C THR D 252 -16.37 7.62 -59.19
N LEU D 253 -15.81 8.83 -59.19
CA LEU D 253 -15.40 9.45 -60.46
C LEU D 253 -14.33 8.61 -61.13
N ALA D 254 -13.28 8.24 -60.39
CA ALA D 254 -12.21 7.41 -60.98
C ALA D 254 -12.77 6.12 -61.57
N ALA D 255 -13.68 5.50 -60.84
CA ALA D 255 -14.21 4.20 -61.28
C ALA D 255 -15.01 4.33 -62.59
N LEU D 256 -15.73 5.42 -62.73
CA LEU D 256 -16.53 5.69 -63.91
C LEU D 256 -15.64 5.86 -65.12
N VAL D 257 -14.49 6.51 -64.94
CA VAL D 257 -13.55 6.71 -66.04
C VAL D 257 -13.00 5.35 -66.44
N LYS D 258 -12.65 4.55 -65.44
CA LYS D 258 -12.08 3.25 -65.76
C LYS D 258 -13.09 2.31 -66.42
N GLN D 259 -14.36 2.35 -66.00
CA GLN D 259 -15.41 1.51 -66.63
C GLN D 259 -15.78 2.10 -67.99
N MET E 9 31.99 5.64 5.82
CA MET E 9 33.35 6.23 5.60
C MET E 9 33.77 6.27 4.12
N GLY E 10 34.41 7.37 3.75
CA GLY E 10 35.01 7.49 2.43
C GLY E 10 36.15 6.49 2.28
N ASN E 11 36.36 6.02 1.05
CA ASN E 11 37.49 5.13 0.73
C ASN E 11 38.84 5.74 1.11
N ASN E 12 39.05 7.03 0.87
CA ASN E 12 40.36 7.59 1.18
C ASN E 12 40.65 7.69 2.68
N GLU E 13 39.60 7.88 3.49
CA GLU E 13 39.73 7.81 4.94
C GLU E 13 40.09 6.38 5.40
N LYS E 14 39.38 5.41 4.86
CA LYS E 14 39.67 3.99 5.14
C LYS E 14 41.12 3.62 4.78
N GLY E 15 41.54 4.06 3.59
CA GLY E 15 42.90 3.80 3.13
C GLY E 15 43.92 4.40 4.05
N ALA E 16 43.68 5.65 4.48
CA ALA E 16 44.61 6.29 5.41
C ALA E 16 44.66 5.57 6.74
N ILE E 17 43.49 5.13 7.23
CA ILE E 17 43.46 4.39 8.48
C ILE E 17 44.30 3.10 8.31
N PHE E 18 44.04 2.36 7.23
CA PHE E 18 44.74 1.09 6.97
C PHE E 18 46.24 1.31 6.94
N ARG E 19 46.68 2.35 6.23
CA ARG E 19 48.11 2.60 6.09
C ARG E 19 48.73 2.88 7.47
N SER E 20 48.07 3.69 8.30
CA SER E 20 48.60 4.09 9.59
C SER E 20 48.77 2.95 10.58
N LEU E 21 48.04 1.86 10.38
CA LEU E 21 48.10 0.74 11.28
C LEU E 21 49.34 -0.13 11.07
N HIS E 22 50.09 0.11 10.00
CA HIS E 22 51.34 -0.66 9.71
C HIS E 22 52.49 -0.09 10.51
N ARG E 23 52.53 -0.46 11.78
CA ARG E 23 53.49 0.07 12.77
C ARG E 23 54.44 -1.00 13.22
N ALA E 24 55.71 -0.81 12.92
CA ALA E 24 56.74 -1.79 13.25
C ALA E 24 56.79 -1.92 14.77
N GLY E 25 56.69 -3.14 15.29
CA GLY E 25 56.59 -3.35 16.75
C GLY E 25 55.23 -3.14 17.39
N GLN E 26 54.25 -2.62 16.64
CA GLN E 26 52.85 -2.49 17.10
C GLN E 26 51.90 -2.93 15.94
N PRO E 27 52.00 -4.20 15.58
CA PRO E 27 51.53 -4.55 14.25
C PRO E 27 50.03 -4.72 14.09
N LEU E 28 49.58 -4.50 12.85
CA LEU E 28 48.23 -4.82 12.43
C LEU E 28 48.08 -6.33 12.37
N ALA E 29 47.11 -6.91 13.09
CA ALA E 29 46.78 -8.32 12.98
C ALA E 29 45.52 -8.45 12.13
N LEU E 30 45.62 -9.27 11.11
CA LEU E 30 44.54 -9.43 10.15
C LEU E 30 44.16 -10.87 10.05
N PHE E 31 42.83 -11.05 10.03
CA PHE E 31 42.20 -12.32 9.81
C PHE E 31 41.66 -12.28 8.37
N ASN E 32 41.86 -13.38 7.66
CA ASN E 32 41.42 -13.46 6.30
C ASN E 32 39.97 -13.96 6.40
N VAL E 33 39.07 -13.16 5.91
CA VAL E 33 37.64 -13.49 5.81
C VAL E 33 37.33 -13.85 4.37
N TRP E 34 36.21 -14.58 4.17
CA TRP E 34 35.99 -15.27 2.91
C TRP E 34 34.58 -15.05 2.35
N ASP E 35 33.75 -14.30 3.10
CA ASP E 35 32.39 -13.99 2.69
C ASP E 35 31.85 -12.86 3.58
N ALA E 36 30.67 -12.34 3.22
CA ALA E 36 30.10 -11.19 3.96
C ALA E 36 29.86 -11.54 5.43
N GLY E 37 29.43 -12.77 5.68
CA GLY E 37 29.16 -13.23 7.03
C GLY E 37 30.39 -13.26 7.94
N SER E 38 31.48 -13.81 7.44
CA SER E 38 32.74 -13.88 8.20
C SER E 38 33.33 -12.48 8.41
N ALA E 39 33.18 -11.64 7.40
CA ALA E 39 33.56 -10.24 7.52
C ALA E 39 32.87 -9.53 8.69
N ARG E 40 31.55 -9.68 8.73
CA ARG E 40 30.78 -9.15 9.82
C ARG E 40 31.16 -9.70 11.19
N VAL E 41 31.41 -10.99 11.29
CA VAL E 41 31.79 -11.58 12.57
C VAL E 41 33.10 -11.04 13.06
N VAL E 42 34.08 -10.96 12.16
CA VAL E 42 35.41 -10.44 12.51
C VAL E 42 35.34 -8.96 12.92
N ALA E 43 34.56 -8.16 12.19
CA ALA E 43 34.33 -6.76 12.55
C ALA E 43 33.66 -6.63 13.92
N ASP E 44 32.66 -7.47 14.15
CA ASP E 44 31.92 -7.40 15.41
C ASP E 44 32.74 -7.89 16.56
N ALA E 45 33.75 -8.72 16.28
CA ALA E 45 34.69 -9.17 17.32
C ALA E 45 35.78 -8.13 17.64
N GLY E 46 35.76 -6.98 16.96
CA GLY E 46 36.66 -5.87 17.31
C GLY E 46 37.85 -5.64 16.38
N ALA E 47 37.89 -6.29 15.22
CA ALA E 47 38.96 -6.02 14.25
C ALA E 47 38.91 -4.56 13.78
N VAL E 48 40.06 -3.99 13.45
CA VAL E 48 40.14 -2.62 12.94
C VAL E 48 40.32 -2.56 11.43
N ALA E 49 40.57 -3.72 10.80
CA ALA E 49 40.60 -3.84 9.36
C ALA E 49 40.40 -5.29 9.01
N LEU E 50 40.08 -5.55 7.74
CA LEU E 50 39.89 -6.93 7.23
C LEU E 50 40.73 -7.19 6.04
N ALA E 51 41.05 -8.46 5.85
CA ALA E 51 41.75 -8.94 4.64
C ALA E 51 40.97 -10.07 4.06
N THR E 52 41.00 -10.20 2.75
CA THR E 52 40.54 -11.42 2.14
C THR E 52 41.73 -12.29 1.81
N GLY E 53 41.52 -13.60 1.83
CA GLY E 53 42.60 -14.49 1.47
C GLY E 53 42.10 -15.37 0.36
N SER E 54 42.93 -15.56 -0.64
CA SER E 54 42.50 -16.21 -1.86
C SER E 54 42.22 -17.69 -1.59
N TRP E 55 43.02 -18.33 -0.74
CA TRP E 55 42.82 -19.76 -0.48
C TRP E 55 41.44 -19.97 0.15
N SER E 56 41.12 -19.19 1.18
CA SER E 56 39.86 -19.29 1.94
C SER E 56 38.69 -18.95 1.05
N VAL E 57 38.78 -17.89 0.26
CA VAL E 57 37.71 -17.54 -0.67
C VAL E 57 37.43 -18.67 -1.67
N ALA E 58 38.52 -19.25 -2.20
CA ALA E 58 38.37 -20.29 -3.15
C ALA E 58 37.73 -21.51 -2.47
N ALA E 59 38.24 -21.88 -1.33
CA ALA E 59 37.70 -23.07 -0.62
C ALA E 59 36.19 -22.89 -0.32
N ALA E 60 35.82 -21.73 0.20
CA ALA E 60 34.43 -21.45 0.58
C ALA E 60 33.52 -21.63 -0.62
N ASN E 61 33.97 -21.15 -1.78
CA ASN E 61 33.15 -21.14 -2.99
C ASN E 61 33.29 -22.33 -3.89
N GLY E 62 34.09 -23.30 -3.48
CA GLY E 62 34.23 -24.54 -4.18
C GLY E 62 35.30 -24.59 -5.27
N PHE E 63 36.20 -23.60 -5.27
CA PHE E 63 37.34 -23.62 -6.24
C PHE E 63 38.65 -24.03 -5.62
N VAL E 64 39.58 -24.41 -6.49
CA VAL E 64 41.00 -24.57 -6.14
C VAL E 64 41.64 -23.17 -6.17
N ASP E 65 42.65 -22.97 -5.33
CA ASP E 65 43.38 -21.68 -5.33
C ASP E 65 44.18 -21.54 -6.63
N GLY E 66 44.69 -20.33 -6.90
CA GLY E 66 45.66 -20.14 -8.01
C GLY E 66 45.06 -19.44 -9.24
N GLU E 67 44.22 -18.45 -9.00
CA GLU E 67 43.55 -17.72 -10.07
C GLU E 67 42.68 -18.66 -10.94
N GLN E 68 42.04 -19.66 -10.31
CA GLN E 68 41.12 -20.58 -11.03
C GLN E 68 39.72 -20.01 -11.13
N MET E 69 39.37 -19.07 -10.26
CA MET E 69 38.12 -18.30 -10.41
C MET E 69 38.24 -17.30 -11.57
N PRO E 70 37.21 -17.19 -12.43
CA PRO E 70 37.23 -16.08 -13.39
C PRO E 70 37.38 -14.71 -12.68
N ARG E 71 38.13 -13.78 -13.28
CA ARG E 71 38.40 -12.50 -12.62
C ARG E 71 37.09 -11.82 -12.24
N ALA E 72 36.13 -11.78 -13.18
CA ALA E 72 34.81 -11.15 -12.94
C ALA E 72 34.08 -11.76 -11.74
N LEU E 73 34.17 -13.09 -11.60
CA LEU E 73 33.55 -13.74 -10.46
C LEU E 73 34.28 -13.39 -9.14
N MET E 74 35.61 -13.45 -9.12
N MET E 74 35.59 -13.46 -9.20
CA MET E 74 36.37 -13.10 -7.88
CA MET E 74 36.42 -13.12 -8.08
C MET E 74 36.07 -11.67 -7.46
C MET E 74 36.10 -11.72 -7.53
N MET E 75 35.97 -10.75 -8.41
CA MET E 75 35.76 -9.36 -8.00
C MET E 75 34.37 -9.18 -7.41
N GLU E 76 33.40 -9.93 -7.95
CA GLU E 76 32.08 -9.90 -7.38
C GLU E 76 32.04 -10.44 -5.95
N VAL E 77 32.77 -11.54 -5.77
CA VAL E 77 32.92 -12.14 -4.47
C VAL E 77 33.58 -11.16 -3.54
N LEU E 78 34.67 -10.51 -3.98
CA LEU E 78 35.32 -9.53 -3.13
C LEU E 78 34.46 -8.32 -2.81
N GLU E 79 33.71 -7.77 -3.78
CA GLU E 79 32.86 -6.64 -3.49
C GLU E 79 31.83 -6.92 -2.38
N ARG E 80 31.25 -8.13 -2.34
CA ARG E 80 30.25 -8.41 -1.31
C ARG E 80 30.90 -8.40 0.09
N ILE E 81 32.16 -8.83 0.15
CA ILE E 81 32.90 -8.81 1.43
C ILE E 81 33.20 -7.38 1.82
N VAL E 82 33.72 -6.63 0.87
CA VAL E 82 34.10 -5.27 1.10
C VAL E 82 32.91 -4.42 1.58
N ARG E 83 31.73 -4.60 1.01
CA ARG E 83 30.56 -3.83 1.37
C ARG E 83 29.79 -4.36 2.60
N ALA E 84 30.20 -5.50 3.17
CA ALA E 84 29.55 -6.01 4.37
C ALA E 84 29.74 -5.20 5.65
N THR E 85 30.83 -4.44 5.74
CA THR E 85 31.17 -3.67 6.93
C THR E 85 31.78 -2.36 6.46
N ASP E 86 31.91 -1.44 7.37
CA ASP E 86 32.54 -0.16 7.11
C ASP E 86 34.07 -0.16 7.31
N LEU E 87 34.67 -1.32 7.64
CA LEU E 87 36.10 -1.39 7.94
C LEU E 87 36.93 -1.25 6.67
N PRO E 88 38.17 -0.78 6.80
CA PRO E 88 39.02 -0.91 5.62
C PRO E 88 39.26 -2.38 5.31
N VAL E 89 39.18 -2.70 4.03
CA VAL E 89 39.44 -4.07 3.52
C VAL E 89 40.48 -4.10 2.45
N THR E 90 41.48 -4.97 2.62
CA THR E 90 42.50 -5.24 1.65
C THR E 90 42.22 -6.61 1.03
N VAL E 91 42.54 -6.75 -0.24
CA VAL E 91 42.21 -7.95 -0.97
C VAL E 91 43.45 -8.67 -1.51
N ASP E 92 43.49 -9.99 -1.28
CA ASP E 92 44.52 -10.82 -1.92
C ASP E 92 44.20 -10.98 -3.41
N LEU E 93 45.04 -10.42 -4.29
CA LEU E 93 44.87 -10.51 -5.74
C LEU E 93 45.83 -11.49 -6.38
N GLU E 94 46.42 -12.36 -5.56
CA GLU E 94 47.34 -13.36 -6.04
C GLU E 94 48.41 -12.67 -6.89
N SER E 95 48.70 -13.16 -8.09
CA SER E 95 49.68 -12.48 -8.92
C SER E 95 49.13 -11.31 -9.74
N GLY E 96 47.87 -10.94 -9.55
CA GLY E 96 47.27 -9.77 -10.23
C GLY E 96 46.27 -10.10 -11.32
N TYR E 97 45.99 -11.40 -11.54
CA TYR E 97 44.94 -11.82 -12.50
C TYR E 97 45.16 -11.11 -13.82
N GLY E 98 46.36 -11.25 -14.39
CA GLY E 98 46.70 -10.45 -15.53
C GLY E 98 47.96 -10.90 -16.22
N GLU E 99 47.89 -11.09 -17.54
CA GLU E 99 49.04 -11.60 -18.25
C GLU E 99 50.18 -10.60 -18.26
N ARG E 100 49.87 -9.35 -18.60
CA ARG E 100 50.87 -8.31 -18.75
C ARG E 100 50.64 -7.28 -17.63
N PRO E 101 51.60 -6.36 -17.42
CA PRO E 101 51.41 -5.34 -16.40
C PRO E 101 50.14 -4.50 -16.58
N GLU E 102 49.67 -4.32 -17.82
CA GLU E 102 48.46 -3.54 -18.07
C GLU E 102 47.22 -4.27 -17.58
N ASP E 103 47.25 -5.60 -17.59
CA ASP E 103 46.16 -6.41 -17.11
C ASP E 103 46.07 -6.32 -15.58
N VAL E 104 47.24 -6.38 -14.96
CA VAL E 104 47.33 -6.22 -13.51
C VAL E 104 46.79 -4.84 -13.12
N ALA E 105 47.18 -3.82 -13.87
CA ALA E 105 46.56 -2.50 -13.66
C ALA E 105 45.02 -2.51 -13.67
N GLU E 106 44.39 -3.25 -14.60
CA GLU E 106 42.94 -3.32 -14.66
C GLU E 106 42.38 -4.06 -13.47
N THR E 107 43.11 -5.09 -13.05
CA THR E 107 42.68 -5.80 -11.85
C THR E 107 42.65 -4.86 -10.65
N ILE E 108 43.67 -4.04 -10.50
CA ILE E 108 43.70 -3.08 -9.41
C ILE E 108 42.55 -2.08 -9.49
N ALA E 109 42.34 -1.53 -10.70
CA ALA E 109 41.23 -0.64 -10.95
C ALA E 109 39.89 -1.23 -10.57
N MET E 110 39.66 -2.48 -10.94
CA MET E 110 38.46 -3.23 -10.54
C MET E 110 38.36 -3.35 -9.02
N SER E 111 39.48 -3.59 -8.34
CA SER E 111 39.41 -3.73 -6.88
C SER E 111 39.05 -2.43 -6.21
N ILE E 112 39.46 -1.33 -6.82
CA ILE E 112 39.17 -0.02 -6.26
C ILE E 112 37.67 0.31 -6.46
N ARG E 113 37.15 -0.04 -7.62
CA ARG E 113 35.72 0.14 -7.88
C ARG E 113 34.92 -0.72 -6.95
N ALA E 114 35.48 -1.88 -6.55
CA ALA E 114 34.81 -2.76 -5.59
C ALA E 114 34.87 -2.26 -4.16
N GLY E 115 35.70 -1.27 -3.87
CA GLY E 115 35.72 -0.61 -2.56
C GLY E 115 36.94 -0.99 -1.69
N ALA E 116 37.81 -1.83 -2.21
CA ALA E 116 39.06 -2.23 -1.48
C ALA E 116 40.04 -1.07 -1.43
N ILE E 117 40.84 -1.05 -0.38
CA ILE E 117 41.82 0.01 -0.15
C ILE E 117 43.26 -0.48 -0.11
N GLY E 118 43.49 -1.70 -0.55
CA GLY E 118 44.79 -2.26 -0.63
C GLY E 118 44.73 -3.65 -1.20
N CYS E 119 45.90 -4.21 -1.50
CA CYS E 119 45.95 -5.56 -2.01
C CYS E 119 47.23 -6.25 -1.58
N ASN E 120 47.22 -7.56 -1.71
CA ASN E 120 48.45 -8.37 -1.80
C ASN E 120 48.64 -8.69 -3.28
N LEU E 121 49.86 -8.44 -3.76
CA LEU E 121 50.26 -8.74 -5.10
C LEU E 121 51.55 -9.53 -5.07
N GLU E 122 51.50 -10.74 -5.64
CA GLU E 122 52.55 -11.77 -5.51
C GLU E 122 53.46 -11.87 -6.75
N ASP E 123 54.74 -12.20 -6.56
CA ASP E 123 55.75 -12.21 -7.61
C ASP E 123 56.00 -13.54 -8.27
N SER E 124 55.00 -14.41 -8.24
CA SER E 124 55.15 -15.73 -8.83
C SER E 124 54.17 -15.93 -9.96
N PHE E 125 54.45 -16.96 -10.77
CA PHE E 125 53.59 -17.38 -11.89
C PHE E 125 52.54 -18.29 -11.28
N PRO E 126 51.24 -18.02 -11.53
CA PRO E 126 50.25 -18.77 -10.75
C PRO E 126 50.24 -20.28 -11.03
N SER E 127 50.54 -20.69 -12.27
CA SER E 127 50.43 -22.11 -12.64
C SER E 127 51.62 -22.96 -12.18
N THR E 128 52.79 -22.35 -12.02
CA THR E 128 54.02 -23.08 -11.64
C THR E 128 54.55 -22.77 -10.25
N GLY E 129 54.24 -21.57 -9.75
CA GLY E 129 54.77 -21.11 -8.47
C GLY E 129 56.18 -20.60 -8.61
N GLU E 130 56.75 -20.60 -9.82
CA GLU E 130 58.10 -20.07 -10.03
C GLU E 130 58.06 -18.56 -9.90
N LEU E 131 59.20 -18.01 -9.51
CA LEU E 131 59.33 -16.58 -9.30
C LEU E 131 59.57 -15.89 -10.61
N ARG E 132 58.90 -14.76 -10.77
CA ARG E 132 59.20 -13.85 -11.82
C ARG E 132 60.58 -13.24 -11.61
N ASP E 133 61.25 -12.91 -12.71
CA ASP E 133 62.49 -12.12 -12.65
C ASP E 133 62.17 -10.82 -11.91
N VAL E 134 63.15 -10.31 -11.18
CA VAL E 134 62.93 -9.14 -10.31
C VAL E 134 62.35 -7.95 -11.07
N ASP E 135 62.87 -7.70 -12.27
CA ASP E 135 62.43 -6.50 -12.98
C ASP E 135 61.00 -6.68 -13.58
N GLU E 136 60.62 -7.89 -13.97
CA GLU E 136 59.26 -8.15 -14.37
C GLU E 136 58.28 -8.03 -13.19
N ALA E 137 58.65 -8.58 -12.03
CA ALA E 137 57.81 -8.45 -10.82
C ALA E 137 57.61 -6.99 -10.43
N ALA E 138 58.69 -6.22 -10.45
CA ALA E 138 58.62 -4.79 -10.14
C ALA E 138 57.73 -4.04 -11.14
N ALA E 139 57.85 -4.35 -12.43
CA ALA E 139 57.01 -3.69 -13.44
C ALA E 139 55.53 -3.89 -13.16
N ARG E 140 55.17 -5.06 -12.60
CA ARG E 140 53.80 -5.37 -12.32
C ARG E 140 53.31 -4.54 -11.12
N ILE E 141 54.18 -4.35 -10.13
CA ILE E 141 53.91 -3.48 -8.99
C ILE E 141 53.77 -2.01 -9.45
N ALA E 142 54.68 -1.60 -10.31
CA ALA E 142 54.60 -0.24 -10.84
C ALA E 142 53.27 -0.02 -11.56
N ALA E 143 52.83 -0.98 -12.37
CA ALA E 143 51.54 -0.83 -13.08
C ALA E 143 50.37 -0.69 -12.10
N ALA E 144 50.40 -1.52 -11.03
CA ALA E 144 49.42 -1.39 -9.96
C ALA E 144 49.40 -0.03 -9.24
N ARG E 145 50.59 0.48 -8.93
CA ARG E 145 50.75 1.76 -8.22
C ARG E 145 50.20 2.85 -9.13
N GLN E 146 50.57 2.78 -10.39
CA GLN E 146 50.03 3.75 -11.38
C GLN E 146 48.50 3.73 -11.51
N ALA E 147 47.90 2.54 -11.49
CA ALA E 147 46.45 2.40 -11.55
C ALA E 147 45.81 3.03 -10.32
N ALA E 148 46.35 2.78 -9.13
CA ALA E 148 45.84 3.40 -7.92
C ALA E 148 46.04 4.90 -7.90
N ASP E 149 47.17 5.37 -8.42
CA ASP E 149 47.46 6.81 -8.40
C ASP E 149 46.51 7.48 -9.36
N ARG E 150 46.27 6.86 -10.51
CA ARG E 150 45.31 7.37 -11.52
C ARG E 150 43.92 7.46 -10.98
N ALA E 151 43.51 6.46 -10.20
CA ALA E 151 42.21 6.48 -9.55
C ALA E 151 42.13 7.53 -8.44
N GLY E 152 43.25 8.09 -8.04
CA GLY E 152 43.28 9.09 -6.96
C GLY E 152 42.94 8.56 -5.56
N VAL E 153 43.32 7.32 -5.26
CA VAL E 153 42.93 6.68 -3.97
C VAL E 153 44.15 6.34 -3.14
N ASP E 154 44.01 6.44 -1.82
CA ASP E 154 45.08 6.05 -0.87
C ASP E 154 45.03 4.53 -0.73
N TYR E 155 45.89 3.83 -1.45
CA TYR E 155 45.77 2.37 -1.68
C TYR E 155 47.07 1.69 -1.32
N PHE E 156 46.99 0.69 -0.49
CA PHE E 156 48.19 0.02 0.10
C PHE E 156 48.55 -1.23 -0.69
N ILE E 157 49.68 -1.19 -1.42
CA ILE E 157 50.13 -2.33 -2.17
C ILE E 157 51.12 -3.13 -1.33
N ASN E 158 50.67 -4.28 -0.86
CA ASN E 158 51.51 -5.16 -0.05
C ASN E 158 52.11 -6.15 -1.00
N ALA E 159 53.39 -5.97 -1.28
CA ALA E 159 54.12 -6.81 -2.22
C ALA E 159 54.53 -8.11 -1.56
N ARG E 160 53.86 -9.18 -1.97
CA ARG E 160 54.23 -10.50 -1.56
C ARG E 160 55.35 -11.05 -2.40
N THR E 161 56.42 -11.45 -1.74
CA THR E 161 57.48 -12.21 -2.39
C THR E 161 57.47 -13.64 -1.93
N ASP E 162 57.62 -14.55 -2.91
CA ASP E 162 57.59 -15.97 -2.65
C ASP E 162 58.99 -16.59 -2.55
N VAL E 163 60.01 -15.76 -2.32
CA VAL E 163 61.38 -16.27 -2.19
C VAL E 163 61.48 -17.37 -1.12
N PHE E 164 60.89 -17.13 0.06
CA PHE E 164 60.91 -18.11 1.15
C PHE E 164 59.84 -19.16 0.99
N PHE E 165 58.72 -18.77 0.40
CA PHE E 165 57.57 -19.62 0.30
C PHE E 165 57.89 -20.81 -0.59
N LYS E 166 58.62 -20.57 -1.66
CA LYS E 166 58.89 -21.58 -2.70
C LYS E 166 60.12 -22.41 -2.31
N ALA E 167 60.93 -21.89 -1.39
CA ALA E 167 62.24 -22.44 -0.98
C ALA E 167 62.13 -23.49 0.13
N ALA E 168 62.82 -24.61 -0.06
CA ALA E 168 62.91 -25.63 0.97
C ALA E 168 63.46 -25.02 2.26
N THR E 169 62.94 -25.47 3.38
CA THR E 169 63.29 -24.92 4.66
C THR E 169 64.80 -24.79 4.95
N GLU E 170 65.60 -25.78 4.54
CA GLU E 170 67.03 -25.72 4.84
C GLU E 170 67.81 -24.73 4.01
N THR E 171 67.18 -24.13 3.01
CA THR E 171 67.80 -23.04 2.29
C THR E 171 67.42 -21.68 2.88
N HIS E 172 66.55 -21.66 3.92
CA HIS E 172 66.12 -20.41 4.57
C HIS E 172 67.30 -19.90 5.41
N ASP E 173 68.09 -19.01 4.82
CA ASP E 173 69.30 -18.54 5.44
C ASP E 173 69.60 -17.10 5.03
N GLU E 174 70.76 -16.58 5.44
CA GLU E 174 71.06 -15.17 5.24
C GLU E 174 71.16 -14.81 3.76
N ARG E 175 71.64 -15.75 2.96
CA ARG E 175 71.72 -15.56 1.51
C ARG E 175 70.29 -15.40 0.92
N LEU E 176 69.36 -16.24 1.35
CA LEU E 176 67.97 -16.11 0.93
C LEU E 176 67.36 -14.79 1.42
N LEU E 177 67.71 -14.39 2.64
CA LEU E 177 67.28 -13.10 3.14
C LEU E 177 67.86 -12.00 2.30
N ASP E 178 69.12 -12.18 1.86
CA ASP E 178 69.70 -11.18 0.97
C ASP E 178 68.90 -11.06 -0.36
N ALA E 179 68.48 -12.19 -0.93
CA ALA E 179 67.69 -12.20 -2.18
C ALA E 179 66.30 -11.55 -1.97
N THR E 180 65.76 -11.77 -0.78
CA THR E 180 64.46 -11.19 -0.38
C THR E 180 64.59 -9.67 -0.27
N LEU E 181 65.65 -9.20 0.40
CA LEU E 181 65.86 -7.77 0.60
C LEU E 181 66.12 -7.04 -0.71
N ALA E 182 66.79 -7.71 -1.67
CA ALA E 182 67.01 -7.14 -2.98
C ALA E 182 65.72 -6.98 -3.73
N ARG E 183 64.86 -7.99 -3.71
CA ARG E 183 63.50 -7.83 -4.27
C ARG E 183 62.74 -6.72 -3.56
N ALA E 184 62.76 -6.70 -2.23
CA ALA E 184 62.05 -5.66 -1.49
C ALA E 184 62.45 -4.24 -1.90
N ARG E 185 63.74 -3.98 -2.05
CA ARG E 185 64.14 -2.67 -2.56
C ARG E 185 63.66 -2.33 -3.98
N ALA E 186 63.69 -3.30 -4.88
CA ALA E 186 63.17 -3.09 -6.25
C ALA E 186 61.68 -2.86 -6.19
N TYR E 187 60.97 -3.65 -5.37
CA TYR E 187 59.53 -3.42 -5.20
C TYR E 187 59.14 -2.06 -4.56
N ALA E 188 59.88 -1.63 -3.56
CA ALA E 188 59.70 -0.33 -2.97
C ALA E 188 59.95 0.77 -4.02
N ALA E 189 60.99 0.62 -4.82
CA ALA E 189 61.27 1.63 -5.87
C ALA E 189 60.15 1.71 -6.90
N ALA E 190 59.44 0.60 -7.12
CA ALA E 190 58.34 0.53 -8.06
C ALA E 190 57.00 1.01 -7.48
N GLY E 191 56.96 1.30 -6.18
CA GLY E 191 55.77 1.86 -5.56
C GLY E 191 55.05 0.97 -4.54
N ALA E 192 55.64 -0.17 -4.17
CA ALA E 192 55.01 -0.98 -3.09
C ALA E 192 55.03 -0.25 -1.75
N ASP E 193 54.03 -0.54 -0.93
CA ASP E 193 53.88 0.01 0.40
C ASP E 193 54.27 -0.89 1.54
N GLY E 194 54.16 -2.21 1.35
CA GLY E 194 54.54 -3.21 2.33
C GLY E 194 55.20 -4.40 1.66
N LEU E 195 55.86 -5.19 2.48
CA LEU E 195 56.49 -6.45 2.07
C LEU E 195 55.94 -7.61 2.85
N PHE E 196 55.44 -8.63 2.15
CA PHE E 196 54.96 -9.86 2.78
C PHE E 196 55.87 -11.00 2.39
N VAL E 197 56.41 -11.69 3.38
CA VAL E 197 57.35 -12.80 3.17
C VAL E 197 56.82 -14.09 3.80
N PRO E 198 55.80 -14.68 3.15
CA PRO E 198 55.28 -15.91 3.70
C PRO E 198 56.31 -17.03 3.70
N GLY E 199 56.25 -17.94 4.67
CA GLY E 199 57.28 -19.00 4.75
C GLY E 199 58.50 -18.65 5.57
N LEU E 200 58.56 -17.41 6.02
CA LEU E 200 59.69 -16.94 6.82
C LEU E 200 59.23 -17.12 8.26
N ARG E 201 59.87 -18.03 8.99
CA ARG E 201 59.52 -18.29 10.38
C ARG E 201 60.65 -18.08 11.40
N SER E 202 61.89 -18.12 10.96
CA SER E 202 63.03 -18.06 11.91
C SER E 202 63.03 -16.69 12.60
N PRO E 203 63.02 -16.66 13.94
CA PRO E 203 63.12 -15.37 14.62
C PRO E 203 64.32 -14.56 14.22
N ALA E 204 65.49 -15.20 14.08
CA ALA E 204 66.70 -14.48 13.69
C ALA E 204 66.56 -13.83 12.35
N LEU E 205 65.94 -14.54 11.41
CA LEU E 205 65.78 -13.99 10.08
C LEU E 205 64.70 -12.94 10.01
N ILE E 206 63.60 -13.12 10.76
CA ILE E 206 62.57 -12.09 10.85
C ILE E 206 63.19 -10.80 11.43
N ARG E 207 63.91 -10.94 12.55
CA ARG E 207 64.54 -9.74 13.16
C ARG E 207 65.49 -9.07 12.18
N ALA E 208 66.26 -9.84 11.42
CA ALA E 208 67.20 -9.23 10.48
C ALA E 208 66.44 -8.52 9.37
N LEU E 209 65.34 -9.15 8.90
CA LEU E 209 64.54 -8.57 7.83
C LEU E 209 63.86 -7.26 8.25
N THR E 210 63.29 -7.24 9.43
CA THR E 210 62.58 -6.02 9.82
C THR E 210 63.56 -4.86 10.06
N ALA E 211 64.77 -5.15 10.52
CA ALA E 211 65.73 -4.06 10.76
C ALA E 211 66.14 -3.43 9.45
N ALA E 212 66.27 -4.25 8.39
CA ALA E 212 66.84 -3.79 7.15
C ALA E 212 65.83 -3.52 6.02
N SER E 213 64.58 -3.89 6.23
CA SER E 213 63.62 -3.76 5.12
C SER E 213 63.27 -2.30 4.81
N PRO E 214 63.15 -1.96 3.53
CA PRO E 214 62.70 -0.64 3.13
C PRO E 214 61.19 -0.41 3.37
N LEU E 215 60.49 -1.47 3.75
CA LEU E 215 59.02 -1.46 3.85
C LEU E 215 58.52 -2.14 5.11
N PRO E 216 57.37 -1.72 5.63
CA PRO E 216 56.81 -2.46 6.74
C PRO E 216 56.61 -3.92 6.39
N VAL E 217 56.97 -4.77 7.34
CA VAL E 217 57.02 -6.19 7.05
C VAL E 217 55.79 -6.89 7.61
N ASN E 218 55.23 -7.76 6.75
CA ASN E 218 54.13 -8.71 7.09
C ASN E 218 54.71 -10.09 7.15
N VAL E 219 54.54 -10.77 8.29
CA VAL E 219 54.78 -12.19 8.38
C VAL E 219 53.47 -12.96 8.55
N MET E 220 53.52 -14.24 8.22
CA MET E 220 52.35 -15.14 8.34
C MET E 220 52.58 -16.05 9.52
N ARG E 221 51.65 -16.06 10.46
CA ARG E 221 51.75 -17.01 11.57
C ARG E 221 51.40 -18.41 11.10
N VAL E 222 51.95 -19.41 11.76
CA VAL E 222 51.62 -20.79 11.41
C VAL E 222 50.89 -21.31 12.65
N ALA E 223 51.66 -21.51 13.71
CA ALA E 223 51.11 -22.05 14.95
C ALA E 223 50.42 -20.95 15.77
N GLU E 224 49.74 -21.34 16.84
CA GLU E 224 49.19 -20.35 17.77
C GLU E 224 50.31 -19.66 18.55
N THR E 225 51.53 -20.23 18.50
CA THR E 225 52.73 -19.59 19.00
C THR E 225 53.69 -19.35 17.82
N PRO E 226 54.51 -18.27 17.85
CA PRO E 226 54.60 -17.29 18.92
C PRO E 226 53.34 -16.45 19.02
N THR E 227 53.17 -15.78 20.15
CA THR E 227 52.01 -14.95 20.35
C THR E 227 52.15 -13.73 19.44
N LEU E 228 51.05 -12.97 19.32
CA LEU E 228 51.10 -11.70 18.65
C LEU E 228 52.13 -10.80 19.31
N ALA E 229 52.20 -10.82 20.65
CA ALA E 229 53.17 -10.00 21.39
C ALA E 229 54.61 -10.34 21.03
N GLU E 230 54.90 -11.62 20.89
CA GLU E 230 56.24 -12.06 20.54
C GLU E 230 56.62 -11.70 19.10
N LEU E 231 55.69 -11.83 18.15
CA LEU E 231 56.03 -11.38 16.81
C LEU E 231 56.27 -9.86 16.75
N ALA E 232 55.51 -9.12 17.53
CA ALA E 232 55.62 -7.65 17.57
C ALA E 232 57.01 -7.29 18.02
N GLU E 233 57.53 -8.03 19.00
CA GLU E 233 58.85 -7.76 19.52
C GLU E 233 59.94 -8.05 18.48
N TYR E 234 59.64 -8.82 17.43
CA TYR E 234 60.62 -9.02 16.34
C TYR E 234 60.64 -7.86 15.34
N GLY E 235 59.76 -6.88 15.51
CA GLY E 235 59.70 -5.68 14.69
C GLY E 235 58.77 -5.69 13.51
N VAL E 236 57.96 -6.72 13.45
CA VAL E 236 57.00 -6.80 12.31
C VAL E 236 55.93 -5.71 12.44
N ALA E 237 55.34 -5.32 11.30
CA ALA E 237 54.33 -4.27 11.20
C ALA E 237 52.93 -4.83 10.91
N ARG E 238 52.87 -6.07 10.47
CA ARG E 238 51.60 -6.69 10.02
C ARG E 238 51.68 -8.20 10.15
N ILE E 239 50.65 -8.82 10.72
CA ILE E 239 50.67 -10.24 10.98
C ILE E 239 49.38 -10.78 10.36
N SER E 240 49.54 -11.75 9.48
CA SER E 240 48.42 -12.42 8.86
C SER E 240 48.49 -13.92 9.18
N HIS E 241 47.43 -14.64 8.79
N HIS E 241 47.46 -14.68 8.81
CA HIS E 241 47.21 -15.99 9.27
CA HIS E 241 47.40 -16.08 9.23
C HIS E 241 46.81 -16.99 8.14
C HIS E 241 46.86 -17.02 8.12
N GLY E 242 46.85 -16.56 6.88
CA GLY E 242 46.43 -17.39 5.78
C GLY E 242 45.04 -17.98 6.05
N PRO E 243 44.87 -19.24 5.70
CA PRO E 243 43.54 -19.86 5.80
C PRO E 243 43.29 -20.49 7.15
N TYR E 244 44.11 -20.19 8.16
CA TYR E 244 43.90 -20.77 9.48
C TYR E 244 42.54 -20.47 10.13
N PRO E 245 42.06 -19.22 10.06
CA PRO E 245 40.76 -18.93 10.67
C PRO E 245 39.59 -19.74 9.99
N TYR E 246 39.60 -19.79 8.68
CA TYR E 246 38.64 -20.60 7.91
C TYR E 246 38.70 -22.07 8.33
N LEU E 247 39.94 -22.58 8.40
CA LEU E 247 40.13 -24.00 8.71
C LEU E 247 39.67 -24.29 10.12
N GLN E 248 39.88 -23.35 11.04
CA GLN E 248 39.39 -23.56 12.42
C GLN E 248 37.87 -23.57 12.47
N ALA E 249 37.22 -22.67 11.74
CA ALA E 249 35.75 -22.60 11.68
C ALA E 249 35.24 -23.93 11.12
N MET E 250 35.91 -24.43 10.10
CA MET E 250 35.51 -25.71 9.48
C MET E 250 35.75 -26.88 10.41
N LYS E 251 36.81 -26.83 11.23
CA LYS E 251 37.02 -27.87 12.24
C LYS E 251 35.86 -27.98 13.21
N THR E 252 35.31 -26.85 13.62
CA THR E 252 34.17 -26.82 14.52
C THR E 252 32.96 -27.47 13.85
N LEU E 253 32.76 -27.14 12.59
CA LEU E 253 31.63 -27.67 11.88
C LEU E 253 31.78 -29.22 11.74
N ALA E 254 32.97 -29.70 11.38
CA ALA E 254 33.17 -31.15 11.25
C ALA E 254 32.88 -31.84 12.55
N ALA E 255 33.33 -31.25 13.65
CA ALA E 255 33.20 -31.91 14.93
C ALA E 255 31.73 -32.00 15.36
N LEU E 256 30.95 -30.96 15.06
CA LEU E 256 29.51 -31.03 15.28
C LEU E 256 28.84 -32.16 14.55
N VAL E 257 29.19 -32.34 13.27
CA VAL E 257 28.61 -33.34 12.43
C VAL E 257 28.94 -34.71 13.00
N LYS E 258 30.19 -34.90 13.37
CA LYS E 258 30.61 -36.23 13.90
C LYS E 258 29.88 -36.63 15.12
N GLN E 259 29.59 -35.66 15.98
CA GLN E 259 28.78 -35.89 17.16
C GLN E 259 27.34 -36.32 16.81
N GLY E 260 26.81 -35.85 15.69
CA GLY E 260 25.56 -36.38 15.15
C GLY E 260 24.33 -35.92 15.89
N GLY E 261 23.22 -36.61 15.63
CA GLY E 261 21.94 -36.33 16.30
C GLY E 261 21.49 -34.92 16.05
N ASN F 11 0.29 39.41 -2.14
CA ASN F 11 1.57 40.14 -1.88
C ASN F 11 2.41 40.21 -3.14
N ASN F 12 2.93 41.40 -3.45
CA ASN F 12 3.83 41.61 -4.59
C ASN F 12 5.32 41.42 -4.29
N GLU F 13 5.67 41.17 -3.06
CA GLU F 13 7.10 41.07 -2.75
C GLU F 13 7.49 39.64 -2.41
N LYS F 14 6.79 38.66 -2.97
CA LYS F 14 7.05 37.27 -2.58
C LYS F 14 8.49 36.85 -2.91
N GLY F 15 8.96 37.19 -4.11
CA GLY F 15 10.30 36.79 -4.54
C GLY F 15 11.36 37.51 -3.73
N ALA F 16 11.17 38.81 -3.51
CA ALA F 16 12.13 39.54 -2.66
C ALA F 16 12.19 38.94 -1.26
N ILE F 17 11.05 38.57 -0.70
CA ILE F 17 10.99 37.96 0.63
C ILE F 17 11.74 36.62 0.65
N PHE F 18 11.44 35.79 -0.32
CA PHE F 18 12.06 34.48 -0.43
C PHE F 18 13.58 34.61 -0.50
N ARG F 19 14.05 35.49 -1.36
CA ARG F 19 15.50 35.70 -1.54
C ARG F 19 16.13 36.10 -0.19
N SER F 20 15.48 37.02 0.49
CA SER F 20 15.97 37.55 1.80
C SER F 20 16.09 36.50 2.88
N LEU F 21 15.33 35.41 2.75
CA LEU F 21 15.38 34.32 3.74
C LEU F 21 16.61 33.40 3.61
N HIS F 22 17.41 33.54 2.55
CA HIS F 22 18.57 32.68 2.34
C HIS F 22 19.75 33.27 3.13
N ARG F 23 19.79 32.99 4.43
CA ARG F 23 20.77 33.59 5.34
C ARG F 23 21.69 32.48 5.83
N ALA F 24 22.96 32.53 5.48
CA ALA F 24 23.96 31.49 5.90
C ALA F 24 24.02 31.49 7.42
N GLY F 25 23.77 30.35 8.03
CA GLY F 25 23.70 30.27 9.48
C GLY F 25 22.37 30.54 10.12
N GLN F 26 21.38 31.01 9.34
CA GLN F 26 20.02 31.23 9.83
C GLN F 26 19.06 30.75 8.71
N PRO F 27 19.15 29.47 8.39
CA PRO F 27 18.61 29.04 7.12
C PRO F 27 17.08 28.95 7.05
N LEU F 28 16.62 29.13 5.84
CA LEU F 28 15.26 28.84 5.42
C LEU F 28 15.05 27.34 5.40
N ALA F 29 14.08 26.85 6.16
CA ALA F 29 13.74 25.45 6.16
C ALA F 29 12.44 25.30 5.35
N LEU F 30 12.50 24.48 4.30
CA LEU F 30 11.37 24.29 3.38
C LEU F 30 10.91 22.85 3.38
N PHE F 31 9.60 22.68 3.37
CA PHE F 31 8.94 21.41 3.20
C PHE F 31 8.40 21.38 1.77
N ASN F 32 8.57 20.24 1.13
CA ASN F 32 8.08 20.07 -0.22
C ASN F 32 6.62 19.63 -0.14
N VAL F 33 5.75 20.46 -0.67
CA VAL F 33 4.31 20.15 -0.74
C VAL F 33 3.94 19.70 -2.12
N TRP F 34 2.85 18.94 -2.23
CA TRP F 34 2.62 18.22 -3.48
C TRP F 34 1.23 18.43 -4.09
N ASP F 35 0.41 19.25 -3.45
CA ASP F 35 -0.94 19.61 -3.92
C ASP F 35 -1.42 20.78 -3.11
N ALA F 36 -2.53 21.36 -3.53
CA ALA F 36 -3.04 22.55 -2.86
C ALA F 36 -3.32 22.31 -1.37
N GLY F 37 -3.82 21.13 -1.05
CA GLY F 37 -4.19 20.82 0.34
C GLY F 37 -2.99 20.79 1.27
N SER F 38 -1.91 20.18 0.82
CA SER F 38 -0.70 20.11 1.63
C SER F 38 -0.03 21.46 1.73
N ALA F 39 -0.12 22.25 0.66
CA ALA F 39 0.35 23.66 0.69
C ALA F 39 -0.37 24.43 1.79
N ARG F 40 -1.69 24.34 1.83
CA ARG F 40 -2.47 24.99 2.88
C ARG F 40 -2.11 24.51 4.29
N VAL F 41 -1.90 23.21 4.47
CA VAL F 41 -1.59 22.67 5.80
C VAL F 41 -0.24 23.19 6.25
N VAL F 42 0.74 23.23 5.35
CA VAL F 42 2.07 23.71 5.74
C VAL F 42 2.05 25.21 6.05
N ALA F 43 1.31 25.98 5.27
CA ALA F 43 1.14 27.41 5.52
C ALA F 43 0.48 27.67 6.85
N ASP F 44 -0.59 26.95 7.12
CA ASP F 44 -1.34 27.12 8.36
C ASP F 44 -0.54 26.73 9.56
N ALA F 45 0.44 25.83 9.34
CA ALA F 45 1.33 25.36 10.40
C ALA F 45 2.51 26.31 10.68
N GLY F 46 2.54 27.42 9.95
CA GLY F 46 3.44 28.55 10.26
C GLY F 46 4.64 28.67 9.34
N ALA F 47 4.64 27.99 8.20
CA ALA F 47 5.78 28.14 7.27
C ALA F 47 5.80 29.56 6.70
N VAL F 48 6.98 30.03 6.31
CA VAL F 48 7.17 31.32 5.72
C VAL F 48 7.34 31.26 4.20
N ALA F 49 7.59 30.06 3.67
CA ALA F 49 7.62 29.81 2.24
C ALA F 49 7.36 28.34 2.01
N LEU F 50 7.04 27.98 0.77
CA LEU F 50 6.79 26.57 0.41
C LEU F 50 7.67 26.21 -0.76
N ALA F 51 7.94 24.93 -0.91
CA ALA F 51 8.60 24.42 -2.12
C ALA F 51 7.78 23.25 -2.65
N THR F 52 7.89 22.99 -3.94
CA THR F 52 7.43 21.73 -4.47
C THR F 52 8.65 20.91 -4.83
N GLY F 53 8.45 19.59 -4.71
CA GLY F 53 9.47 18.62 -5.05
C GLY F 53 8.97 17.69 -6.15
N SER F 54 9.76 17.47 -7.18
CA SER F 54 9.25 16.72 -8.31
C SER F 54 8.92 15.27 -7.91
N TRP F 55 9.73 14.64 -7.05
CA TRP F 55 9.44 13.23 -6.67
C TRP F 55 8.05 13.08 -6.03
N SER F 56 7.74 13.98 -5.09
CA SER F 56 6.49 13.95 -4.32
C SER F 56 5.30 14.31 -5.20
N VAL F 57 5.47 15.31 -6.07
CA VAL F 57 4.42 15.72 -6.98
C VAL F 57 4.11 14.53 -7.90
N ALA F 58 5.16 13.88 -8.42
CA ALA F 58 4.94 12.76 -9.35
C ALA F 58 4.22 11.63 -8.64
N ALA F 59 4.72 11.30 -7.44
CA ALA F 59 4.11 10.20 -6.67
C ALA F 59 2.64 10.45 -6.38
N ALA F 60 2.33 11.64 -5.90
CA ALA F 60 0.94 11.98 -5.57
C ALA F 60 0.04 11.80 -6.78
N ASN F 61 0.55 12.16 -7.98
CA ASN F 61 -0.27 12.17 -9.16
C ASN F 61 -0.16 10.89 -9.98
N GLY F 62 0.64 9.94 -9.52
CA GLY F 62 0.69 8.61 -10.08
C GLY F 62 1.74 8.44 -11.18
N PHE F 63 2.72 9.34 -11.22
CA PHE F 63 3.82 9.30 -12.18
C PHE F 63 5.14 8.86 -11.57
N VAL F 64 6.03 8.39 -12.43
CA VAL F 64 7.44 8.20 -12.04
C VAL F 64 8.13 9.58 -12.16
N ASP F 65 9.09 9.81 -11.28
CA ASP F 65 9.88 11.06 -11.28
C ASP F 65 10.76 11.09 -12.57
N GLY F 66 11.33 12.24 -12.90
CA GLY F 66 12.21 12.35 -14.07
C GLY F 66 11.55 12.88 -15.32
N GLU F 67 10.75 13.93 -15.17
CA GLU F 67 10.17 14.64 -16.31
C GLU F 67 9.31 13.71 -17.19
N GLN F 68 8.59 12.81 -16.54
CA GLN F 68 7.60 11.93 -17.25
C GLN F 68 6.23 12.61 -17.45
N MET F 69 5.83 13.50 -16.55
CA MET F 69 4.66 14.33 -16.79
C MET F 69 4.90 15.21 -17.99
N PRO F 70 3.93 15.33 -18.93
CA PRO F 70 4.11 16.33 -19.97
C PRO F 70 4.22 17.73 -19.34
N ARG F 71 5.01 18.61 -19.93
CA ARG F 71 5.24 19.92 -19.35
C ARG F 71 3.94 20.65 -19.05
N ALA F 72 2.99 20.63 -19.98
CA ALA F 72 1.72 21.33 -19.79
C ALA F 72 1.00 20.86 -18.53
N LEU F 73 1.02 19.55 -18.30
CA LEU F 73 0.36 19.01 -17.15
C LEU F 73 1.15 19.41 -15.90
N MET F 74 2.46 19.25 -15.94
CA MET F 74 3.24 19.61 -14.75
C MET F 74 2.99 21.04 -14.31
N MET F 75 3.00 21.94 -15.27
CA MET F 75 2.78 23.33 -14.92
C MET F 75 1.39 23.60 -14.39
N GLU F 76 0.35 22.90 -14.88
CA GLU F 76 -0.95 23.10 -14.27
C GLU F 76 -1.01 22.57 -12.85
N VAL F 77 -0.33 21.46 -12.62
CA VAL F 77 -0.23 20.89 -11.30
C VAL F 77 0.47 21.86 -10.34
N LEU F 78 1.55 22.43 -10.82
CA LEU F 78 2.28 23.42 -10.00
C LEU F 78 1.50 24.71 -9.74
N GLU F 79 0.77 25.19 -10.75
CA GLU F 79 0.02 26.38 -10.56
C GLU F 79 -1.06 26.28 -9.49
N ARG F 80 -1.71 25.13 -9.40
CA ARG F 80 -2.72 24.93 -8.39
C ARG F 80 -2.10 24.96 -6.99
N ILE F 81 -0.85 24.52 -6.89
CA ILE F 81 -0.12 24.57 -5.60
C ILE F 81 0.24 26.01 -5.27
N VAL F 82 0.74 26.70 -6.27
CA VAL F 82 1.22 28.06 -6.08
C VAL F 82 0.09 28.96 -5.65
N ARG F 83 -1.09 28.81 -6.26
CA ARG F 83 -2.20 29.67 -6.01
C ARG F 83 -2.99 29.31 -4.71
N ALA F 84 -2.63 28.19 -4.05
CA ALA F 84 -3.35 27.76 -2.84
C ALA F 84 -3.22 28.66 -1.62
N THR F 85 -2.08 29.36 -1.54
CA THR F 85 -1.74 30.21 -0.40
C THR F 85 -1.08 31.46 -0.91
N ASP F 86 -0.93 32.45 -0.01
CA ASP F 86 -0.24 33.65 -0.37
C ASP F 86 1.25 33.64 -0.03
N LEU F 87 1.83 32.49 0.33
CA LEU F 87 3.24 32.38 0.65
C LEU F 87 4.06 32.32 -0.65
N PRO F 88 5.32 32.78 -0.61
CA PRO F 88 6.21 32.52 -1.71
C PRO F 88 6.34 31.01 -1.95
N VAL F 89 6.31 30.60 -3.21
CA VAL F 89 6.46 29.21 -3.58
C VAL F 89 7.56 29.10 -4.62
N THR F 90 8.53 28.23 -4.34
CA THR F 90 9.55 27.80 -5.29
C THR F 90 9.23 26.42 -5.78
N VAL F 91 9.55 26.17 -7.04
CA VAL F 91 9.16 24.92 -7.69
C VAL F 91 10.32 24.15 -8.25
N ASP F 92 10.37 22.85 -7.97
CA ASP F 92 11.38 22.02 -8.55
C ASP F 92 11.03 21.77 -10.03
N LEU F 93 11.87 22.21 -10.94
CA LEU F 93 11.68 22.08 -12.39
C LEU F 93 12.61 21.03 -13.00
N GLU F 94 13.17 20.18 -12.14
CA GLU F 94 14.05 19.09 -12.55
C GLU F 94 15.13 19.72 -13.42
N SER F 95 15.39 19.25 -14.65
CA SER F 95 16.45 19.90 -15.46
C SER F 95 15.93 20.98 -16.38
N GLY F 96 14.65 21.33 -16.25
CA GLY F 96 14.08 22.46 -16.99
C GLY F 96 13.06 22.08 -18.06
N TYR F 97 12.70 20.81 -18.17
CA TYR F 97 11.70 20.35 -19.12
C TYR F 97 12.00 20.94 -20.51
N GLY F 98 13.22 20.75 -20.98
CA GLY F 98 13.54 21.33 -22.27
C GLY F 98 14.80 20.76 -22.84
N GLU F 99 14.77 20.52 -24.13
CA GLU F 99 15.92 19.93 -24.81
C GLU F 99 17.09 20.90 -24.88
N ARG F 100 16.82 22.13 -25.31
CA ARG F 100 17.82 23.17 -25.47
C ARG F 100 17.61 24.26 -24.40
N PRO F 101 18.62 25.08 -24.16
CA PRO F 101 18.42 26.23 -23.26
C PRO F 101 17.16 27.07 -23.57
N GLU F 102 16.82 27.27 -24.86
CA GLU F 102 15.62 28.04 -25.22
C GLU F 102 14.35 27.40 -24.69
N ASP F 103 14.35 26.07 -24.61
CA ASP F 103 13.21 25.31 -24.08
C ASP F 103 13.11 25.49 -22.55
N VAL F 104 14.27 25.43 -21.90
CA VAL F 104 14.33 25.70 -20.44
C VAL F 104 13.83 27.12 -20.13
N ALA F 105 14.25 28.10 -20.93
CA ALA F 105 13.73 29.47 -20.80
C ALA F 105 12.23 29.53 -20.82
N GLU F 106 11.63 28.78 -21.74
CA GLU F 106 10.18 28.80 -21.81
C GLU F 106 9.56 28.14 -20.58
N THR F 107 10.18 27.09 -20.07
CA THR F 107 9.68 26.45 -18.85
C THR F 107 9.73 27.44 -17.69
N ILE F 108 10.81 28.18 -17.61
CA ILE F 108 10.90 29.22 -16.55
C ILE F 108 9.80 30.25 -16.71
N ALA F 109 9.58 30.69 -17.94
CA ALA F 109 8.58 31.71 -18.25
C ALA F 109 7.19 31.20 -17.86
N MET F 110 6.91 29.91 -18.12
CA MET F 110 5.67 29.28 -17.68
C MET F 110 5.55 29.29 -16.17
N SER F 111 6.65 28.99 -15.49
CA SER F 111 6.61 28.99 -14.02
C SER F 111 6.28 30.34 -13.43
N ILE F 112 6.74 31.40 -14.09
CA ILE F 112 6.51 32.77 -13.64
C ILE F 112 5.04 33.16 -13.88
N ARG F 113 4.52 32.79 -15.04
CA ARG F 113 3.09 32.98 -15.31
C ARG F 113 2.22 32.24 -14.29
N ALA F 114 2.69 31.06 -13.86
CA ALA F 114 2.01 30.28 -12.82
C ALA F 114 2.09 30.85 -11.41
N GLY F 115 2.98 31.81 -11.24
CA GLY F 115 3.11 32.54 -9.99
C GLY F 115 4.26 32.13 -9.08
N ALA F 116 5.07 31.19 -9.52
CA ALA F 116 6.24 30.76 -8.72
C ALA F 116 7.27 31.85 -8.68
N ILE F 117 8.01 31.88 -7.58
CA ILE F 117 9.02 32.94 -7.36
C ILE F 117 10.48 32.42 -7.35
N GLY F 118 10.65 31.14 -7.65
CA GLY F 118 11.96 30.57 -7.87
C GLY F 118 11.84 29.15 -8.33
N CYS F 119 12.98 28.54 -8.59
CA CYS F 119 12.99 27.16 -9.03
C CYS F 119 14.24 26.45 -8.51
N ASN F 120 14.16 25.13 -8.51
CA ASN F 120 15.32 24.31 -8.60
C ASN F 120 15.52 23.89 -10.07
N LEU F 121 16.73 24.04 -10.56
CA LEU F 121 17.12 23.62 -11.90
C LEU F 121 18.37 22.76 -11.74
N GLU F 122 18.30 21.52 -12.20
CA GLU F 122 19.36 20.53 -11.95
C GLU F 122 20.24 20.24 -13.15
N ASP F 123 21.50 19.93 -12.90
CA ASP F 123 22.50 19.78 -13.94
C ASP F 123 22.68 18.34 -14.44
N SER F 124 21.64 17.53 -14.33
CA SER F 124 21.72 16.14 -14.74
C SER F 124 20.64 15.86 -15.75
N PHE F 125 20.75 14.70 -16.42
CA PHE F 125 19.66 14.22 -17.30
C PHE F 125 18.70 13.43 -16.45
N PRO F 126 17.42 13.87 -16.38
CA PRO F 126 16.56 13.21 -15.37
C PRO F 126 16.29 11.72 -15.64
N SER F 127 16.36 11.30 -16.89
CA SER F 127 16.14 9.88 -17.26
C SER F 127 17.32 8.98 -16.93
N THR F 128 18.50 9.54 -16.74
CA THR F 128 19.67 8.72 -16.42
C THR F 128 20.39 9.07 -15.12
N GLY F 129 20.17 10.28 -14.59
CA GLY F 129 20.95 10.71 -13.42
C GLY F 129 22.37 11.18 -13.73
N GLU F 130 22.81 11.04 -14.99
CA GLU F 130 24.17 11.43 -15.38
C GLU F 130 24.28 12.95 -15.45
N LEU F 131 25.47 13.48 -15.17
CA LEU F 131 25.66 14.93 -15.19
C LEU F 131 25.79 15.47 -16.59
N ARG F 132 25.20 16.63 -16.81
CA ARG F 132 25.44 17.41 -18.02
C ARG F 132 26.83 17.98 -17.88
N ASP F 133 27.47 18.26 -19.00
CA ASP F 133 28.76 18.96 -19.00
C ASP F 133 28.57 20.35 -18.42
N VAL F 134 29.56 20.84 -17.70
CA VAL F 134 29.45 22.14 -16.97
C VAL F 134 29.01 23.29 -17.86
N ASP F 135 29.54 23.40 -19.08
CA ASP F 135 29.13 24.54 -19.94
C ASP F 135 27.69 24.44 -20.42
N GLU F 136 27.22 23.23 -20.68
CA GLU F 136 25.85 23.01 -21.09
C GLU F 136 24.91 23.36 -19.94
N ALA F 137 25.25 22.88 -18.75
CA ALA F 137 24.42 23.13 -17.58
C ALA F 137 24.36 24.63 -17.27
N ALA F 138 25.51 25.30 -17.40
CA ALA F 138 25.61 26.75 -17.19
C ALA F 138 24.77 27.52 -18.21
N ALA F 139 24.82 27.09 -19.47
CA ALA F 139 24.01 27.73 -20.50
C ALA F 139 22.50 27.65 -20.25
N ARG F 140 22.06 26.55 -19.67
CA ARG F 140 20.68 26.36 -19.29
C ARG F 140 20.30 27.32 -18.18
N ILE F 141 21.17 27.44 -17.17
CA ILE F 141 20.97 28.46 -16.11
C ILE F 141 20.94 29.90 -16.66
N ALA F 142 21.84 30.24 -17.60
CA ALA F 142 21.84 31.56 -18.16
C ALA F 142 20.55 31.86 -18.91
N ALA F 143 20.02 30.89 -19.63
CA ALA F 143 18.80 31.10 -20.38
C ALA F 143 17.60 31.31 -19.42
N ALA F 144 17.61 30.54 -18.33
CA ALA F 144 16.60 30.66 -17.28
C ALA F 144 16.65 32.06 -16.64
N ARG F 145 17.85 32.52 -16.36
CA ARG F 145 18.09 33.83 -15.78
C ARG F 145 17.60 34.92 -16.72
N GLN F 146 17.97 34.82 -17.99
CA GLN F 146 17.54 35.78 -18.98
C GLN F 146 15.99 35.82 -19.12
N ALA F 147 15.34 34.67 -19.00
CA ALA F 147 13.88 34.57 -19.06
C ALA F 147 13.25 35.27 -17.88
N ALA F 148 13.81 35.05 -16.68
CA ALA F 148 13.23 35.68 -15.47
C ALA F 148 13.48 37.16 -15.52
N ASP F 149 14.66 37.55 -16.00
CA ASP F 149 14.99 38.97 -16.09
C ASP F 149 14.06 39.70 -17.05
N ARG F 150 13.80 39.09 -18.21
CA ARG F 150 12.86 39.63 -19.18
C ARG F 150 11.43 39.74 -18.63
N ALA F 151 11.00 38.78 -17.81
CA ALA F 151 9.69 38.87 -17.16
C ALA F 151 9.59 39.99 -16.11
N GLY F 152 10.72 40.57 -15.71
CA GLY F 152 10.69 41.68 -14.74
C GLY F 152 10.42 41.25 -13.30
N VAL F 153 10.78 40.00 -12.96
CA VAL F 153 10.47 39.47 -11.62
C VAL F 153 11.72 39.17 -10.81
N ASP F 154 11.60 39.22 -9.49
CA ASP F 154 12.68 38.80 -8.58
C ASP F 154 12.45 37.30 -8.37
N TYR F 155 13.31 36.50 -8.99
CA TYR F 155 13.12 35.06 -9.13
C TYR F 155 14.41 34.35 -8.80
N PHE F 156 14.31 33.39 -7.88
CA PHE F 156 15.46 32.73 -7.27
C PHE F 156 15.77 31.40 -7.97
N ILE F 157 16.89 31.35 -8.68
CA ILE F 157 17.27 30.14 -9.36
C ILE F 157 18.26 29.42 -8.46
N ASN F 158 17.76 28.33 -7.87
CA ASN F 158 18.56 27.43 -7.04
C ASN F 158 19.14 26.38 -7.95
N ALA F 159 20.42 26.51 -8.24
CA ALA F 159 21.07 25.54 -9.11
C ALA F 159 21.41 24.27 -8.32
N ARG F 160 20.76 23.17 -8.68
CA ARG F 160 21.00 21.89 -8.10
C ARG F 160 22.12 21.23 -8.86
N THR F 161 23.17 20.82 -8.13
CA THR F 161 24.14 19.97 -8.74
C THR F 161 24.11 18.58 -8.13
N ASP F 162 24.27 17.57 -8.99
CA ASP F 162 24.17 16.22 -8.56
C ASP F 162 25.53 15.53 -8.40
N VAL F 163 26.58 16.32 -8.25
CA VAL F 163 27.94 15.75 -8.10
C VAL F 163 28.02 14.78 -6.93
N PHE F 164 27.46 15.15 -5.79
CA PHE F 164 27.37 14.26 -4.63
C PHE F 164 26.24 13.26 -4.72
N PHE F 165 25.10 13.65 -5.32
CA PHE F 165 23.91 12.80 -5.37
C PHE F 165 24.15 11.51 -6.16
N LYS F 166 24.90 11.62 -7.25
CA LYS F 166 25.17 10.50 -8.15
C LYS F 166 26.35 9.66 -7.68
N ALA F 167 27.24 10.22 -6.87
CA ALA F 167 28.46 9.51 -6.46
C ALA F 167 28.18 8.66 -5.22
N ALA F 168 28.70 7.44 -5.21
CA ALA F 168 28.58 6.59 -4.01
C ALA F 168 29.20 7.30 -2.80
N THR F 169 28.54 7.14 -1.66
CA THR F 169 28.96 7.75 -0.42
C THR F 169 30.46 7.58 -0.14
N GLU F 170 31.02 6.40 -0.40
CA GLU F 170 32.45 6.15 -0.14
C GLU F 170 33.40 7.09 -0.93
N THR F 171 32.90 7.72 -1.99
CA THR F 171 33.74 8.59 -2.80
C THR F 171 33.57 10.05 -2.39
N HIS F 172 32.73 10.33 -1.38
CA HIS F 172 32.47 11.75 -1.00
C HIS F 172 33.69 12.25 -0.22
N ASP F 173 34.48 13.12 -0.85
CA ASP F 173 35.71 13.62 -0.26
C ASP F 173 36.08 14.99 -0.83
N GLU F 174 37.26 15.50 -0.47
CA GLU F 174 37.70 16.85 -0.90
C GLU F 174 37.74 17.00 -2.43
N ARG F 175 38.09 15.94 -3.15
CA ARG F 175 38.06 16.00 -4.63
C ARG F 175 36.67 16.30 -5.19
N LEU F 176 35.66 15.63 -4.63
CA LEU F 176 34.28 15.84 -5.01
C LEU F 176 33.84 17.25 -4.64
N LEU F 177 34.27 17.68 -3.47
CA LEU F 177 34.02 19.02 -3.00
C LEU F 177 34.59 20.07 -3.97
N ASP F 178 35.82 19.86 -4.41
CA ASP F 178 36.42 20.80 -5.36
C ASP F 178 35.65 20.82 -6.68
N ALA F 179 35.21 19.64 -7.15
CA ALA F 179 34.45 19.54 -8.40
C ALA F 179 33.12 20.35 -8.31
N THR F 180 32.48 20.18 -7.18
CA THR F 180 31.24 20.89 -6.86
C THR F 180 31.48 22.40 -6.87
N LEU F 181 32.56 22.85 -6.24
CA LEU F 181 32.81 24.27 -6.16
C LEU F 181 33.08 24.86 -7.55
N ALA F 182 33.76 24.10 -8.40
CA ALA F 182 33.98 24.53 -9.76
C ALA F 182 32.71 24.70 -10.54
N ARG F 183 31.82 23.72 -10.46
CA ARG F 183 30.48 23.90 -11.06
C ARG F 183 29.73 25.11 -10.44
N ALA F 184 29.74 25.26 -9.12
CA ALA F 184 29.08 26.41 -8.44
C ALA F 184 29.55 27.74 -8.97
N ARG F 185 30.87 27.86 -9.17
CA ARG F 185 31.41 29.08 -9.76
C ARG F 185 30.89 29.35 -11.19
N ALA F 186 30.83 28.32 -12.02
CA ALA F 186 30.29 28.47 -13.37
C ALA F 186 28.80 28.82 -13.29
N TYR F 187 28.07 28.18 -12.36
CA TYR F 187 26.64 28.44 -12.26
C TYR F 187 26.37 29.87 -11.71
N ALA F 188 27.17 30.34 -10.76
CA ALA F 188 27.04 31.73 -10.27
C ALA F 188 27.29 32.72 -11.43
N ALA F 189 28.31 32.46 -12.22
CA ALA F 189 28.63 33.33 -13.33
C ALA F 189 27.51 33.36 -14.38
N ALA F 190 26.77 32.26 -14.50
CA ALA F 190 25.63 32.15 -15.45
C ALA F 190 24.34 32.79 -14.92
N GLY F 191 24.31 33.15 -13.64
CA GLY F 191 23.13 33.83 -13.07
C GLY F 191 22.36 33.08 -12.00
N ALA F 192 22.87 31.92 -11.57
CA ALA F 192 22.27 31.23 -10.41
C ALA F 192 22.30 32.06 -9.09
N ASP F 193 21.30 31.86 -8.25
CA ASP F 193 21.15 32.54 -6.97
C ASP F 193 21.54 31.68 -5.77
N GLY F 194 21.39 30.38 -5.92
CA GLY F 194 21.65 29.47 -4.84
C GLY F 194 22.31 28.22 -5.38
N LEU F 195 22.95 27.45 -4.51
CA LEU F 195 23.56 26.14 -4.86
C LEU F 195 22.92 25.07 -4.00
N PHE F 196 22.35 24.02 -4.62
CA PHE F 196 21.79 22.89 -3.88
C PHE F 196 22.65 21.67 -4.14
N VAL F 197 23.13 21.00 -3.08
CA VAL F 197 24.03 19.84 -3.24
C VAL F 197 23.40 18.65 -2.50
N PRO F 198 22.36 18.05 -3.06
CA PRO F 198 21.78 16.91 -2.40
C PRO F 198 22.76 15.73 -2.30
N GLY F 199 22.62 14.96 -1.25
CA GLY F 199 23.55 13.84 -1.00
C GLY F 199 24.82 14.17 -0.25
N LEU F 200 25.03 15.45 0.04
CA LEU F 200 26.16 15.91 0.91
C LEU F 200 25.70 15.89 2.36
N ARG F 201 26.39 15.10 3.18
CA ARG F 201 25.96 14.84 4.55
C ARG F 201 27.10 15.13 5.56
N SER F 202 28.32 15.09 5.07
CA SER F 202 29.47 15.16 5.99
C SER F 202 29.59 16.55 6.57
N PRO F 203 29.62 16.69 7.90
CA PRO F 203 29.79 18.03 8.46
C PRO F 203 31.06 18.71 7.99
N ALA F 204 32.17 17.98 7.89
CA ALA F 204 33.42 18.57 7.44
C ALA F 204 33.27 19.17 6.05
N LEU F 205 32.63 18.44 5.16
CA LEU F 205 32.52 18.88 3.76
C LEU F 205 31.51 20.02 3.63
N ILE F 206 30.41 19.97 4.36
CA ILE F 206 29.42 21.05 4.37
C ILE F 206 30.09 22.37 4.84
N ARG F 207 30.82 22.30 5.95
CA ARG F 207 31.56 23.49 6.41
C ARG F 207 32.52 24.05 5.37
N ALA F 208 33.27 23.18 4.69
CA ALA F 208 34.22 23.63 3.67
C ALA F 208 33.47 24.31 2.56
N LEU F 209 32.37 23.68 2.16
CA LEU F 209 31.53 24.20 1.09
C LEU F 209 30.91 25.55 1.42
N THR F 210 30.30 25.69 2.59
CA THR F 210 29.60 26.95 2.84
C THR F 210 30.60 28.13 2.96
N ALA F 211 31.79 27.88 3.50
CA ALA F 211 32.80 28.93 3.53
C ALA F 211 33.23 29.41 2.19
N ALA F 212 33.40 28.49 1.22
CA ALA F 212 33.96 28.81 -0.08
C ALA F 212 32.96 29.00 -1.20
N SER F 213 31.69 28.69 -0.96
CA SER F 213 30.70 28.79 -2.03
C SER F 213 30.43 30.21 -2.48
N PRO F 214 30.38 30.46 -3.80
CA PRO F 214 29.97 31.76 -4.30
C PRO F 214 28.47 32.05 -4.11
N LEU F 215 27.72 31.02 -3.68
CA LEU F 215 26.27 31.12 -3.53
C LEU F 215 25.77 30.53 -2.21
N PRO F 216 24.64 31.08 -1.68
CA PRO F 216 24.01 30.44 -0.50
C PRO F 216 23.73 28.96 -0.75
N VAL F 217 24.10 28.15 0.24
CA VAL F 217 24.10 26.68 0.10
C VAL F 217 22.84 26.06 0.72
N ASN F 218 22.19 25.19 -0.06
CA ASN F 218 21.07 24.34 0.33
C ASN F 218 21.58 22.92 0.49
N VAL F 219 21.35 22.34 1.65
CA VAL F 219 21.57 20.90 1.91
C VAL F 219 20.23 20.23 2.10
N MET F 220 20.21 18.92 1.92
CA MET F 220 18.98 18.13 2.09
C MET F 220 19.20 17.24 3.30
N ARG F 221 18.31 17.32 4.26
CA ARG F 221 18.33 16.42 5.42
C ARG F 221 18.01 15.00 4.99
N VAL F 222 18.61 14.03 5.65
CA VAL F 222 18.14 12.66 5.48
C VAL F 222 17.40 12.27 6.75
N ALA F 223 18.18 12.04 7.81
CA ALA F 223 17.62 11.60 9.09
C ALA F 223 16.93 12.78 9.76
N GLU F 224 16.23 12.49 10.86
CA GLU F 224 15.65 13.56 11.67
C GLU F 224 16.73 14.30 12.48
N THR F 225 17.93 13.71 12.62
CA THR F 225 19.11 14.40 13.13
C THR F 225 20.21 14.43 12.05
N PRO F 226 20.99 15.52 11.97
CA PRO F 226 21.05 16.68 12.88
C PRO F 226 19.76 17.53 12.89
N THR F 227 19.58 18.31 13.95
CA THR F 227 18.46 19.23 14.03
C THR F 227 18.69 20.38 13.06
N LEU F 228 17.62 21.15 12.82
CA LEU F 228 17.71 22.41 12.10
C LEU F 228 18.83 23.30 12.69
N ALA F 229 18.94 23.33 14.01
CA ALA F 229 19.94 24.18 14.67
C ALA F 229 21.39 23.70 14.38
N GLU F 230 21.60 22.41 14.42
CA GLU F 230 22.92 21.87 14.07
C GLU F 230 23.38 22.16 12.64
N LEU F 231 22.45 22.01 11.69
CA LEU F 231 22.80 22.26 10.31
C LEU F 231 23.09 23.74 10.09
N ALA F 232 22.32 24.59 10.74
CA ALA F 232 22.51 26.02 10.70
C ALA F 232 23.94 26.39 11.09
N GLU F 233 24.48 25.70 12.09
CA GLU F 233 25.85 26.03 12.57
C GLU F 233 26.94 25.72 11.55
N TYR F 234 26.62 24.85 10.57
CA TYR F 234 27.57 24.52 9.50
C TYR F 234 27.61 25.60 8.43
N GLY F 235 26.70 26.57 8.52
CA GLY F 235 26.69 27.72 7.70
C GLY F 235 25.79 27.63 6.47
N VAL F 236 24.94 26.60 6.43
CA VAL F 236 23.95 26.48 5.31
C VAL F 236 22.92 27.63 5.40
N ALA F 237 22.41 28.00 4.23
CA ALA F 237 21.40 29.04 4.06
C ALA F 237 19.96 28.53 3.79
N ARG F 238 19.84 27.26 3.46
CA ARG F 238 18.56 26.67 3.09
C ARG F 238 18.61 25.18 3.37
N ILE F 239 17.57 24.66 3.99
CA ILE F 239 17.47 23.26 4.32
C ILE F 239 16.18 22.71 3.72
N SER F 240 16.34 21.64 2.99
CA SER F 240 15.20 20.94 2.41
C SER F 240 15.21 19.48 2.83
N HIS F 241 14.11 18.81 2.46
N HIS F 241 14.17 18.73 2.44
CA HIS F 241 13.76 17.52 3.03
CA HIS F 241 14.04 17.35 2.94
C HIS F 241 13.26 16.52 1.95
C HIS F 241 13.49 16.36 1.91
N GLY F 242 13.48 16.77 0.65
CA GLY F 242 13.02 15.87 -0.40
C GLY F 242 11.61 15.35 -0.14
N PRO F 243 11.38 14.05 -0.39
CA PRO F 243 9.99 13.60 -0.29
C PRO F 243 9.64 13.05 1.08
N TYR F 244 10.52 13.27 2.06
CA TYR F 244 10.23 12.84 3.41
C TYR F 244 8.83 13.25 3.99
N PRO F 245 8.35 14.51 3.83
CA PRO F 245 7.05 14.87 4.40
C PRO F 245 5.91 14.07 3.75
N TYR F 246 5.93 13.99 2.41
CA TYR F 246 4.97 13.14 1.66
C TYR F 246 5.00 11.69 2.19
N LEU F 247 6.22 11.16 2.35
CA LEU F 247 6.39 9.76 2.75
C LEU F 247 5.88 9.55 4.15
N GLN F 248 6.07 10.54 5.04
CA GLN F 248 5.53 10.39 6.39
C GLN F 248 4.02 10.47 6.40
N ALA F 249 3.45 11.35 5.57
CA ALA F 249 2.02 11.44 5.47
C ALA F 249 1.46 10.09 4.97
N MET F 250 2.15 9.48 4.02
CA MET F 250 1.68 8.21 3.48
C MET F 250 1.90 7.06 4.46
N LYS F 251 2.93 7.13 5.30
CA LYS F 251 3.06 6.16 6.40
C LYS F 251 1.86 6.16 7.32
N THR F 252 1.38 7.34 7.64
CA THR F 252 0.24 7.48 8.53
C THR F 252 -0.99 6.82 7.91
N LEU F 253 -1.19 7.11 6.63
CA LEU F 253 -2.32 6.52 5.90
C LEU F 253 -2.26 5.01 5.89
N ALA F 254 -1.10 4.46 5.53
CA ALA F 254 -0.96 3.01 5.47
C ALA F 254 -1.22 2.36 6.85
N ALA F 255 -0.76 3.01 7.93
CA ALA F 255 -0.93 2.44 9.29
C ALA F 255 -2.39 2.41 9.67
N LEU F 256 -3.14 3.44 9.25
CA LEU F 256 -4.56 3.50 9.55
C LEU F 256 -5.29 2.38 8.86
N VAL F 257 -4.93 2.15 7.60
CA VAL F 257 -5.53 1.04 6.86
C VAL F 257 -5.27 -0.32 7.51
N LYS F 258 -4.04 -0.55 7.92
CA LYS F 258 -3.65 -1.83 8.53
C LYS F 258 -4.25 -2.04 9.93
N GLN F 259 -4.47 -0.96 10.68
CA GLN F 259 -5.10 -1.02 12.01
C GLN F 259 -6.57 -1.38 11.94
N GLY F 260 -7.19 -1.15 10.79
CA GLY F 260 -8.61 -1.49 10.60
C GLY F 260 -9.45 -0.23 10.69
N GLY G 10 3.52 22.43 -73.60
CA GLY G 10 3.36 23.40 -74.73
C GLY G 10 1.96 23.31 -75.30
N ASN G 11 1.29 24.44 -75.48
CA ASN G 11 -0.11 24.44 -75.92
C ASN G 11 -0.25 23.96 -77.36
N ASN G 12 0.72 24.28 -78.21
CA ASN G 12 0.60 23.74 -79.55
C ASN G 12 0.75 22.22 -79.62
N GLU G 13 1.65 21.66 -78.79
CA GLU G 13 1.74 20.20 -78.59
C GLU G 13 0.41 19.65 -78.04
N LYS G 14 -0.11 20.27 -76.99
CA LYS G 14 -1.40 19.80 -76.45
C LYS G 14 -2.52 19.85 -77.49
N GLY G 15 -2.57 20.93 -78.26
CA GLY G 15 -3.64 21.15 -79.23
C GLY G 15 -3.55 20.08 -80.31
N ALA G 16 -2.32 19.75 -80.71
CA ALA G 16 -2.09 18.69 -81.75
C ALA G 16 -2.52 17.30 -81.26
N ILE G 17 -2.18 16.98 -80.03
CA ILE G 17 -2.59 15.73 -79.42
C ILE G 17 -4.09 15.66 -79.43
N PHE G 18 -4.71 16.72 -78.93
CA PHE G 18 -6.20 16.73 -78.87
C PHE G 18 -6.86 16.54 -80.23
N ARG G 19 -6.39 17.27 -81.23
CA ARG G 19 -6.94 17.12 -82.55
C ARG G 19 -6.78 15.68 -83.07
N SER G 20 -5.60 15.08 -82.86
CA SER G 20 -5.32 13.74 -83.33
C SER G 20 -6.16 12.64 -82.68
N LEU G 21 -6.77 12.96 -81.55
CA LEU G 21 -7.58 11.98 -80.79
C LEU G 21 -8.99 11.85 -81.40
N HIS G 22 -9.35 12.75 -82.33
CA HIS G 22 -10.65 12.67 -82.99
C HIS G 22 -10.60 11.66 -84.15
N ARG G 23 -10.98 10.41 -83.86
CA ARG G 23 -10.77 9.29 -84.81
C ARG G 23 -12.09 8.53 -84.95
N ALA G 24 -12.61 8.53 -86.16
CA ALA G 24 -13.88 7.84 -86.43
C ALA G 24 -13.67 6.37 -86.12
N GLY G 25 -14.55 5.80 -85.28
CA GLY G 25 -14.42 4.44 -84.86
C GLY G 25 -13.44 4.09 -83.80
N GLN G 26 -12.62 5.07 -83.38
CA GLN G 26 -11.78 4.93 -82.21
C GLN G 26 -11.95 6.21 -81.36
N PRO G 27 -13.15 6.43 -80.86
CA PRO G 27 -13.47 7.78 -80.38
C PRO G 27 -12.80 8.22 -79.13
N LEU G 28 -12.53 9.53 -79.06
CA LEU G 28 -12.17 10.17 -77.82
C LEU G 28 -13.32 10.15 -76.83
N ALA G 29 -13.12 9.57 -75.67
CA ALA G 29 -14.16 9.56 -74.65
C ALA G 29 -13.78 10.55 -73.54
N LEU G 30 -14.63 11.54 -73.34
CA LEU G 30 -14.37 12.61 -72.33
C LEU G 30 -15.34 12.59 -71.19
N PHE G 31 -14.83 12.83 -69.96
CA PHE G 31 -15.70 12.82 -68.72
C PHE G 31 -15.55 14.19 -68.07
N ASN G 32 -16.59 15.03 -68.18
CA ASN G 32 -16.47 16.44 -67.81
C ASN G 32 -16.01 16.63 -66.38
N VAL G 33 -14.98 17.41 -66.20
CA VAL G 33 -14.50 17.75 -64.85
C VAL G 33 -14.90 19.19 -64.56
N TRP G 34 -14.78 19.57 -63.28
CA TRP G 34 -15.35 20.81 -62.81
C TRP G 34 -14.47 21.57 -61.82
N ASP G 35 -13.29 21.02 -61.53
CA ASP G 35 -12.26 21.64 -60.69
C ASP G 35 -10.93 20.93 -60.83
N ALA G 36 -9.91 21.48 -60.20
CA ALA G 36 -8.56 20.90 -60.28
C ALA G 36 -8.49 19.50 -59.71
N GLY G 37 -9.23 19.25 -58.63
CA GLY G 37 -9.20 17.97 -57.99
C GLY G 37 -9.79 16.88 -58.85
N SER G 38 -10.95 17.16 -59.46
CA SER G 38 -11.59 16.21 -60.35
C SER G 38 -10.74 16.03 -61.64
N ALA G 39 -10.12 17.10 -62.12
CA ALA G 39 -9.18 17.00 -63.26
C ALA G 39 -8.05 15.98 -62.98
N ARG G 40 -7.42 16.10 -61.83
CA ARG G 40 -6.34 15.21 -61.44
C ARG G 40 -6.82 13.77 -61.32
N VAL G 41 -7.97 13.56 -60.71
CA VAL G 41 -8.52 12.23 -60.55
C VAL G 41 -8.75 11.57 -61.91
N VAL G 42 -9.40 12.31 -62.82
CA VAL G 42 -9.69 11.78 -64.18
C VAL G 42 -8.40 11.48 -64.97
N ALA G 43 -7.41 12.33 -64.83
CA ALA G 43 -6.09 12.11 -65.44
C ALA G 43 -5.40 10.89 -64.88
N ASP G 44 -5.45 10.73 -63.57
CA ASP G 44 -4.83 9.54 -62.94
C ASP G 44 -5.55 8.28 -63.25
N ALA G 45 -6.81 8.34 -63.62
CA ALA G 45 -7.58 7.20 -64.00
C ALA G 45 -7.39 6.78 -65.46
N GLY G 46 -6.53 7.50 -66.17
CA GLY G 46 -6.08 7.12 -67.51
C GLY G 46 -6.63 7.90 -68.64
N ALA G 47 -7.36 8.99 -68.36
CA ALA G 47 -7.81 9.83 -69.47
C ALA G 47 -6.64 10.38 -70.32
N VAL G 48 -6.89 10.60 -71.62
CA VAL G 48 -5.90 11.22 -72.46
C VAL G 48 -6.16 12.69 -72.79
N ALA G 49 -7.33 13.18 -72.38
CA ALA G 49 -7.65 14.60 -72.50
C ALA G 49 -8.78 14.89 -71.50
N LEU G 50 -8.97 16.15 -71.14
CA LEU G 50 -9.99 16.57 -70.21
C LEU G 50 -10.91 17.57 -70.88
N ALA G 51 -12.17 17.57 -70.47
CA ALA G 51 -13.15 18.59 -70.88
C ALA G 51 -13.76 19.17 -69.63
N THR G 52 -14.07 20.44 -69.67
CA THR G 52 -14.93 21.01 -68.65
C THR G 52 -16.37 20.88 -69.12
N GLY G 53 -17.30 20.84 -68.18
CA GLY G 53 -18.74 20.83 -68.48
C GLY G 53 -19.33 22.05 -67.80
N SER G 54 -20.06 22.86 -68.54
CA SER G 54 -20.60 24.09 -67.92
C SER G 54 -21.61 23.80 -66.80
N TRP G 55 -22.47 22.79 -67.01
CA TRP G 55 -23.48 22.45 -65.99
C TRP G 55 -22.76 22.06 -64.68
N SER G 56 -21.73 21.22 -64.79
CA SER G 56 -21.02 20.72 -63.62
C SER G 56 -20.23 21.83 -62.91
N VAL G 57 -19.57 22.70 -63.66
CA VAL G 57 -18.82 23.76 -63.07
C VAL G 57 -19.80 24.72 -62.36
N ALA G 58 -20.90 25.03 -63.03
CA ALA G 58 -21.92 25.89 -62.41
C ALA G 58 -22.44 25.30 -61.08
N ALA G 59 -22.89 24.06 -61.17
CA ALA G 59 -23.42 23.37 -60.01
C ALA G 59 -22.40 23.31 -58.87
N ALA G 60 -21.15 23.02 -59.20
CA ALA G 60 -20.11 22.96 -58.18
C ALA G 60 -19.93 24.26 -57.44
N ASN G 61 -20.21 25.38 -58.14
CA ASN G 61 -19.95 26.69 -57.60
C ASN G 61 -21.24 27.42 -57.19
N GLY G 62 -22.34 26.68 -57.15
CA GLY G 62 -23.60 27.17 -56.58
C GLY G 62 -24.45 27.98 -57.54
N PHE G 63 -24.17 27.89 -58.84
CA PHE G 63 -24.97 28.53 -59.90
C PHE G 63 -25.84 27.57 -60.70
N VAL G 64 -26.89 28.10 -61.31
CA VAL G 64 -27.63 27.41 -62.41
C VAL G 64 -26.83 27.49 -63.73
N ASP G 65 -27.08 26.56 -64.66
CA ASP G 65 -26.41 26.54 -65.98
C ASP G 65 -26.96 27.69 -66.87
N GLY G 66 -26.36 27.88 -68.05
CA GLY G 66 -26.91 28.84 -69.03
C GLY G 66 -26.29 30.24 -68.91
N GLU G 67 -24.99 30.28 -68.67
CA GLU G 67 -24.20 31.52 -68.64
C GLU G 67 -24.65 32.46 -67.49
N GLN G 68 -25.13 31.88 -66.38
CA GLN G 68 -25.41 32.62 -65.15
C GLN G 68 -24.12 32.75 -64.33
N MET G 69 -23.25 31.75 -64.37
CA MET G 69 -21.94 31.93 -63.73
C MET G 69 -21.16 32.96 -64.53
N PRO G 70 -20.58 33.98 -63.88
CA PRO G 70 -19.80 34.94 -64.59
C PRO G 70 -18.63 34.33 -65.33
N ARG G 71 -18.37 34.87 -66.51
CA ARG G 71 -17.27 34.40 -67.36
C ARG G 71 -15.95 34.42 -66.63
N ALA G 72 -15.68 35.50 -65.90
CA ALA G 72 -14.37 35.56 -65.20
C ALA G 72 -14.15 34.44 -64.19
N LEU G 73 -15.19 34.10 -63.44
CA LEU G 73 -15.13 33.05 -62.49
C LEU G 73 -14.94 31.69 -63.22
N MET G 74 -15.65 31.49 -64.32
N MET G 74 -15.62 31.49 -64.33
CA MET G 74 -15.46 30.28 -65.17
CA MET G 74 -15.44 30.26 -65.09
C MET G 74 -14.00 30.16 -65.63
C MET G 74 -14.01 30.14 -65.69
N MET G 75 -13.42 31.27 -66.04
CA MET G 75 -12.06 31.24 -66.53
C MET G 75 -11.10 30.95 -65.41
N GLU G 76 -11.38 31.45 -64.21
CA GLU G 76 -10.53 31.12 -63.09
C GLU G 76 -10.52 29.60 -62.80
N VAL G 77 -11.70 29.01 -62.86
CA VAL G 77 -11.86 27.57 -62.72
C VAL G 77 -11.08 26.84 -63.79
N LEU G 78 -11.26 27.28 -65.03
CA LEU G 78 -10.54 26.71 -66.16
C LEU G 78 -9.03 26.73 -65.93
N GLU G 79 -8.51 27.88 -65.52
CA GLU G 79 -7.08 27.99 -65.25
C GLU G 79 -6.57 26.98 -64.24
N ARG G 80 -7.33 26.72 -63.19
CA ARG G 80 -6.93 25.75 -62.16
C ARG G 80 -6.97 24.31 -62.70
N ILE G 81 -7.97 24.05 -63.55
CA ILE G 81 -8.06 22.77 -64.25
C ILE G 81 -6.88 22.55 -65.18
N VAL G 82 -6.52 23.56 -65.99
CA VAL G 82 -5.41 23.46 -66.90
C VAL G 82 -4.08 23.21 -66.19
N ARG G 83 -3.89 23.86 -65.05
CA ARG G 83 -2.66 23.75 -64.28
C ARG G 83 -2.55 22.44 -63.55
N ALA G 84 -3.66 21.73 -63.37
CA ALA G 84 -3.68 20.52 -62.53
C ALA G 84 -2.99 19.33 -63.19
N THR G 85 -2.95 19.30 -64.52
CA THR G 85 -2.36 18.15 -65.23
C THR G 85 -1.71 18.64 -66.51
N ASP G 86 -0.97 17.76 -67.14
CA ASP G 86 -0.35 18.09 -68.41
C ASP G 86 -1.17 17.63 -69.62
N LEU G 87 -2.42 17.23 -69.41
CA LEU G 87 -3.29 16.82 -70.48
C LEU G 87 -3.87 18.03 -71.22
N PRO G 88 -4.21 17.82 -72.51
CA PRO G 88 -4.97 18.86 -73.21
C PRO G 88 -6.35 19.04 -72.56
N VAL G 89 -6.78 20.30 -72.41
CA VAL G 89 -8.07 20.61 -71.83
C VAL G 89 -8.89 21.41 -72.85
N THR G 90 -10.13 20.95 -73.02
CA THR G 90 -11.11 21.67 -73.80
C THR G 90 -12.18 22.21 -72.87
N VAL G 91 -12.70 23.40 -73.21
CA VAL G 91 -13.61 24.14 -72.37
C VAL G 91 -15.00 24.28 -72.95
N ASP G 92 -16.02 23.95 -72.17
CA ASP G 92 -17.41 24.21 -72.60
C ASP G 92 -17.72 25.70 -72.40
N LEU G 93 -17.91 26.40 -73.48
CA LEU G 93 -18.18 27.87 -73.45
C LEU G 93 -19.62 28.16 -73.70
N GLU G 94 -20.50 27.15 -73.65
CA GLU G 94 -21.94 27.38 -73.91
C GLU G 94 -22.07 28.13 -75.21
N SER G 95 -22.85 29.20 -75.26
CA SER G 95 -22.98 29.91 -76.54
C SER G 95 -21.94 30.93 -76.81
N GLY G 96 -20.93 31.04 -75.92
CA GLY G 96 -19.82 31.92 -76.17
C GLY G 96 -19.74 33.17 -75.29
N TYR G 97 -20.66 33.32 -74.34
CA TYR G 97 -20.61 34.45 -73.40
C TYR G 97 -20.45 35.77 -74.14
N GLY G 98 -21.32 36.01 -75.13
CA GLY G 98 -21.21 37.21 -75.92
C GLY G 98 -22.45 37.54 -76.69
N GLU G 99 -22.80 38.82 -76.69
CA GLU G 99 -23.94 39.25 -77.47
C GLU G 99 -23.70 39.10 -78.98
N ARG G 100 -22.57 39.60 -79.46
CA ARG G 100 -22.27 39.64 -80.88
C ARG G 100 -21.06 38.76 -81.17
N PRO G 101 -20.79 38.47 -82.46
CA PRO G 101 -19.60 37.67 -82.78
C PRO G 101 -18.31 38.25 -82.20
N GLU G 102 -18.09 39.58 -82.21
CA GLU G 102 -16.85 40.07 -81.60
C GLU G 102 -16.75 39.79 -80.08
N ASP G 103 -17.89 39.65 -79.40
CA ASP G 103 -17.90 39.34 -77.98
C ASP G 103 -17.48 37.88 -77.80
N VAL G 104 -18.04 37.03 -78.66
CA VAL G 104 -17.62 35.59 -78.65
C VAL G 104 -16.13 35.42 -78.91
N ALA G 105 -15.60 36.22 -79.84
CA ALA G 105 -14.17 36.22 -80.10
C ALA G 105 -13.35 36.52 -78.86
N GLU G 106 -13.80 37.47 -78.02
CA GLU G 106 -13.09 37.88 -76.79
C GLU G 106 -13.13 36.66 -75.83
N THR G 107 -14.28 36.03 -75.70
CA THR G 107 -14.40 34.85 -74.85
C THR G 107 -13.42 33.73 -75.29
N ILE G 108 -13.30 33.44 -76.59
CA ILE G 108 -12.38 32.40 -77.10
C ILE G 108 -10.94 32.83 -76.81
N ALA G 109 -10.64 34.11 -77.07
CA ALA G 109 -9.27 34.60 -76.75
C ALA G 109 -8.93 34.44 -75.26
N MET G 110 -9.88 34.71 -74.39
N MET G 110 -9.89 34.70 -74.40
CA MET G 110 -9.67 34.51 -72.97
CA MET G 110 -9.71 34.54 -72.98
C MET G 110 -9.41 33.05 -72.68
C MET G 110 -9.52 33.09 -72.58
N SER G 111 -10.26 32.19 -73.24
CA SER G 111 -10.06 30.78 -73.00
C SER G 111 -8.68 30.27 -73.39
N ILE G 112 -8.08 30.82 -74.42
CA ILE G 112 -6.73 30.50 -74.88
C ILE G 112 -5.70 31.05 -73.88
N ARG G 113 -5.93 32.27 -73.44
CA ARG G 113 -5.08 32.85 -72.38
C ARG G 113 -5.10 32.01 -71.09
N ALA G 114 -6.23 31.38 -70.81
CA ALA G 114 -6.40 30.53 -69.62
C ALA G 114 -5.83 29.12 -69.81
N GLY G 115 -5.43 28.80 -71.05
CA GLY G 115 -4.74 27.60 -71.36
C GLY G 115 -5.53 26.47 -71.96
N ALA G 116 -6.75 26.74 -72.37
CA ALA G 116 -7.51 25.72 -73.11
C ALA G 116 -7.04 25.60 -74.56
N ILE G 117 -7.15 24.39 -75.08
CA ILE G 117 -6.73 24.12 -76.47
C ILE G 117 -7.94 23.81 -77.41
N GLY G 118 -9.14 24.02 -76.90
CA GLY G 118 -10.35 23.91 -77.72
C GLY G 118 -11.56 24.25 -76.91
N CYS G 119 -12.73 24.28 -77.57
CA CYS G 119 -13.95 24.64 -76.89
C CYS G 119 -15.13 23.87 -77.48
N ASN G 120 -16.21 23.80 -76.71
CA ASN G 120 -17.57 23.58 -77.27
C ASN G 120 -18.20 24.98 -77.33
N LEU G 121 -18.75 25.27 -78.52
CA LEU G 121 -19.48 26.52 -78.76
C LEU G 121 -20.84 26.14 -79.36
N GLU G 122 -21.93 26.55 -78.72
CA GLU G 122 -23.30 26.06 -79.02
C GLU G 122 -24.12 27.11 -79.72
N ASP G 123 -25.05 26.65 -80.55
CA ASP G 123 -25.83 27.51 -81.41
C ASP G 123 -27.21 27.92 -80.91
N SER G 124 -27.39 27.93 -79.62
CA SER G 124 -28.70 28.32 -79.07
C SER G 124 -28.57 29.60 -78.23
N PHE G 125 -29.73 30.17 -77.95
CA PHE G 125 -29.81 31.34 -77.07
C PHE G 125 -29.84 30.84 -75.62
N PRO G 126 -28.99 31.41 -74.76
CA PRO G 126 -28.89 30.83 -73.42
C PRO G 126 -30.17 30.91 -72.59
N SER G 127 -30.98 31.93 -72.83
CA SER G 127 -32.16 32.18 -71.99
C SER G 127 -33.35 31.28 -72.36
N THR G 128 -33.50 30.93 -73.65
CA THR G 128 -34.62 30.11 -74.13
C THR G 128 -34.30 28.70 -74.64
N GLY G 129 -33.04 28.43 -74.96
CA GLY G 129 -32.65 27.21 -75.66
C GLY G 129 -33.04 27.18 -77.12
N GLU G 130 -33.62 28.26 -77.65
CA GLU G 130 -34.02 28.27 -79.03
C GLU G 130 -32.77 28.42 -79.88
N LEU G 131 -32.87 27.91 -81.08
CA LEU G 131 -31.74 27.92 -82.01
C LEU G 131 -31.55 29.28 -82.67
N ARG G 132 -30.29 29.71 -82.75
CA ARG G 132 -29.93 30.85 -83.57
C ARG G 132 -30.03 30.48 -85.06
N ASP G 133 -30.30 31.47 -85.92
CA ASP G 133 -30.22 31.33 -87.37
C ASP G 133 -28.85 30.73 -87.72
N VAL G 134 -28.86 29.83 -88.69
CA VAL G 134 -27.64 29.14 -89.10
C VAL G 134 -26.43 30.06 -89.35
N ASP G 135 -26.63 31.19 -90.02
CA ASP G 135 -25.55 32.09 -90.34
C ASP G 135 -25.20 33.02 -89.17
N GLU G 136 -26.16 33.31 -88.30
CA GLU G 136 -25.82 33.99 -87.05
C GLU G 136 -24.89 33.09 -86.20
N ALA G 137 -25.25 31.83 -86.07
CA ALA G 137 -24.39 30.82 -85.37
C ALA G 137 -23.03 30.64 -86.03
N ALA G 138 -23.04 30.56 -87.34
CA ALA G 138 -21.80 30.49 -88.11
C ALA G 138 -20.89 31.70 -87.92
N ALA G 139 -21.45 32.91 -87.83
CA ALA G 139 -20.67 34.10 -87.68
C ALA G 139 -19.94 34.11 -86.33
N ARG G 140 -20.57 33.51 -85.33
CA ARG G 140 -19.95 33.36 -84.02
C ARG G 140 -18.77 32.38 -84.08
N ILE G 141 -18.96 31.27 -84.81
CA ILE G 141 -17.88 30.31 -85.03
C ILE G 141 -16.73 30.96 -85.79
N ALA G 142 -17.06 31.72 -86.82
CA ALA G 142 -16.02 32.37 -87.59
C ALA G 142 -15.21 33.35 -86.76
N ALA G 143 -15.85 34.09 -85.86
CA ALA G 143 -15.17 35.04 -85.03
C ALA G 143 -14.27 34.31 -84.06
N ALA G 144 -14.73 33.17 -83.55
CA ALA G 144 -13.89 32.32 -82.68
C ALA G 144 -12.66 31.79 -83.39
N ARG G 145 -12.84 31.38 -84.66
CA ARG G 145 -11.78 30.83 -85.49
C ARG G 145 -10.72 31.90 -85.74
N GLN G 146 -11.20 33.09 -86.08
CA GLN G 146 -10.31 34.23 -86.30
C GLN G 146 -9.51 34.62 -85.04
N ALA G 147 -10.15 34.61 -83.88
CA ALA G 147 -9.49 34.87 -82.62
C ALA G 147 -8.40 33.83 -82.35
N ALA G 148 -8.70 32.57 -82.55
CA ALA G 148 -7.68 31.51 -82.37
C ALA G 148 -6.52 31.62 -83.34
N ASP G 149 -6.85 31.90 -84.60
CA ASP G 149 -5.84 31.98 -85.64
C ASP G 149 -4.95 33.20 -85.32
N ARG G 150 -5.52 34.30 -84.84
CA ARG G 150 -4.75 35.48 -84.37
C ARG G 150 -3.78 35.24 -83.23
N ALA G 151 -4.20 34.37 -82.31
CA ALA G 151 -3.39 33.94 -81.18
C ALA G 151 -2.26 33.01 -81.61
N GLY G 152 -2.32 32.50 -82.83
CA GLY G 152 -1.37 31.54 -83.35
C GLY G 152 -1.36 30.21 -82.69
N VAL G 153 -2.52 29.71 -82.29
CA VAL G 153 -2.55 28.50 -81.44
C VAL G 153 -3.34 27.44 -82.19
N ASP G 154 -3.03 26.18 -81.90
CA ASP G 154 -3.77 25.03 -82.48
C ASP G 154 -5.00 24.89 -81.56
N TYR G 155 -6.19 25.27 -82.07
CA TYR G 155 -7.37 25.36 -81.15
C TYR G 155 -8.57 24.68 -81.80
N PHE G 156 -9.15 23.73 -81.11
CA PHE G 156 -10.21 22.89 -81.70
C PHE G 156 -11.57 23.45 -81.32
N ILE G 157 -12.30 23.93 -82.32
CA ILE G 157 -13.68 24.43 -82.13
C ILE G 157 -14.65 23.30 -82.43
N ASN G 158 -15.22 22.77 -81.38
CA ASN G 158 -16.24 21.75 -81.46
C ASN G 158 -17.58 22.49 -81.47
N ALA G 159 -18.18 22.56 -82.66
CA ALA G 159 -19.46 23.26 -82.82
C ALA G 159 -20.62 22.41 -82.38
N ARG G 160 -21.25 22.82 -81.28
CA ARG G 160 -22.42 22.13 -80.74
C ARG G 160 -23.65 22.67 -81.46
N THR G 161 -24.45 21.75 -82.00
CA THR G 161 -25.75 22.14 -82.55
C THR G 161 -26.82 21.54 -81.66
N ASP G 162 -27.85 22.32 -81.35
CA ASP G 162 -28.94 21.85 -80.49
C ASP G 162 -30.19 21.39 -81.26
N VAL G 163 -30.04 21.11 -82.55
CA VAL G 163 -31.19 20.68 -83.40
C VAL G 163 -31.90 19.50 -82.77
N PHE G 164 -31.15 18.48 -82.37
CA PHE G 164 -31.78 17.29 -81.70
C PHE G 164 -32.09 17.54 -80.24
N PHE G 165 -31.21 18.28 -79.57
CA PHE G 165 -31.32 18.48 -78.14
C PHE G 165 -32.63 19.22 -77.78
N LYS G 166 -33.03 20.17 -78.64
CA LYS G 166 -34.16 21.05 -78.34
C LYS G 166 -35.44 20.40 -78.84
N ALA G 167 -35.31 19.47 -79.77
CA ALA G 167 -36.45 18.80 -80.40
C ALA G 167 -36.96 17.65 -79.55
N ALA G 168 -38.28 17.60 -79.37
CA ALA G 168 -38.90 16.44 -78.74
C ALA G 168 -38.51 15.12 -79.43
N THR G 169 -38.32 14.08 -78.64
CA THR G 169 -37.79 12.84 -79.13
C THR G 169 -38.56 12.21 -80.30
N GLU G 170 -39.89 12.35 -80.31
CA GLU G 170 -40.71 11.76 -81.42
C GLU G 170 -40.38 12.35 -82.76
N THR G 171 -39.81 13.54 -82.74
CA THR G 171 -39.51 14.26 -83.95
C THR G 171 -38.10 14.00 -84.46
N HIS G 172 -37.35 13.11 -83.79
CA HIS G 172 -35.96 12.84 -84.24
C HIS G 172 -36.00 11.94 -85.45
N ASP G 173 -35.83 12.53 -86.61
CA ASP G 173 -36.01 11.84 -87.89
C ASP G 173 -35.08 12.32 -88.96
N GLU G 174 -35.24 11.78 -90.18
CA GLU G 174 -34.39 12.20 -91.28
C GLU G 174 -34.41 13.70 -91.58
N ARG G 175 -35.58 14.36 -91.42
CA ARG G 175 -35.68 15.79 -91.63
C ARG G 175 -34.79 16.55 -90.69
N LEU G 176 -34.81 16.14 -89.44
CA LEU G 176 -33.99 16.76 -88.41
C LEU G 176 -32.50 16.47 -88.69
N LEU G 177 -32.18 15.26 -89.16
CA LEU G 177 -30.80 14.95 -89.56
C LEU G 177 -30.35 15.85 -90.71
N ASP G 178 -31.20 16.04 -91.70
CA ASP G 178 -30.85 16.90 -92.81
C ASP G 178 -30.61 18.34 -92.33
N ALA G 179 -31.39 18.83 -91.38
CA ALA G 179 -31.24 20.18 -90.87
C ALA G 179 -29.90 20.31 -90.13
N THR G 180 -29.57 19.25 -89.42
CA THR G 180 -28.28 19.14 -88.71
C THR G 180 -27.12 19.17 -89.68
N LEU G 181 -27.19 18.38 -90.75
CA LEU G 181 -26.14 18.38 -91.78
C LEU G 181 -25.98 19.74 -92.46
N ALA G 182 -27.09 20.46 -92.69
CA ALA G 182 -27.02 21.81 -93.28
C ALA G 182 -26.30 22.74 -92.33
N ARG G 183 -26.59 22.65 -91.04
CA ARG G 183 -25.84 23.43 -90.08
C ARG G 183 -24.38 23.01 -90.06
N ALA G 184 -24.09 21.73 -90.10
CA ALA G 184 -22.72 21.27 -90.07
C ALA G 184 -21.91 21.83 -91.24
N ARG G 185 -22.52 21.89 -92.44
CA ARG G 185 -21.79 22.39 -93.58
C ARG G 185 -21.48 23.86 -93.43
N ALA G 186 -22.43 24.61 -92.89
CA ALA G 186 -22.20 26.03 -92.62
C ALA G 186 -21.11 26.24 -91.55
N TYR G 187 -21.18 25.43 -90.52
CA TYR G 187 -20.24 25.53 -89.41
C TYR G 187 -18.82 25.16 -89.85
N ALA G 188 -18.68 24.10 -90.64
CA ALA G 188 -17.39 23.68 -91.21
C ALA G 188 -16.81 24.82 -92.06
N ALA G 189 -17.66 25.47 -92.87
CA ALA G 189 -17.17 26.53 -93.70
C ALA G 189 -16.69 27.71 -92.92
N ALA G 190 -17.32 27.98 -91.78
CA ALA G 190 -16.96 29.05 -90.90
C ALA G 190 -15.76 28.79 -90.01
N GLY G 191 -15.27 27.56 -90.00
CA GLY G 191 -14.05 27.19 -89.30
C GLY G 191 -14.16 26.20 -88.17
N ALA G 192 -15.33 25.59 -87.95
CA ALA G 192 -15.42 24.55 -86.93
C ALA G 192 -14.54 23.34 -87.27
N ASP G 193 -14.06 22.68 -86.22
CA ASP G 193 -13.27 21.45 -86.36
C ASP G 193 -14.00 20.15 -86.06
N GLY G 194 -15.08 20.26 -85.29
CA GLY G 194 -15.87 19.12 -84.91
C GLY G 194 -17.32 19.52 -84.84
N LEU G 195 -18.18 18.54 -84.84
CA LEU G 195 -19.65 18.70 -84.73
C LEU G 195 -20.16 17.88 -83.55
N PHE G 196 -20.80 18.51 -82.57
CA PHE G 196 -21.40 17.85 -81.43
C PHE G 196 -22.92 17.96 -81.54
N VAL G 197 -23.58 16.79 -81.49
CA VAL G 197 -25.04 16.71 -81.67
C VAL G 197 -25.66 15.99 -80.45
N PRO G 198 -25.78 16.67 -79.31
CA PRO G 198 -26.39 16.09 -78.13
C PRO G 198 -27.86 15.80 -78.38
N GLY G 199 -28.37 14.79 -77.73
CA GLY G 199 -29.79 14.43 -77.93
C GLY G 199 -30.04 13.44 -79.04
N LEU G 200 -29.01 13.13 -79.82
CA LEU G 200 -29.10 12.15 -80.90
C LEU G 200 -28.69 10.76 -80.36
N ARG G 201 -29.61 9.81 -80.43
CA ARG G 201 -29.42 8.44 -79.91
C ARG G 201 -29.70 7.35 -80.92
N SER G 202 -30.43 7.66 -81.96
CA SER G 202 -30.87 6.68 -82.95
C SER G 202 -29.65 6.14 -83.70
N PRO G 203 -29.43 4.84 -83.71
CA PRO G 203 -28.34 4.33 -84.56
C PRO G 203 -28.39 4.67 -86.05
N ALA G 204 -29.57 4.56 -86.68
CA ALA G 204 -29.72 4.82 -88.12
C ALA G 204 -29.35 6.25 -88.40
N LEU G 205 -29.79 7.15 -87.52
CA LEU G 205 -29.46 8.56 -87.75
C LEU G 205 -28.01 8.88 -87.49
N ILE G 206 -27.43 8.30 -86.45
CA ILE G 206 -26.00 8.51 -86.20
C ILE G 206 -25.16 8.00 -87.34
N ARG G 207 -25.47 6.81 -87.85
CA ARG G 207 -24.73 6.29 -89.01
C ARG G 207 -24.83 7.25 -90.19
N ALA G 208 -26.02 7.77 -90.46
CA ALA G 208 -26.17 8.69 -91.56
C ALA G 208 -25.36 9.97 -91.38
N LEU G 209 -25.34 10.43 -90.14
CA LEU G 209 -24.61 11.64 -89.78
C LEU G 209 -23.11 11.44 -89.95
N THR G 210 -22.58 10.30 -89.46
CA THR G 210 -21.15 10.14 -89.56
C THR G 210 -20.72 9.90 -91.01
N ALA G 211 -21.58 9.28 -91.81
CA ALA G 211 -21.28 9.08 -93.25
C ALA G 211 -21.21 10.39 -94.02
N ALA G 212 -22.07 11.35 -93.68
CA ALA G 212 -22.25 12.58 -94.45
C ALA G 212 -21.51 13.78 -93.90
N SER G 213 -21.26 13.79 -92.59
CA SER G 213 -20.75 14.98 -91.92
C SER G 213 -19.43 15.40 -92.43
N PRO G 214 -19.26 16.76 -92.61
CA PRO G 214 -18.01 17.33 -92.99
C PRO G 214 -16.94 17.34 -91.86
N LEU G 215 -17.32 16.94 -90.64
CA LEU G 215 -16.49 17.08 -89.44
C LEU G 215 -16.60 15.84 -88.55
N PRO G 216 -15.55 15.53 -87.77
CA PRO G 216 -15.62 14.45 -86.79
C PRO G 216 -16.82 14.65 -85.88
N VAL G 217 -17.57 13.59 -85.71
CA VAL G 217 -18.83 13.69 -84.96
C VAL G 217 -18.68 13.26 -83.48
N ASN G 218 -19.28 14.09 -82.60
CA ASN G 218 -19.35 13.90 -81.15
C ASN G 218 -20.83 13.69 -80.84
N VAL G 219 -21.11 12.56 -80.16
CA VAL G 219 -22.41 12.26 -79.57
C VAL G 219 -22.28 12.19 -78.05
N MET G 220 -23.43 12.25 -77.36
CA MET G 220 -23.49 12.27 -75.89
C MET G 220 -24.15 11.00 -75.49
N ARG G 221 -23.45 10.19 -74.68
CA ARG G 221 -23.97 8.93 -74.16
C ARG G 221 -24.71 9.24 -72.89
N VAL G 222 -26.01 8.98 -72.85
CA VAL G 222 -26.80 9.36 -71.66
C VAL G 222 -27.26 8.12 -70.90
N ALA G 223 -27.74 7.13 -71.63
CA ALA G 223 -28.28 5.96 -70.99
C ALA G 223 -27.41 4.81 -71.42
N GLU G 224 -27.86 3.63 -71.02
CA GLU G 224 -27.19 2.40 -71.26
C GLU G 224 -26.94 2.17 -72.74
N THR G 225 -27.86 2.61 -73.61
CA THR G 225 -27.76 2.30 -75.05
C THR G 225 -27.88 3.56 -75.89
N PRO G 226 -27.18 3.60 -77.05
CA PRO G 226 -26.15 2.65 -77.53
C PRO G 226 -24.90 2.65 -76.63
N THR G 227 -24.16 1.56 -76.62
CA THR G 227 -22.92 1.45 -75.83
C THR G 227 -21.74 2.14 -76.54
N LEU G 228 -20.61 2.25 -75.87
CA LEU G 228 -19.43 2.89 -76.43
C LEU G 228 -18.94 2.11 -77.65
N ALA G 229 -18.95 0.79 -77.55
CA ALA G 229 -18.53 -0.04 -78.67
C ALA G 229 -19.48 0.11 -79.86
N GLU G 230 -20.79 0.20 -79.59
CA GLU G 230 -21.74 0.45 -80.64
C GLU G 230 -21.52 1.80 -81.26
N LEU G 231 -21.37 2.82 -80.42
CA LEU G 231 -21.17 4.19 -80.97
C LEU G 231 -19.93 4.25 -81.83
N ALA G 232 -18.86 3.62 -81.38
CA ALA G 232 -17.66 3.54 -82.21
C ALA G 232 -17.89 2.87 -83.56
N GLU G 233 -18.68 1.79 -83.57
CA GLU G 233 -18.96 1.08 -84.79
C GLU G 233 -19.82 1.89 -85.76
N TYR G 234 -20.56 2.88 -85.26
CA TYR G 234 -21.37 3.76 -86.11
C TYR G 234 -20.47 4.80 -86.76
N GLY G 235 -19.23 4.94 -86.30
CA GLY G 235 -18.29 5.86 -86.93
C GLY G 235 -18.12 7.20 -86.22
N VAL G 236 -18.58 7.27 -84.97
CA VAL G 236 -18.38 8.49 -84.20
C VAL G 236 -16.90 8.63 -83.80
N ALA G 237 -16.50 9.88 -83.62
CA ALA G 237 -15.13 10.26 -83.28
C ALA G 237 -14.91 10.73 -81.87
N ARG G 238 -15.97 11.04 -81.13
CA ARG G 238 -15.87 11.64 -79.81
C ARG G 238 -17.17 11.39 -79.07
N ILE G 239 -17.02 11.01 -77.82
CA ILE G 239 -18.15 10.67 -76.96
C ILE G 239 -18.08 11.46 -75.69
N SER G 240 -19.16 12.17 -75.36
CA SER G 240 -19.22 12.82 -74.04
C SER G 240 -20.39 12.36 -73.24
N HIS G 241 -20.46 12.85 -72.00
CA HIS G 241 -21.36 12.24 -70.98
C HIS G 241 -22.09 13.31 -70.19
N GLY G 242 -22.02 14.55 -70.61
CA GLY G 242 -22.69 15.66 -69.90
C GLY G 242 -22.33 15.68 -68.44
N PRO G 243 -23.31 15.98 -67.56
CA PRO G 243 -22.96 16.08 -66.15
C PRO G 243 -23.00 14.78 -65.36
N TYR G 244 -23.19 13.66 -66.06
CA TYR G 244 -23.24 12.37 -65.39
C TYR G 244 -22.07 12.10 -64.40
N PRO G 245 -20.79 12.42 -64.73
CA PRO G 245 -19.71 12.16 -63.74
C PRO G 245 -19.90 12.95 -62.42
N TYR G 246 -20.12 14.23 -62.52
CA TYR G 246 -20.45 15.07 -61.34
C TYR G 246 -21.63 14.54 -60.57
N LEU G 247 -22.70 14.16 -61.28
CA LEU G 247 -23.91 13.66 -60.60
C LEU G 247 -23.64 12.35 -59.90
N GLN G 248 -22.82 11.49 -60.47
CA GLN G 248 -22.53 10.22 -59.79
C GLN G 248 -21.71 10.47 -58.55
N ALA G 249 -20.73 11.37 -58.66
CA ALA G 249 -19.91 11.74 -57.50
C ALA G 249 -20.78 12.31 -56.37
N MET G 250 -21.75 13.13 -56.73
CA MET G 250 -22.63 13.74 -55.71
C MET G 250 -23.60 12.72 -55.16
N LYS G 251 -23.96 11.70 -55.95
CA LYS G 251 -24.79 10.60 -55.42
C LYS G 251 -24.08 9.86 -54.30
N THR G 252 -22.79 9.63 -54.46
CA THR G 252 -21.99 8.94 -53.46
C THR G 252 -21.94 9.74 -52.16
N LEU G 253 -21.72 11.04 -52.34
CA LEU G 253 -21.72 11.96 -51.21
C LEU G 253 -23.07 11.94 -50.44
N ALA G 254 -24.19 12.14 -51.14
CA ALA G 254 -25.52 12.11 -50.54
C ALA G 254 -25.75 10.77 -49.82
N ALA G 255 -25.33 9.66 -50.44
CA ALA G 255 -25.51 8.34 -49.79
C ALA G 255 -24.73 8.22 -48.48
N LEU G 256 -23.53 8.80 -48.43
CA LEU G 256 -22.77 8.79 -47.16
C LEU G 256 -23.52 9.49 -46.06
N VAL G 257 -24.13 10.61 -46.39
CA VAL G 257 -24.89 11.43 -45.43
C VAL G 257 -26.09 10.62 -44.92
N LYS G 258 -26.84 10.03 -45.83
CA LYS G 258 -28.07 9.30 -45.49
C LYS G 258 -27.79 8.04 -44.68
N GLN G 259 -26.73 7.32 -45.05
CA GLN G 259 -26.43 6.01 -44.45
C GLN G 259 -25.67 6.17 -43.15
N GLY G 260 -25.34 7.40 -42.79
CA GLY G 260 -24.54 7.70 -41.62
C GLY G 260 -23.10 7.26 -41.81
N GLY G 261 -22.55 7.38 -43.04
CA GLY G 261 -21.21 6.87 -43.34
C GLY G 261 -20.15 7.95 -43.25
N GLU H 13 -25.40 -4.67 79.02
CA GLU H 13 -26.09 -5.98 79.04
C GLU H 13 -25.16 -7.11 78.52
N LYS H 14 -24.51 -6.90 77.36
CA LYS H 14 -23.67 -7.97 76.77
C LYS H 14 -22.60 -8.46 77.76
N GLY H 15 -21.90 -7.54 78.38
CA GLY H 15 -20.86 -7.89 79.30
C GLY H 15 -21.34 -8.64 80.53
N ALA H 16 -22.47 -8.20 81.10
CA ALA H 16 -23.07 -8.82 82.27
C ALA H 16 -23.60 -10.20 81.91
N ILE H 17 -24.18 -10.33 80.70
CA ILE H 17 -24.60 -11.65 80.20
C ILE H 17 -23.38 -12.60 80.09
N PHE H 18 -22.31 -12.15 79.46
CA PHE H 18 -21.11 -12.95 79.29
C PHE H 18 -20.52 -13.40 80.63
N ARG H 19 -20.43 -12.46 81.57
CA ARG H 19 -19.89 -12.76 82.89
C ARG H 19 -20.72 -13.83 83.58
N SER H 20 -22.04 -13.71 83.48
CA SER H 20 -22.96 -14.62 84.15
C SER H 20 -22.86 -16.05 83.63
N LEU H 21 -22.38 -16.20 82.38
CA LEU H 21 -22.26 -17.52 81.74
C LEU H 21 -21.10 -18.35 82.27
N HIS H 22 -20.18 -17.73 83.00
CA HIS H 22 -19.05 -18.46 83.57
C HIS H 22 -19.45 -19.17 84.83
N ARG H 23 -20.11 -20.32 84.67
CA ARG H 23 -20.67 -21.08 85.78
C ARG H 23 -19.91 -22.39 85.93
N ALA H 24 -19.19 -22.54 87.04
CA ALA H 24 -18.51 -23.80 87.28
C ALA H 24 -19.54 -24.92 87.27
N GLY H 25 -19.23 -25.99 86.53
CA GLY H 25 -20.18 -27.11 86.37
C GLY H 25 -21.28 -26.92 85.35
N GLN H 26 -21.47 -25.70 84.84
CA GLN H 26 -22.44 -25.43 83.79
C GLN H 26 -21.74 -24.49 82.80
N PRO H 27 -20.64 -24.96 82.23
CA PRO H 27 -19.71 -24.04 81.60
C PRO H 27 -20.18 -23.49 80.25
N LEU H 28 -19.64 -22.32 79.96
CA LEU H 28 -19.79 -21.67 78.65
C LEU H 28 -18.88 -22.37 77.68
N ALA H 29 -19.42 -22.75 76.53
CA ALA H 29 -18.65 -23.44 75.52
C ALA H 29 -18.49 -22.39 74.38
N LEU H 30 -17.25 -22.12 74.02
CA LEU H 30 -16.97 -21.07 73.01
C LEU H 30 -16.26 -21.65 71.85
N PHE H 31 -16.71 -21.19 70.68
CA PHE H 31 -16.12 -21.52 69.43
C PHE H 31 -15.47 -20.22 68.93
N ASN H 32 -14.24 -20.38 68.43
CA ASN H 32 -13.49 -19.23 67.97
C ASN H 32 -13.93 -18.99 66.53
N VAL H 33 -14.46 -17.80 66.29
CA VAL H 33 -14.79 -17.31 64.95
C VAL H 33 -13.75 -16.31 64.45
N TRP H 34 -13.78 -16.01 63.16
CA TRP H 34 -12.65 -15.33 62.55
C TRP H 34 -13.06 -14.30 61.51
N ASP H 35 -14.36 -14.22 61.28
CA ASP H 35 -14.91 -13.17 60.45
C ASP H 35 -16.41 -13.03 60.73
N ALA H 36 -17.02 -12.02 60.11
CA ALA H 36 -18.42 -11.74 60.34
C ALA H 36 -19.30 -12.91 59.90
N GLY H 37 -18.91 -13.59 58.81
CA GLY H 37 -19.69 -14.72 58.29
C GLY H 37 -19.73 -15.92 59.24
N SER H 38 -18.55 -16.25 59.78
CA SER H 38 -18.41 -17.35 60.80
C SER H 38 -19.13 -16.99 62.07
N ALA H 39 -19.05 -15.70 62.46
CA ALA H 39 -19.76 -15.20 63.61
C ALA H 39 -21.26 -15.45 63.47
N ARG H 40 -21.81 -15.08 62.32
CA ARG H 40 -23.24 -15.28 62.06
C ARG H 40 -23.62 -16.77 62.07
N VAL H 41 -22.77 -17.63 61.50
CA VAL H 41 -23.05 -19.06 61.41
C VAL H 41 -23.12 -19.65 62.81
N VAL H 42 -22.12 -19.33 63.61
CA VAL H 42 -22.10 -19.80 65.01
C VAL H 42 -23.26 -19.27 65.81
N ALA H 43 -23.58 -17.98 65.68
CA ALA H 43 -24.76 -17.47 66.35
C ALA H 43 -26.03 -18.17 65.91
N ASP H 44 -26.19 -18.38 64.60
CA ASP H 44 -27.43 -19.03 64.13
C ASP H 44 -27.53 -20.48 64.57
N ALA H 45 -26.38 -21.10 64.87
CA ALA H 45 -26.33 -22.48 65.34
C ALA H 45 -26.65 -22.62 66.84
N GLY H 46 -26.96 -21.52 67.52
CA GLY H 46 -27.44 -21.55 68.92
C GLY H 46 -26.42 -21.14 69.97
N ALA H 47 -25.25 -20.66 69.56
CA ALA H 47 -24.28 -20.17 70.56
C ALA H 47 -24.86 -19.06 71.41
N VAL H 48 -24.39 -18.96 72.67
CA VAL H 48 -24.82 -17.86 73.54
C VAL H 48 -23.80 -16.71 73.69
N ALA H 49 -22.58 -16.93 73.17
CA ALA H 49 -21.57 -15.89 73.11
C ALA H 49 -20.59 -16.29 72.06
N LEU H 50 -19.73 -15.38 71.61
CA LEU H 50 -18.72 -15.66 70.63
C LEU H 50 -17.35 -15.26 71.11
N ALA H 51 -16.34 -15.98 70.65
CA ALA H 51 -14.96 -15.59 70.89
C ALA H 51 -14.26 -15.42 69.55
N THR H 52 -13.34 -14.47 69.48
CA THR H 52 -12.42 -14.47 68.39
C THR H 52 -11.17 -15.19 68.82
N GLY H 53 -10.56 -15.93 67.90
CA GLY H 53 -9.29 -16.56 68.16
C GLY H 53 -8.20 -15.99 67.28
N SER H 54 -7.05 -15.71 67.87
CA SER H 54 -5.98 -15.00 67.15
C SER H 54 -5.41 -15.82 66.01
N TRP H 55 -5.26 -17.12 66.23
CA TRP H 55 -4.65 -17.99 65.23
C TRP H 55 -5.54 -18.08 63.99
N SER H 56 -6.85 -18.30 64.22
CA SER H 56 -7.86 -18.40 63.16
C SER H 56 -7.95 -17.11 62.37
N VAL H 57 -7.97 -15.96 63.06
CA VAL H 57 -8.02 -14.69 62.37
C VAL H 57 -6.78 -14.47 61.51
N ALA H 58 -5.62 -14.79 62.06
CA ALA H 58 -4.36 -14.64 61.32
C ALA H 58 -4.40 -15.56 60.10
N ALA H 59 -4.77 -16.79 60.32
CA ALA H 59 -4.81 -17.80 59.21
C ALA H 59 -5.76 -17.37 58.08
N ALA H 60 -6.95 -16.91 58.44
CA ALA H 60 -7.94 -16.55 57.45
C ALA H 60 -7.42 -15.38 56.63
N ASN H 61 -6.67 -14.49 57.29
CA ASN H 61 -6.09 -13.32 56.64
C ASN H 61 -4.67 -13.48 56.07
N GLY H 62 -4.15 -14.69 55.99
CA GLY H 62 -2.92 -14.98 55.26
C GLY H 62 -1.62 -14.87 56.03
N PHE H 63 -1.70 -14.69 57.36
CA PHE H 63 -0.53 -14.80 58.25
C PHE H 63 -0.34 -16.25 58.70
N MET H 69 0.77 -10.39 62.90
CA MET H 69 -0.49 -9.71 62.63
C MET H 69 -0.59 -8.36 63.37
N PRO H 70 -0.85 -7.25 62.66
CA PRO H 70 -0.85 -5.96 63.36
C PRO H 70 -2.12 -5.72 64.16
N ARG H 71 -2.00 -4.99 65.27
CA ARG H 71 -3.15 -4.66 66.13
C ARG H 71 -4.32 -4.11 65.35
N ALA H 72 -4.05 -3.14 64.44
CA ALA H 72 -5.09 -2.52 63.64
C ALA H 72 -5.97 -3.50 62.84
N LEU H 73 -5.35 -4.51 62.25
CA LEU H 73 -6.11 -5.51 61.46
C LEU H 73 -7.01 -6.32 62.36
N MET H 74 -6.50 -6.69 63.53
CA MET H 74 -7.31 -7.45 64.46
C MET H 74 -8.49 -6.59 64.89
N MET H 75 -8.28 -5.29 65.14
CA MET H 75 -9.36 -4.43 65.59
C MET H 75 -10.38 -4.20 64.49
N GLU H 76 -9.93 -4.17 63.25
CA GLU H 76 -10.84 -4.01 62.13
C GLU H 76 -11.68 -5.25 62.00
N VAL H 77 -11.03 -6.42 62.06
CA VAL H 77 -11.74 -7.70 62.01
C VAL H 77 -12.70 -7.76 63.17
N LEU H 78 -12.19 -7.39 64.37
CA LEU H 78 -13.00 -7.50 65.57
C LEU H 78 -14.29 -6.68 65.47
N GLU H 79 -14.18 -5.44 64.99
CA GLU H 79 -15.35 -4.61 64.88
C GLU H 79 -16.39 -5.21 63.93
N ARG H 80 -15.94 -5.76 62.82
CA ARG H 80 -16.84 -6.40 61.90
C ARG H 80 -17.54 -7.64 62.50
N ILE H 81 -16.81 -8.41 63.33
CA ILE H 81 -17.41 -9.55 64.02
C ILE H 81 -18.42 -9.09 65.06
N VAL H 82 -18.08 -8.04 65.82
CA VAL H 82 -19.02 -7.51 66.81
C VAL H 82 -20.34 -7.06 66.19
N ARG H 83 -20.25 -6.35 65.06
CA ARG H 83 -21.47 -5.80 64.46
C ARG H 83 -22.32 -6.87 63.83
N ALA H 84 -21.74 -8.05 63.58
CA ALA H 84 -22.41 -9.11 62.84
C ALA H 84 -23.51 -9.79 63.60
N THR H 85 -23.45 -9.77 64.93
CA THR H 85 -24.53 -10.35 65.72
C THR H 85 -24.73 -9.56 67.02
N ASP H 86 -25.85 -9.84 67.70
CA ASP H 86 -26.16 -9.27 68.99
C ASP H 86 -25.57 -10.06 70.15
N LEU H 87 -24.72 -11.05 69.88
CA LEU H 87 -24.16 -11.83 70.98
C LEU H 87 -23.03 -11.09 71.63
N PRO H 88 -22.76 -11.40 72.90
CA PRO H 88 -21.51 -10.89 73.47
C PRO H 88 -20.31 -11.49 72.76
N VAL H 89 -19.28 -10.66 72.54
CA VAL H 89 -18.06 -11.09 71.89
C VAL H 89 -16.84 -10.78 72.74
N THR H 90 -16.05 -11.83 72.97
CA THR H 90 -14.76 -11.69 73.62
C THR H 90 -13.63 -11.84 72.62
N VAL H 91 -12.56 -11.09 72.82
CA VAL H 91 -11.45 -11.10 71.85
C VAL H 91 -10.12 -11.58 72.42
N ASP H 92 -9.49 -12.52 71.71
CA ASP H 92 -8.14 -12.93 72.04
C ASP H 92 -7.17 -11.82 71.68
N LEU H 93 -6.54 -11.21 72.69
CA LEU H 93 -5.54 -10.16 72.49
C LEU H 93 -4.10 -10.67 72.68
N GLU H 94 -3.92 -11.98 72.69
CA GLU H 94 -2.57 -12.57 72.88
C GLU H 94 -1.95 -11.88 74.10
N SER H 95 -0.71 -11.38 74.01
CA SER H 95 -0.02 -10.78 75.15
C SER H 95 -0.45 -9.36 75.48
N GLY H 96 -1.29 -8.78 74.62
CA GLY H 96 -1.86 -7.47 74.82
C GLY H 96 -1.43 -6.41 73.81
N TYR H 97 -0.62 -6.80 72.83
CA TYR H 97 -0.12 -5.88 71.78
C TYR H 97 0.43 -4.60 72.39
N GLY H 98 1.36 -4.73 73.32
CA GLY H 98 1.86 -3.53 73.99
C GLY H 98 3.10 -3.80 74.79
N GLU H 99 4.11 -2.98 74.57
CA GLU H 99 5.40 -3.10 75.25
C GLU H 99 5.25 -2.97 76.77
N ARG H 100 4.56 -1.92 77.23
CA ARG H 100 4.46 -1.70 78.68
C ARG H 100 2.99 -1.72 79.11
N PRO H 101 2.73 -1.74 80.43
CA PRO H 101 1.31 -1.80 80.80
C PRO H 101 0.45 -0.73 80.13
N GLU H 102 0.99 0.49 79.96
CA GLU H 102 0.28 1.61 79.35
C GLU H 102 -0.20 1.24 77.96
N ASP H 103 0.62 0.50 77.24
CA ASP H 103 0.30 0.08 75.88
C ASP H 103 -0.81 -0.97 75.88
N VAL H 104 -0.73 -1.93 76.81
CA VAL H 104 -1.80 -2.90 77.01
C VAL H 104 -3.14 -2.21 77.29
N ALA H 105 -3.14 -1.22 78.19
CA ALA H 105 -4.33 -0.42 78.42
C ALA H 105 -4.94 0.17 77.13
N GLU H 106 -4.09 0.67 76.25
CA GLU H 106 -4.56 1.21 74.97
C GLU H 106 -5.18 0.11 74.09
N THR H 107 -4.59 -1.08 74.08
CA THR H 107 -5.16 -2.20 73.32
C THR H 107 -6.54 -2.53 73.84
N ILE H 108 -6.68 -2.57 75.16
CA ILE H 108 -8.00 -2.84 75.78
C ILE H 108 -9.01 -1.78 75.38
N ALA H 109 -8.58 -0.51 75.44
CA ALA H 109 -9.47 0.57 75.07
C ALA H 109 -9.94 0.47 73.64
N MET H 110 -9.04 0.12 72.73
CA MET H 110 -9.41 -0.12 71.33
C MET H 110 -10.44 -1.23 71.19
N SER H 111 -10.23 -2.32 71.92
CA SER H 111 -11.18 -3.43 71.87
C SER H 111 -12.55 -3.04 72.36
N ILE H 112 -12.63 -2.15 73.35
CA ILE H 112 -13.89 -1.69 73.88
C ILE H 112 -14.54 -0.76 72.82
N ARG H 113 -13.73 0.12 72.23
CA ARG H 113 -14.29 0.95 71.13
C ARG H 113 -14.84 0.04 70.02
N ALA H 114 -14.19 -1.11 69.79
CA ALA H 114 -14.62 -2.05 68.77
C ALA H 114 -15.90 -2.81 69.15
N GLY H 115 -16.26 -2.80 70.43
CA GLY H 115 -17.48 -3.40 70.96
C GLY H 115 -17.33 -4.77 71.66
N ALA H 116 -16.09 -5.18 71.88
CA ALA H 116 -15.77 -6.40 72.63
C ALA H 116 -16.11 -6.15 74.10
N ILE H 117 -16.55 -7.21 74.78
CA ILE H 117 -16.94 -7.14 76.18
C ILE H 117 -16.05 -8.02 77.08
N GLY H 118 -14.99 -8.54 76.50
CA GLY H 118 -13.98 -9.23 77.25
C GLY H 118 -12.79 -9.58 76.40
N CYS H 119 -11.78 -10.18 77.01
CA CYS H 119 -10.59 -10.57 76.30
C CYS H 119 -9.91 -11.76 76.92
N ASN H 120 -9.04 -12.39 76.13
CA ASN H 120 -7.98 -13.21 76.69
C ASN H 120 -6.71 -12.39 76.66
N LEU H 121 -5.94 -12.39 77.76
CA LEU H 121 -4.70 -11.67 77.89
C LEU H 121 -3.68 -12.63 78.51
N GLU H 122 -2.60 -12.91 77.77
CA GLU H 122 -1.59 -13.91 78.09
C GLU H 122 -0.35 -13.35 78.75
N ASP H 123 0.26 -14.16 79.61
CA ASP H 123 1.37 -13.73 80.49
C ASP H 123 2.76 -14.03 79.98
N SER H 124 2.87 -14.26 78.68
CA SER H 124 4.15 -14.66 78.06
C SER H 124 4.64 -13.55 77.11
N PHE H 125 5.96 -13.49 76.93
CA PHE H 125 6.53 -12.59 75.92
C PHE H 125 6.20 -13.17 74.56
N PRO H 126 5.66 -12.36 73.65
CA PRO H 126 5.12 -12.87 72.40
C PRO H 126 6.17 -13.38 71.42
N SER H 127 7.34 -12.76 71.39
CA SER H 127 8.39 -13.20 70.45
C SER H 127 9.16 -14.43 70.93
N THR H 128 9.12 -14.74 72.23
CA THR H 128 9.89 -15.87 72.80
C THR H 128 9.09 -17.01 73.43
N GLY H 129 7.86 -16.73 73.85
CA GLY H 129 7.07 -17.69 74.62
C GLY H 129 7.45 -17.82 76.11
N GLU H 130 8.42 -17.05 76.58
CA GLU H 130 8.82 -17.13 77.99
C GLU H 130 7.79 -16.42 78.88
N LEU H 131 7.61 -16.90 80.11
CA LEU H 131 6.69 -16.24 81.04
C LEU H 131 7.33 -14.98 81.58
N ARG H 132 6.51 -13.96 81.72
CA ARG H 132 6.88 -12.78 82.45
C ARG H 132 6.90 -13.13 83.93
N ASP H 133 7.73 -12.44 84.71
N ASP H 133 7.73 -12.44 84.70
CA ASP H 133 7.68 -12.62 86.16
CA ASP H 133 7.69 -12.54 86.15
C ASP H 133 6.29 -12.19 86.63
C ASP H 133 6.26 -12.21 86.60
N VAL H 134 5.85 -12.79 87.74
CA VAL H 134 4.45 -12.69 88.18
C VAL H 134 3.99 -11.27 88.36
N ASP H 135 4.88 -10.41 88.86
CA ASP H 135 4.51 -9.04 89.17
C ASP H 135 4.33 -8.23 87.86
N GLU H 136 5.13 -8.52 86.83
CA GLU H 136 5.02 -7.84 85.53
C GLU H 136 3.75 -8.28 84.75
N ALA H 137 3.46 -9.59 84.78
CA ALA H 137 2.22 -10.12 84.23
C ALA H 137 1.00 -9.56 84.94
N ALA H 138 1.05 -9.48 86.26
CA ALA H 138 -0.05 -8.88 87.02
C ALA H 138 -0.23 -7.39 86.70
N ALA H 139 0.89 -6.67 86.51
CA ALA H 139 0.79 -5.23 86.23
C ALA H 139 0.07 -4.96 84.91
N ARG H 140 0.26 -5.86 83.95
CA ARG H 140 -0.41 -5.73 82.66
C ARG H 140 -1.91 -6.02 82.75
N ILE H 141 -2.27 -7.03 83.52
CA ILE H 141 -3.66 -7.25 83.90
C ILE H 141 -4.25 -6.03 84.60
N ALA H 142 -3.53 -5.48 85.59
CA ALA H 142 -4.04 -4.30 86.28
C ALA H 142 -4.31 -3.16 85.33
N ALA H 143 -3.38 -2.92 84.41
CA ALA H 143 -3.56 -1.85 83.42
C ALA H 143 -4.78 -2.09 82.52
N ALA H 144 -5.00 -3.35 82.14
CA ALA H 144 -6.18 -3.72 81.39
C ALA H 144 -7.46 -3.50 82.19
N ARG H 145 -7.49 -3.96 83.43
CA ARG H 145 -8.65 -3.73 84.31
C ARG H 145 -8.97 -2.24 84.44
N GLN H 146 -7.93 -1.46 84.69
CA GLN H 146 -8.11 -0.02 84.89
C GLN H 146 -8.61 0.65 83.63
N ALA H 147 -8.10 0.23 82.47
CA ALA H 147 -8.55 0.75 81.20
C ALA H 147 -10.05 0.46 80.99
N ALA H 148 -10.49 -0.75 81.35
CA ALA H 148 -11.91 -1.11 81.29
C ALA H 148 -12.75 -0.35 82.29
N ASP H 149 -12.21 -0.16 83.50
CA ASP H 149 -12.93 0.53 84.58
C ASP H 149 -13.09 2.00 84.16
N ARG H 150 -11.99 2.57 83.66
CA ARG H 150 -11.98 3.96 83.14
C ARG H 150 -13.00 4.16 82.04
N ALA H 151 -13.25 3.14 81.22
CA ALA H 151 -14.25 3.23 80.16
C ALA H 151 -15.70 3.00 80.61
N GLY H 152 -15.88 2.55 81.84
CA GLY H 152 -17.18 2.36 82.44
C GLY H 152 -17.94 1.14 81.96
N VAL H 153 -17.22 0.09 81.55
CA VAL H 153 -17.86 -1.10 80.94
C VAL H 153 -17.64 -2.39 81.76
N ASP H 154 -18.64 -3.26 81.74
CA ASP H 154 -18.55 -4.58 82.35
C ASP H 154 -17.74 -5.43 81.34
N TYR H 155 -16.46 -5.68 81.65
CA TYR H 155 -15.52 -6.27 80.69
C TYR H 155 -14.81 -7.43 81.37
N PHE H 156 -14.82 -8.57 80.73
CA PHE H 156 -14.32 -9.81 81.34
C PHE H 156 -12.90 -10.09 80.90
N ILE H 157 -11.97 -10.04 81.83
CA ILE H 157 -10.58 -10.29 81.54
C ILE H 157 -10.26 -11.71 81.91
N ASN H 158 -10.07 -12.54 80.87
CA ASN H 158 -9.72 -13.93 81.03
C ASN H 158 -8.21 -14.00 81.00
N ALA H 159 -7.59 -14.16 82.17
CA ALA H 159 -6.15 -14.18 82.23
C ALA H 159 -5.62 -15.55 81.81
N ARG H 160 -4.88 -15.60 80.70
CA ARG H 160 -4.26 -16.80 80.24
C ARG H 160 -2.88 -16.89 80.85
N THR H 161 -2.60 -18.01 81.47
CA THR H 161 -1.26 -18.31 81.93
C THR H 161 -0.69 -19.47 81.13
N ASP H 162 0.58 -19.32 80.78
CA ASP H 162 1.21 -20.29 79.91
C ASP H 162 2.06 -21.30 80.67
N VAL H 163 1.85 -21.42 81.98
CA VAL H 163 2.66 -22.34 82.81
C VAL H 163 2.66 -23.75 82.27
N PHE H 164 1.49 -24.28 81.93
CA PHE H 164 1.41 -25.62 81.38
C PHE H 164 1.67 -25.62 79.87
N PHE H 165 1.35 -24.52 79.23
CA PHE H 165 1.57 -24.38 77.81
C PHE H 165 3.07 -24.43 77.51
N LYS H 166 3.89 -23.71 78.27
CA LYS H 166 5.33 -23.57 77.99
C LYS H 166 6.18 -24.70 78.56
N ALA H 167 5.76 -25.25 79.71
CA ALA H 167 6.58 -26.22 80.43
C ALA H 167 6.47 -27.62 79.84
N ALA H 168 7.57 -28.37 79.99
CA ALA H 168 7.63 -29.77 79.57
C ALA H 168 6.58 -30.59 80.31
N THR H 169 5.91 -31.46 79.56
CA THR H 169 4.86 -32.33 80.07
C THR H 169 5.24 -33.01 81.37
N GLU H 170 6.48 -33.49 81.45
CA GLU H 170 6.98 -34.20 82.62
C GLU H 170 7.15 -33.35 83.89
N THR H 171 7.08 -32.03 83.75
CA THR H 171 7.08 -31.17 84.93
C THR H 171 5.64 -30.87 85.35
N HIS H 172 4.65 -31.28 84.53
CA HIS H 172 3.18 -31.05 84.82
C HIS H 172 2.73 -31.83 86.05
N ASP H 173 2.91 -31.21 87.20
CA ASP H 173 2.66 -31.83 88.49
C ASP H 173 2.06 -30.83 89.46
N GLU H 174 1.92 -31.27 90.71
CA GLU H 174 1.46 -30.43 91.79
C GLU H 174 2.29 -29.14 91.89
N ARG H 175 3.59 -29.22 91.57
CA ARG H 175 4.43 -28.01 91.56
C ARG H 175 4.04 -27.03 90.46
N LEU H 176 3.83 -27.51 89.24
CA LEU H 176 3.32 -26.66 88.19
C LEU H 176 1.93 -26.12 88.50
N LEU H 177 1.09 -26.94 89.14
CA LEU H 177 -0.23 -26.44 89.59
C LEU H 177 -0.05 -25.39 90.67
N ASP H 178 0.90 -25.64 91.58
CA ASP H 178 1.19 -24.68 92.60
C ASP H 178 1.56 -23.32 92.01
N ALA H 179 2.39 -23.35 90.98
CA ALA H 179 2.82 -22.15 90.26
C ALA H 179 1.63 -21.46 89.61
N THR H 180 0.86 -22.26 88.89
CA THR H 180 -0.38 -21.79 88.24
C THR H 180 -1.28 -21.09 89.28
N LEU H 181 -1.48 -21.72 90.45
CA LEU H 181 -2.38 -21.15 91.41
C LEU H 181 -1.84 -19.87 92.03
N ALA H 182 -0.54 -19.82 92.31
CA ALA H 182 0.03 -18.58 92.86
C ALA H 182 -0.10 -17.44 91.84
N ARG H 183 0.11 -17.74 90.56
CA ARG H 183 -0.12 -16.70 89.50
C ARG H 183 -1.60 -16.29 89.41
N ALA H 184 -2.50 -17.27 89.51
CA ALA H 184 -3.91 -16.99 89.47
C ALA H 184 -4.32 -16.04 90.57
N ARG H 185 -3.78 -16.24 91.78
CA ARG H 185 -4.15 -15.39 92.86
C ARG H 185 -3.65 -13.96 92.66
N ALA H 186 -2.43 -13.82 92.17
CA ALA H 186 -1.83 -12.50 91.83
C ALA H 186 -2.65 -11.85 90.73
N TYR H 187 -3.08 -12.67 89.78
CA TYR H 187 -3.88 -12.13 88.68
C TYR H 187 -5.29 -11.69 89.10
N ALA H 188 -5.97 -12.49 89.90
CA ALA H 188 -7.20 -12.12 90.53
C ALA H 188 -7.04 -10.79 91.32
N ALA H 189 -5.98 -10.66 92.11
CA ALA H 189 -5.79 -9.41 92.89
C ALA H 189 -5.61 -8.21 91.98
N ALA H 190 -5.01 -8.44 90.81
CA ALA H 190 -4.82 -7.42 89.78
C ALA H 190 -6.06 -7.03 88.98
N GLY H 191 -7.14 -7.81 89.05
CA GLY H 191 -8.39 -7.49 88.35
C GLY H 191 -8.86 -8.53 87.32
N ALA H 192 -8.18 -9.66 87.24
CA ALA H 192 -8.65 -10.71 86.36
C ALA H 192 -9.99 -11.29 86.80
N ASP H 193 -10.78 -11.68 85.83
CA ASP H 193 -12.08 -12.27 86.04
C ASP H 193 -12.15 -13.78 85.83
N GLY H 194 -11.28 -14.31 84.99
CA GLY H 194 -11.19 -15.75 84.69
C GLY H 194 -9.75 -16.18 84.53
N LEU H 195 -9.51 -17.49 84.64
CA LEU H 195 -8.22 -18.08 84.48
C LEU H 195 -8.25 -19.12 83.37
N PHE H 196 -7.41 -18.94 82.36
CA PHE H 196 -7.26 -19.90 81.24
C PHE H 196 -5.92 -20.56 81.29
N VAL H 197 -5.95 -21.89 81.30
CA VAL H 197 -4.77 -22.71 81.49
C VAL H 197 -4.64 -23.67 80.30
N PRO H 198 -4.22 -23.14 79.13
CA PRO H 198 -4.02 -24.06 78.02
C PRO H 198 -2.87 -25.02 78.28
N GLY H 199 -3.01 -26.21 77.74
CA GLY H 199 -1.96 -27.22 77.87
C GLY H 199 -2.23 -28.12 79.05
N LEU H 200 -3.33 -27.86 79.75
CA LEU H 200 -3.71 -28.67 80.93
C LEU H 200 -4.76 -29.65 80.48
N ARG H 201 -4.38 -30.91 80.57
CA ARG H 201 -5.20 -32.01 80.09
C ARG H 201 -5.50 -33.03 81.18
N SER H 202 -4.63 -33.17 82.16
CA SER H 202 -4.82 -34.25 83.15
C SER H 202 -6.09 -34.06 83.99
N PRO H 203 -7.01 -35.04 83.94
CA PRO H 203 -8.24 -34.89 84.73
C PRO H 203 -7.97 -34.62 86.21
N ALA H 204 -6.99 -35.28 86.82
CA ALA H 204 -6.68 -35.07 88.25
C ALA H 204 -6.22 -33.62 88.51
N LEU H 205 -5.39 -33.09 87.60
CA LEU H 205 -4.93 -31.71 87.79
C LEU H 205 -6.02 -30.68 87.49
N ILE H 206 -6.89 -30.96 86.53
CA ILE H 206 -7.97 -30.02 86.23
C ILE H 206 -8.90 -29.97 87.46
N ARG H 207 -9.21 -31.12 88.03
N ARG H 207 -9.22 -31.13 88.03
CA ARG H 207 -10.04 -31.16 89.24
CA ARG H 207 -10.05 -31.17 89.24
C ARG H 207 -9.41 -30.41 90.40
C ARG H 207 -9.41 -30.41 90.40
N ALA H 208 -8.11 -30.62 90.60
CA ALA H 208 -7.39 -29.94 91.65
C ALA H 208 -7.43 -28.44 91.40
N LEU H 209 -7.19 -28.06 90.14
CA LEU H 209 -7.23 -26.62 89.78
C LEU H 209 -8.57 -25.95 90.02
N THR H 210 -9.64 -26.57 89.61
CA THR H 210 -10.92 -25.92 89.74
C THR H 210 -11.35 -25.83 91.21
N ALA H 211 -10.97 -26.81 92.00
CA ALA H 211 -11.33 -26.76 93.41
C ALA H 211 -10.67 -25.59 94.14
N ALA H 212 -9.40 -25.29 93.78
CA ALA H 212 -8.60 -24.28 94.46
C ALA H 212 -8.49 -22.94 93.77
N SER H 213 -8.99 -22.85 92.53
CA SER H 213 -8.80 -21.60 91.79
C SER H 213 -9.60 -20.43 92.39
N PRO H 214 -9.01 -19.23 92.42
CA PRO H 214 -9.70 -18.03 92.86
C PRO H 214 -10.65 -17.46 91.79
N LEU H 215 -10.60 -18.06 90.61
CA LEU H 215 -11.36 -17.56 89.46
C LEU H 215 -11.98 -18.69 88.62
N PRO H 216 -13.08 -18.41 87.94
CA PRO H 216 -13.67 -19.43 87.05
C PRO H 216 -12.65 -19.91 86.03
N VAL H 217 -12.57 -21.23 85.86
CA VAL H 217 -11.51 -21.85 85.04
C VAL H 217 -11.95 -22.21 83.65
N ASN H 218 -11.10 -21.84 82.70
CA ASN H 218 -11.25 -22.13 81.23
C ASN H 218 -10.21 -23.17 80.89
N VAL H 219 -10.66 -24.30 80.35
CA VAL H 219 -9.76 -25.29 79.76
C VAL H 219 -10.00 -25.32 78.25
N MET H 220 -9.03 -25.85 77.51
CA MET H 220 -9.14 -25.91 76.04
C MET H 220 -9.23 -27.37 75.66
N ARG H 221 -10.25 -27.74 74.91
CA ARG H 221 -10.40 -29.12 74.42
C ARG H 221 -9.40 -29.39 73.37
N VAL H 222 -8.72 -30.54 73.46
CA VAL H 222 -7.78 -30.97 72.45
C VAL H 222 -8.54 -31.90 71.49
N ALA H 223 -8.88 -33.08 71.99
CA ALA H 223 -9.67 -34.05 71.21
C ALA H 223 -11.18 -33.79 71.37
N GLU H 224 -12.00 -34.59 70.68
CA GLU H 224 -13.47 -34.56 70.89
C GLU H 224 -13.89 -35.32 72.15
N THR H 225 -12.95 -36.10 72.72
CA THR H 225 -13.10 -36.72 74.02
C THR H 225 -12.09 -36.02 74.95
N PRO H 226 -12.53 -35.58 76.17
CA PRO H 226 -13.85 -35.77 76.77
C PRO H 226 -14.94 -34.85 76.28
N THR H 227 -16.17 -35.27 76.54
CA THR H 227 -17.34 -34.51 76.14
C THR H 227 -17.43 -33.22 76.94
N LEU H 228 -18.21 -32.26 76.43
CA LEU H 228 -18.56 -31.08 77.21
C LEU H 228 -19.12 -31.48 78.57
N ALA H 229 -19.92 -32.53 78.62
CA ALA H 229 -20.47 -33.02 79.90
C ALA H 229 -19.40 -33.48 80.91
N GLU H 230 -18.40 -34.22 80.43
CA GLU H 230 -17.36 -34.72 81.32
C GLU H 230 -16.52 -33.57 81.87
N LEU H 231 -16.17 -32.61 81.00
CA LEU H 231 -15.39 -31.47 81.47
C LEU H 231 -16.17 -30.69 82.54
N ALA H 232 -17.47 -30.53 82.31
CA ALA H 232 -18.31 -29.81 83.26
C ALA H 232 -18.25 -30.45 84.63
N GLU H 233 -18.22 -31.77 84.63
CA GLU H 233 -18.19 -32.56 85.87
C GLU H 233 -16.88 -32.30 86.66
N TYR H 234 -15.81 -31.90 85.96
CA TYR H 234 -14.54 -31.51 86.60
C TYR H 234 -14.58 -30.13 87.25
N GLY H 235 -15.66 -29.40 87.08
CA GLY H 235 -15.85 -28.13 87.75
C GLY H 235 -15.38 -26.90 86.96
N VAL H 236 -15.14 -27.11 85.68
CA VAL H 236 -14.66 -26.00 84.82
C VAL H 236 -15.83 -25.09 84.52
N ALA H 237 -15.55 -23.81 84.27
CA ALA H 237 -16.55 -22.80 83.99
C ALA H 237 -16.66 -22.37 82.51
N ARG H 238 -15.63 -22.72 81.74
CA ARG H 238 -15.52 -22.22 80.37
C ARG H 238 -14.68 -23.21 79.58
N ILE H 239 -15.13 -23.53 78.34
CA ILE H 239 -14.48 -24.51 77.52
C ILE H 239 -14.28 -23.90 76.15
N SER H 240 -13.05 -23.87 75.74
CA SER H 240 -12.71 -23.32 74.40
C SER H 240 -12.05 -24.40 73.57
N HIS H 241 -11.83 -24.11 72.28
N HIS H 241 -11.78 -24.15 72.29
CA HIS H 241 -11.45 -25.13 71.33
CA HIS H 241 -11.23 -25.21 71.42
C HIS H 241 -10.31 -24.67 70.36
C HIS H 241 -10.20 -24.70 70.40
N GLY H 242 -9.67 -23.51 70.64
CA GLY H 242 -8.55 -23.02 69.83
C GLY H 242 -9.02 -22.89 68.38
N PRO H 243 -8.14 -23.20 67.43
CA PRO H 243 -8.51 -23.08 66.01
C PRO H 243 -9.22 -24.29 65.41
N TYR H 244 -9.63 -25.23 66.24
CA TYR H 244 -10.26 -26.40 65.72
C TYR H 244 -11.46 -26.13 64.80
N PRO H 245 -12.34 -25.18 65.13
CA PRO H 245 -13.49 -24.94 64.25
C PRO H 245 -13.05 -24.48 62.84
N TYR H 246 -12.11 -23.55 62.80
CA TYR H 246 -11.56 -23.04 61.51
C TYR H 246 -10.93 -24.17 60.73
N LEU H 247 -10.15 -25.02 61.43
CA LEU H 247 -9.43 -26.11 60.78
C LEU H 247 -10.40 -27.13 60.20
N GLN H 248 -11.51 -27.38 60.89
CA GLN H 248 -12.52 -28.30 60.38
C GLN H 248 -13.23 -27.76 59.14
N ALA H 249 -13.50 -26.47 59.15
CA ALA H 249 -14.14 -25.81 58.00
C ALA H 249 -13.19 -25.87 56.81
N MET H 250 -11.88 -25.64 57.04
CA MET H 250 -10.92 -25.72 55.94
C MET H 250 -10.69 -27.16 55.44
N LYS H 251 -10.83 -28.14 56.33
CA LYS H 251 -10.79 -29.55 55.92
C LYS H 251 -11.88 -29.88 54.93
N THR H 252 -13.07 -29.36 55.20
CA THR H 252 -14.21 -29.60 54.30
C THR H 252 -13.95 -28.96 52.95
N LEU H 253 -13.42 -27.74 53.00
CA LEU H 253 -13.12 -26.99 51.76
C LEU H 253 -12.08 -27.76 50.90
N ALA H 254 -11.02 -28.24 51.55
CA ALA H 254 -10.00 -28.97 50.84
C ALA H 254 -10.59 -30.23 50.20
N ALA H 255 -11.43 -30.92 50.98
CA ALA H 255 -12.00 -32.20 50.49
C ALA H 255 -12.87 -31.96 49.26
N LEU H 256 -13.58 -30.83 49.24
CA LEU H 256 -14.48 -30.49 48.14
C LEU H 256 -13.74 -30.33 46.87
N VAL H 257 -12.62 -29.61 47.00
CA VAL H 257 -11.78 -29.32 45.85
C VAL H 257 -11.23 -30.66 45.32
N LYS H 258 -10.73 -31.53 46.20
CA LYS H 258 -10.13 -32.80 45.78
C LYS H 258 -11.17 -33.71 45.10
N GLN H 259 -12.42 -33.69 45.56
CA GLN H 259 -13.50 -34.46 44.93
C GLN H 259 -13.90 -33.91 43.58
N GLY H 260 -13.69 -32.62 43.36
CA GLY H 260 -13.99 -31.96 42.10
C GLY H 260 -15.43 -31.48 42.02
#